data_2R2N
#
_entry.id   2R2N
#
_cell.length_a   70.843
_cell.length_b   109.360
_cell.length_c   119.354
_cell.angle_alpha   90.00
_cell.angle_beta   94.68
_cell.angle_gamma   90.00
#
_symmetry.space_group_name_H-M   'P 1 21 1'
#
loop_
_entity.id
_entity.type
_entity.pdbx_description
1 polymer 'Kynurenine/alpha-aminoadipate aminotransferase mitochondrial'
2 non-polymer "4'-DEOXY-4'-AMINOPYRIDOXAL-5'-PHOSPHATE"
3 non-polymer '(2S)-2-amino-4-(2-aminophenyl)-4-oxobutanoic acid'
4 non-polymer GLYCEROL
5 water water
#
_entity_poly.entity_id   1
_entity_poly.type   'polypeptide(L)'
_entity_poly.pdbx_seq_one_letter_code
;MNYARFITAASAARNPSPIRTMTDILSRGPKSMISLAGGLPNPNMFPFKTAVITVENGKTIQFGEEMMKRALQYSPSAGI
PELLSWLKQLQIKLHNPPTIHYPPSQGQMDLCVTSGSQQGLCKVFEMIINPGDNVLLDEPAYSGTLQSLHPLGCNIINVA
SDESGIVPDSLRDILSRWKPEDAKNPQKNTPKFLYTVPNGNNPTGNSLTSERKKEIYELARKYDFLIIEDDPYYFLQFNK
FRVPTFLSMDVDGRVIRADSFSKIISSGLRIGFLTGPKPLIERVILHIQVSTLHPSTFNQLMISQLLHEWGEEGFMAHVD
RVIDFYSNQKDAILAAADKWLTGLAEWHVPAAGMFLWIKVKGINDVKELIEEKAVKMGVLMLPGNAFYVDSSAPSPYLRA
SFSSASPEQMDVAFQVLAQLIKESL
;
_entity_poly.pdbx_strand_id   A,B,C,D
#
loop_
_chem_comp.id
_chem_comp.type
_chem_comp.name
_chem_comp.formula
GOL non-polymer GLYCEROL 'C3 H8 O3'
PMP non-polymer 4'-DEOXY-4'-AMINOPYRIDOXAL-5'-PHOSPHATE 'C8 H13 N2 O5 P'
#
# COMPACT_ATOMS: atom_id res chain seq x y z
N MET A 1 2.76 50.89 -4.27
CA MET A 1 2.48 51.50 -5.62
C MET A 1 3.73 51.55 -6.47
N ASN A 2 4.81 52.15 -5.97
CA ASN A 2 6.14 52.01 -6.59
C ASN A 2 6.86 50.79 -6.03
N TYR A 3 6.52 49.60 -6.51
CA TYR A 3 7.10 48.41 -5.88
C TYR A 3 8.60 48.31 -6.03
N ALA A 4 9.13 49.00 -7.05
CA ALA A 4 10.57 49.06 -7.29
C ALA A 4 11.43 49.56 -6.14
N ARG A 5 10.93 50.48 -5.31
CA ARG A 5 11.75 50.93 -4.16
C ARG A 5 11.90 49.88 -3.07
N PHE A 6 11.01 48.89 -3.05
CA PHE A 6 11.07 47.83 -2.04
C PHE A 6 11.73 46.54 -2.56
N ILE A 7 12.56 46.70 -3.59
CA ILE A 7 13.20 45.56 -4.23
C ILE A 7 14.65 45.92 -4.47
N THR A 8 15.53 45.16 -3.87
CA THR A 8 16.96 45.39 -3.93
C THR A 8 17.52 45.22 -5.37
N ALA A 9 18.79 45.56 -5.59
CA ALA A 9 19.37 45.41 -6.94
C ALA A 9 19.51 43.94 -7.27
N ALA A 10 20.02 43.17 -6.31
CA ALA A 10 20.15 41.73 -6.49
C ALA A 10 18.80 41.11 -6.83
N SER A 11 17.77 41.45 -6.05
CA SER A 11 16.42 40.90 -6.21
C SER A 11 15.76 41.28 -7.54
N ALA A 12 15.89 42.55 -7.94
CA ALA A 12 15.43 43.00 -9.26
C ALA A 12 16.12 42.23 -10.41
N ALA A 13 17.36 41.85 -10.20
CA ALA A 13 18.15 41.13 -11.21
C ALA A 13 17.69 39.67 -11.48
N ARG A 14 16.89 39.10 -10.59
CA ARG A 14 16.42 37.72 -10.75
C ARG A 14 15.58 37.56 -12.00
N ASN A 15 15.81 36.45 -12.70
CA ASN A 15 15.08 36.09 -13.91
C ASN A 15 14.34 34.75 -13.74
N PRO A 16 13.20 34.60 -14.45
CA PRO A 16 12.46 33.35 -14.72
C PRO A 16 13.19 31.99 -14.54
N SER A 17 13.89 31.46 -15.53
CA SER A 17 14.38 30.05 -15.37
C SER A 17 15.59 29.52 -16.24
N PRO A 18 15.48 29.53 -17.59
CA PRO A 18 14.29 29.70 -18.44
C PRO A 18 13.65 28.35 -18.76
N ILE A 19 14.48 27.42 -19.28
CA ILE A 19 14.11 26.02 -19.57
C ILE A 19 12.63 25.75 -19.77
N ARG A 20 11.91 25.77 -18.66
CA ARG A 20 10.57 25.15 -18.52
C ARG A 20 9.33 25.91 -19.06
N THR A 21 9.55 26.88 -19.95
CA THR A 21 8.49 27.32 -20.89
C THR A 21 8.24 26.21 -21.93
N MET A 22 9.29 25.40 -22.17
CA MET A 22 9.21 24.19 -23.00
C MET A 22 8.27 23.11 -22.44
N THR A 23 8.61 22.57 -21.28
CA THR A 23 7.84 21.50 -20.65
C THR A 23 6.45 21.99 -20.23
N ASP A 24 6.30 23.31 -20.24
CA ASP A 24 5.02 24.00 -20.14
C ASP A 24 4.14 23.74 -21.39
N ILE A 25 4.70 23.90 -22.59
CA ILE A 25 4.00 23.60 -23.86
C ILE A 25 3.41 22.18 -23.87
N LEU A 26 4.11 21.24 -23.22
CA LEU A 26 3.66 19.85 -23.12
C LEU A 26 2.30 19.70 -22.42
N SER A 27 2.08 20.51 -21.37
CA SER A 27 0.83 20.52 -20.57
C SER A 27 -0.44 20.71 -21.39
N ARG A 28 -0.39 21.57 -22.40
CA ARG A 28 -1.58 21.88 -23.18
C ARG A 28 -1.55 21.37 -24.63
N GLY A 29 -0.52 20.59 -24.97
CA GLY A 29 -0.40 19.99 -26.30
C GLY A 29 -1.23 18.72 -26.46
N PRO A 30 -1.13 18.06 -27.64
CA PRO A 30 -1.85 16.80 -27.82
C PRO A 30 -1.22 15.70 -26.98
N LYS A 31 -2.00 14.68 -26.67
CA LYS A 31 -1.53 13.54 -25.89
C LYS A 31 -0.48 12.72 -26.66
N SER A 32 -0.38 12.97 -27.97
CA SER A 32 0.62 12.33 -28.86
C SER A 32 2.00 13.04 -28.87
N MET A 33 2.13 14.10 -28.07
CA MET A 33 3.38 14.89 -28.04
C MET A 33 4.52 14.15 -27.30
N ILE A 34 5.70 14.16 -27.89
CA ILE A 34 6.87 13.54 -27.28
C ILE A 34 7.78 14.64 -26.78
N SER A 35 8.08 14.63 -25.50
CA SER A 35 9.07 15.56 -24.95
C SER A 35 10.34 14.87 -24.52
N LEU A 36 11.45 15.32 -25.07
CA LEU A 36 12.76 14.98 -24.53
C LEU A 36 13.38 16.21 -23.86
N ALA A 37 12.52 17.18 -23.55
CA ALA A 37 12.95 18.50 -23.16
C ALA A 37 13.20 18.69 -21.64
N GLY A 38 12.49 17.91 -20.84
CA GLY A 38 12.44 18.20 -19.41
C GLY A 38 13.60 17.65 -18.63
N GLY A 39 13.70 18.06 -17.38
CA GLY A 39 14.81 17.63 -16.55
C GLY A 39 14.31 16.80 -15.39
N LEU A 40 13.16 16.10 -15.54
CA LEU A 40 12.66 15.30 -14.42
C LEU A 40 13.35 13.94 -14.37
N PRO A 41 13.81 13.50 -13.19
CA PRO A 41 14.26 12.10 -13.12
C PRO A 41 13.09 11.13 -13.23
N ASN A 42 13.37 9.89 -13.63
CA ASN A 42 12.32 8.90 -13.73
C ASN A 42 11.84 8.49 -12.31
N PRO A 43 10.55 8.76 -12.00
CA PRO A 43 10.06 8.52 -10.63
C PRO A 43 9.85 7.04 -10.38
N ASN A 44 9.90 6.23 -11.43
CA ASN A 44 9.77 4.78 -11.25
C ASN A 44 10.91 4.14 -10.50
N MET A 45 12.02 4.86 -10.41
CA MET A 45 13.21 4.39 -9.74
C MET A 45 13.16 4.63 -8.23
N PHE A 46 12.30 5.56 -7.80
CA PHE A 46 12.20 5.91 -6.36
C PHE A 46 11.59 4.76 -5.56
N PRO A 47 12.16 4.46 -4.37
CA PRO A 47 11.79 3.20 -3.70
C PRO A 47 10.44 3.12 -2.97
N PHE A 48 9.93 4.25 -2.47
CA PHE A 48 8.62 4.35 -1.80
C PHE A 48 7.50 4.24 -2.85
N LYS A 49 6.53 3.33 -2.64
CA LYS A 49 5.50 3.05 -3.67
C LYS A 49 4.07 3.54 -3.33
N THR A 50 3.69 3.48 -2.05
CA THR A 50 2.33 3.86 -1.64
C THR A 50 2.45 4.41 -0.22
N ALA A 51 1.42 5.13 0.22
CA ALA A 51 1.38 5.64 1.61
C ALA A 51 -0.05 5.62 2.06
N VAL A 52 -0.23 5.32 3.33
CA VAL A 52 -1.53 5.51 3.98
C VAL A 52 -1.33 6.18 5.31
N ILE A 53 -2.04 7.29 5.45
CA ILE A 53 -1.83 8.15 6.61
C ILE A 53 -3.15 8.36 7.29
N THR A 54 -3.23 7.93 8.54
CA THR A 54 -4.45 8.07 9.31
C THR A 54 -4.59 9.46 9.86
N VAL A 55 -5.83 9.90 9.98
CA VAL A 55 -6.16 11.23 10.43
C VAL A 55 -7.17 11.15 11.58
N GLU A 56 -7.04 12.03 12.57
CA GLU A 56 -8.07 12.15 13.61
C GLU A 56 -9.12 13.15 13.13
N ASN A 57 -10.40 12.80 13.29
CA ASN A 57 -11.57 13.62 12.88
C ASN A 57 -11.60 13.82 11.36
N GLY A 58 -11.41 12.71 10.65
CA GLY A 58 -11.09 12.77 9.20
C GLY A 58 -10.82 11.38 8.63
N LYS A 59 -11.08 11.25 7.33
CA LYS A 59 -10.87 10.04 6.57
C LYS A 59 -9.38 9.83 6.36
N THR A 60 -8.93 8.58 6.36
CA THR A 60 -7.52 8.31 6.09
C THR A 60 -7.07 8.79 4.69
N ILE A 61 -5.83 9.26 4.62
CA ILE A 61 -5.25 9.73 3.36
C ILE A 61 -4.41 8.62 2.72
N GLN A 62 -4.68 8.38 1.45
CA GLN A 62 -4.02 7.32 0.72
C GLN A 62 -3.35 7.92 -0.49
N PHE A 63 -2.05 7.66 -0.65
CA PHE A 63 -1.39 7.85 -1.96
C PHE A 63 -1.22 6.50 -2.67
N GLY A 64 -1.93 6.33 -3.79
CA GLY A 64 -1.76 5.11 -4.60
C GLY A 64 -0.49 5.26 -5.43
N GLU A 65 -0.26 4.32 -6.34
CA GLU A 65 1.01 4.27 -7.06
C GLU A 65 1.23 5.53 -7.83
N GLU A 66 0.19 6.05 -8.50
CA GLU A 66 0.34 7.24 -9.33
C GLU A 66 0.48 8.54 -8.52
N MET A 67 -0.33 8.68 -7.47
CA MET A 67 -0.19 9.78 -6.56
C MET A 67 1.18 9.78 -5.86
N MET A 68 1.66 8.61 -5.42
CA MET A 68 3.01 8.52 -4.81
C MET A 68 4.11 9.03 -5.75
N LYS A 69 4.06 8.62 -7.01
CA LYS A 69 5.01 9.10 -7.98
C LYS A 69 5.00 10.64 -8.06
N ARG A 70 3.81 11.22 -8.01
CA ARG A 70 3.70 12.66 -8.05
C ARG A 70 4.24 13.32 -6.74
N ALA A 71 3.90 12.71 -5.60
CA ALA A 71 4.37 13.13 -4.26
C ALA A 71 5.90 13.16 -4.15
N LEU A 72 6.52 12.20 -4.86
CA LEU A 72 8.00 12.03 -4.90
C LEU A 72 8.77 12.80 -5.95
N GLN A 73 8.04 13.58 -6.74
CA GLN A 73 8.66 14.20 -7.93
C GLN A 73 8.65 15.71 -7.76
N TYR A 74 9.53 16.43 -8.47
CA TYR A 74 9.49 17.88 -8.53
C TYR A 74 8.09 18.43 -8.83
N SER A 75 7.83 19.60 -8.27
CA SER A 75 6.56 20.27 -8.47
C SER A 75 6.82 21.79 -8.57
N PRO A 76 5.79 22.58 -8.89
CA PRO A 76 6.01 24.02 -9.14
C PRO A 76 6.56 24.81 -7.95
N SER A 77 7.38 25.82 -8.27
CA SER A 77 8.05 26.60 -7.23
C SER A 77 7.10 27.26 -6.24
N ALA A 78 5.99 27.83 -6.72
CA ALA A 78 5.07 28.55 -5.82
C ALA A 78 4.17 27.62 -5.01
N GLY A 79 4.16 26.32 -5.34
CA GLY A 79 3.28 25.30 -4.68
C GLY A 79 2.44 24.49 -5.65
N ILE A 80 1.88 23.39 -5.19
CA ILE A 80 1.03 22.57 -6.05
C ILE A 80 -0.30 23.30 -6.34
N PRO A 81 -0.87 23.10 -7.55
CA PRO A 81 -2.00 23.94 -7.87
C PRO A 81 -3.16 23.86 -6.92
N GLU A 82 -3.51 22.68 -6.43
CA GLU A 82 -4.69 22.54 -5.58
C GLU A 82 -4.48 23.17 -4.22
N LEU A 83 -3.23 23.24 -3.74
CA LEU A 83 -3.00 23.88 -2.43
C LEU A 83 -2.97 25.42 -2.58
N LEU A 84 -2.33 25.93 -3.62
CA LEU A 84 -2.44 27.38 -3.91
C LEU A 84 -3.90 27.84 -4.07
N SER A 85 -4.74 27.07 -4.78
CA SER A 85 -6.11 27.58 -4.94
C SER A 85 -6.94 27.50 -3.66
N TRP A 86 -6.71 26.44 -2.88
CA TRP A 86 -7.44 26.24 -1.62
C TRP A 86 -7.09 27.37 -0.67
N LEU A 87 -5.81 27.70 -0.64
CA LEU A 87 -5.25 28.76 0.23
C LEU A 87 -5.72 30.14 -0.20
N LYS A 88 -5.76 30.41 -1.51
CA LYS A 88 -6.20 31.71 -2.00
C LYS A 88 -7.66 31.87 -1.70
N GLN A 89 -8.44 30.80 -1.90
CA GLN A 89 -9.85 30.89 -1.58
C GLN A 89 -10.06 31.10 -0.07
N LEU A 90 -9.22 30.49 0.75
CA LEU A 90 -9.27 30.72 2.19
C LEU A 90 -8.98 32.19 2.58
N GLN A 91 -7.95 32.79 2.00
CA GLN A 91 -7.63 34.19 2.24
C GLN A 91 -8.82 35.11 1.84
N ILE A 92 -9.46 34.78 0.73
CA ILE A 92 -10.69 35.46 0.34
C ILE A 92 -11.83 35.25 1.37
N LYS A 93 -12.09 34.02 1.79
CA LYS A 93 -13.08 33.84 2.84
C LYS A 93 -12.73 34.64 4.08
N LEU A 94 -11.46 34.61 4.49
CA LEU A 94 -11.06 35.13 5.82
C LEU A 94 -10.82 36.61 5.90
N HIS A 95 -10.26 37.18 4.84
CA HIS A 95 -9.75 38.52 4.89
C HIS A 95 -10.26 39.39 3.75
N ASN A 96 -10.91 38.75 2.76
CA ASN A 96 -11.43 39.40 1.55
C ASN A 96 -10.56 40.59 1.17
N PRO A 97 -9.29 40.33 0.79
CA PRO A 97 -8.33 41.42 0.50
C PRO A 97 -8.82 42.32 -0.63
N PRO A 98 -8.80 43.65 -0.43
CA PRO A 98 -9.34 44.65 -1.38
C PRO A 98 -8.73 44.51 -2.77
N THR A 99 -7.59 43.86 -2.76
CA THR A 99 -6.63 43.81 -3.82
C THR A 99 -6.81 42.60 -4.78
N ILE A 100 -7.83 41.77 -4.55
CA ILE A 100 -7.88 40.48 -5.28
C ILE A 100 -8.05 40.59 -6.78
N HIS A 101 -8.76 41.63 -7.22
CA HIS A 101 -9.01 41.85 -8.65
C HIS A 101 -8.26 43.04 -9.29
N TYR A 102 -7.31 43.63 -8.56
CA TYR A 102 -6.43 44.69 -9.09
C TYR A 102 -5.58 44.11 -10.24
N PRO A 103 -5.14 44.98 -11.18
CA PRO A 103 -4.14 44.52 -12.16
C PRO A 103 -2.91 44.02 -11.41
N PRO A 104 -2.19 43.04 -11.99
CA PRO A 104 -0.91 42.54 -11.48
C PRO A 104 0.11 43.63 -11.11
N SER A 105 0.37 44.57 -12.00
CA SER A 105 1.34 45.65 -11.72
C SER A 105 0.91 46.53 -10.54
N GLN A 106 -0.38 46.53 -10.23
CA GLN A 106 -0.88 47.35 -9.15
C GLN A 106 -1.11 46.55 -7.85
N GLY A 107 -0.42 45.42 -7.73
CA GLY A 107 -0.36 44.65 -6.46
C GLY A 107 -1.51 43.69 -6.24
N GLN A 108 -1.99 43.10 -7.32
CA GLN A 108 -3.05 42.10 -7.21
C GLN A 108 -2.59 41.02 -6.21
N MET A 109 -3.51 40.54 -5.37
CA MET A 109 -3.18 39.51 -4.38
C MET A 109 -2.62 38.29 -5.08
N ASP A 110 -1.39 37.95 -4.71
CA ASP A 110 -0.83 36.66 -5.05
C ASP A 110 -0.38 35.96 -3.78
N LEU A 111 -0.17 34.65 -3.91
CA LEU A 111 0.15 33.81 -2.75
C LEU A 111 1.07 32.71 -3.19
N CYS A 112 2.11 32.44 -2.38
CA CYS A 112 2.92 31.26 -2.60
C CYS A 112 3.05 30.42 -1.33
N VAL A 113 3.10 29.08 -1.51
CA VAL A 113 3.41 28.14 -0.44
C VAL A 113 4.92 28.26 -0.17
N THR A 114 5.31 28.35 1.09
CA THR A 114 6.71 28.38 1.45
C THR A 114 7.09 27.16 2.32
N SER A 115 8.39 26.87 2.39
CA SER A 115 8.89 25.84 3.30
C SER A 115 8.90 26.36 4.74
N GLY A 116 7.73 26.47 5.36
CA GLY A 116 7.54 27.20 6.61
C GLY A 116 7.32 28.68 6.32
N SER A 117 6.60 29.39 7.20
CA SER A 117 6.40 30.83 7.03
C SER A 117 7.71 31.60 7.19
N GLN A 118 8.61 31.07 8.01
CA GLN A 118 9.86 31.77 8.23
C GLN A 118 10.67 31.91 6.92
N GLN A 119 10.50 30.93 6.05
CA GLN A 119 11.10 31.01 4.72
C GLN A 119 10.57 32.22 4.00
N GLY A 120 9.25 32.41 3.97
CA GLY A 120 8.63 33.57 3.34
C GLY A 120 9.16 34.89 3.88
N LEU A 121 9.32 34.97 5.21
CA LEU A 121 9.76 36.21 5.84
C LEU A 121 11.19 36.50 5.50
N CYS A 122 12.06 35.50 5.60
CA CYS A 122 13.47 35.67 5.27
C CYS A 122 13.68 36.20 3.84
N LYS A 123 13.01 35.57 2.86
CA LYS A 123 13.09 36.01 1.45
C LYS A 123 12.58 37.46 1.26
N VAL A 124 11.48 37.78 1.97
CA VAL A 124 10.96 39.15 2.03
C VAL A 124 11.96 40.14 2.54
N PHE A 125 12.58 39.87 3.69
CA PHE A 125 13.65 40.72 4.25
C PHE A 125 14.79 40.87 3.25
N GLU A 126 15.24 39.75 2.70
CA GLU A 126 16.28 39.73 1.65
C GLU A 126 15.92 40.54 0.42
N MET A 127 14.65 40.48 0.00
CA MET A 127 14.12 41.23 -1.13
C MET A 127 14.23 42.74 -0.94
N ILE A 128 14.10 43.20 0.31
CA ILE A 128 13.88 44.61 0.61
C ILE A 128 15.12 45.36 1.02
N ILE A 129 15.97 44.72 1.82
CA ILE A 129 16.88 45.43 2.71
C ILE A 129 18.30 45.66 2.15
N ASN A 130 18.61 46.93 1.96
CA ASN A 130 19.98 47.38 1.70
C ASN A 130 20.59 47.80 3.03
N PRO A 131 21.90 47.62 3.22
CA PRO A 131 22.40 48.02 4.52
C PRO A 131 22.13 49.53 4.73
N GLY A 132 22.10 49.94 5.99
CA GLY A 132 21.67 51.31 6.33
C GLY A 132 20.17 51.61 6.24
N ASP A 133 19.38 50.72 5.65
CA ASP A 133 17.91 50.94 5.58
C ASP A 133 17.29 50.97 6.98
N ASN A 134 16.24 51.77 7.13
CA ASN A 134 15.50 51.92 8.40
C ASN A 134 14.29 51.03 8.36
N VAL A 135 14.14 50.19 9.39
CA VAL A 135 12.94 49.39 9.52
C VAL A 135 12.32 49.58 10.92
N LEU A 136 11.02 49.45 10.98
CA LEU A 136 10.27 49.68 12.21
C LEU A 136 9.78 48.34 12.75
N LEU A 137 9.85 48.16 14.06
CA LEU A 137 9.15 47.07 14.71
C LEU A 137 9.07 47.25 16.22
N ASP A 138 8.19 46.51 16.87
CA ASP A 138 8.03 46.57 18.33
C ASP A 138 8.81 45.48 19.02
N GLU A 139 9.71 45.90 19.92
CA GLU A 139 10.36 44.98 20.85
C GLU A 139 9.52 44.95 22.15
N PRO A 140 9.40 43.77 22.79
CA PRO A 140 10.08 42.51 22.49
C PRO A 140 9.62 41.86 21.15
N ALA A 141 10.57 41.27 20.44
CA ALA A 141 10.27 40.69 19.13
C ALA A 141 10.82 39.28 18.97
N TYR A 142 10.16 38.51 18.11
CA TYR A 142 10.58 37.14 17.79
C TYR A 142 12.07 37.08 17.48
N SER A 143 12.79 36.27 18.26
CA SER A 143 14.24 36.22 18.17
C SER A 143 14.73 35.78 16.79
N GLY A 144 13.96 34.92 16.12
CA GLY A 144 14.22 34.58 14.70
C GLY A 144 14.16 35.77 13.75
N THR A 145 13.20 36.67 13.94
CA THR A 145 13.20 37.89 13.16
C THR A 145 14.46 38.74 13.37
N LEU A 146 14.88 38.92 14.64
CA LEU A 146 16.00 39.76 14.99
C LEU A 146 17.30 39.19 14.49
N GLN A 147 17.38 37.87 14.51
CA GLN A 147 18.58 37.20 14.06
C GLN A 147 18.65 37.18 12.54
N SER A 148 17.48 37.26 11.90
CA SER A 148 17.42 37.34 10.45
C SER A 148 17.78 38.74 9.95
N LEU A 149 17.28 39.77 10.64
CA LEU A 149 17.51 41.18 10.27
C LEU A 149 18.91 41.70 10.54
N HIS A 150 19.55 41.19 11.58
CA HIS A 150 20.89 41.64 12.01
C HIS A 150 21.95 41.60 10.90
N PRO A 151 22.21 40.41 10.27
CA PRO A 151 23.26 40.46 9.23
C PRO A 151 22.94 41.29 7.99
N LEU A 152 21.68 41.70 7.85
CA LEU A 152 21.24 42.57 6.77
C LEU A 152 21.65 44.04 6.93
N GLY A 153 22.17 44.41 8.11
CA GLY A 153 22.60 45.81 8.36
C GLY A 153 21.53 46.90 8.33
N CYS A 154 20.27 46.55 8.50
CA CYS A 154 19.29 47.61 8.69
C CYS A 154 19.46 48.24 10.09
N ASN A 155 18.97 49.47 10.24
CA ASN A 155 18.79 50.07 11.55
C ASN A 155 17.40 49.74 11.99
N ILE A 156 17.29 49.05 13.11
CA ILE A 156 15.96 48.74 13.63
C ILE A 156 15.49 49.86 14.53
N ILE A 157 14.36 50.43 14.22
CA ILE A 157 13.82 51.50 15.03
C ILE A 157 12.68 50.95 15.88
N ASN A 158 12.91 50.83 17.17
CA ASN A 158 11.92 50.28 18.06
C ASN A 158 10.71 51.17 18.21
N VAL A 159 9.54 50.58 18.03
CA VAL A 159 8.28 51.29 18.21
C VAL A 159 7.74 50.79 19.55
N ALA A 160 7.15 51.71 20.32
CA ALA A 160 6.65 51.37 21.65
C ALA A 160 5.37 50.54 21.56
N SER A 161 5.24 49.64 22.52
CA SER A 161 4.16 48.67 22.52
C SER A 161 3.64 48.51 23.94
N ASP A 162 2.39 48.06 24.09
CA ASP A 162 1.87 47.74 25.42
C ASP A 162 0.92 46.54 25.31
N GLU A 163 0.01 46.38 26.27
CA GLU A 163 -0.92 45.24 26.31
C GLU A 163 -1.66 45.05 25.00
N SER A 164 -1.77 46.11 24.22
CA SER A 164 -2.56 46.07 22.99
C SER A 164 -1.73 46.20 21.73
N GLY A 165 -0.44 45.87 21.86
CA GLY A 165 0.46 45.80 20.72
C GLY A 165 1.11 47.14 20.49
N ILE A 166 1.56 47.36 19.26
CA ILE A 166 2.19 48.62 18.97
C ILE A 166 1.29 49.83 19.33
N VAL A 167 1.92 50.86 19.87
CA VAL A 167 1.19 52.09 20.22
C VAL A 167 1.34 53.07 19.04
N PRO A 168 0.22 53.37 18.38
CA PRO A 168 0.24 54.18 17.17
C PRO A 168 0.73 55.58 17.38
N ASP A 169 0.58 56.13 18.58
CA ASP A 169 1.14 57.46 18.86
C ASP A 169 2.69 57.43 18.90
N SER A 170 3.24 56.31 19.35
CA SER A 170 4.68 56.11 19.32
C SER A 170 5.17 56.06 17.87
N LEU A 171 4.46 55.28 17.04
CA LEU A 171 4.72 55.18 15.60
C LEU A 171 4.72 56.60 14.93
N ARG A 172 3.61 57.31 15.10
CA ARG A 172 3.46 58.72 14.70
C ARG A 172 4.66 59.58 15.03
N ASP A 173 5.08 59.57 16.29
CA ASP A 173 6.16 60.43 16.75
C ASP A 173 7.56 60.01 16.26
N ILE A 174 7.71 58.71 16.01
CA ILE A 174 8.91 58.22 15.33
C ILE A 174 8.92 58.79 13.89
N LEU A 175 7.77 58.75 13.22
CA LEU A 175 7.70 59.04 11.80
C LEU A 175 7.78 60.53 11.47
N SER A 176 7.60 61.39 12.47
CA SER A 176 7.76 62.86 12.29
C SER A 176 9.22 63.31 12.18
N ARG A 177 10.15 62.38 12.42
CA ARG A 177 11.54 62.48 12.00
C ARG A 177 11.68 62.72 10.46
N TRP A 178 10.59 62.48 9.72
CA TRP A 178 10.51 62.69 8.29
C TRP A 178 9.19 63.40 8.03
N LYS A 179 8.98 63.87 6.81
CA LYS A 179 7.64 64.06 6.31
C LYS A 179 7.48 63.08 5.20
N PRO A 180 6.27 62.97 4.71
CA PRO A 180 5.94 61.99 3.69
C PRO A 180 7.02 61.97 2.63
N GLU A 181 7.27 63.12 2.04
CA GLU A 181 7.53 63.21 0.62
C GLU A 181 8.95 62.76 0.39
N ASP A 182 9.82 63.12 1.34
CA ASP A 182 10.62 62.16 2.04
C ASP A 182 10.66 60.75 1.46
N ALA A 183 9.50 60.20 1.13
CA ALA A 183 9.38 58.79 0.82
C ALA A 183 9.40 58.53 -0.69
N LYS A 184 8.53 59.23 -1.41
CA LYS A 184 8.73 59.50 -2.83
C LYS A 184 10.13 59.94 -3.13
N ASN A 185 10.94 60.05 -2.09
CA ASN A 185 12.25 60.66 -2.23
C ASN A 185 13.27 59.81 -1.51
N PRO A 186 14.04 59.08 -2.28
CA PRO A 186 14.92 58.04 -1.75
C PRO A 186 15.87 58.59 -0.72
N GLN A 187 16.77 57.77 -0.20
CA GLN A 187 18.09 58.27 0.30
C GLN A 187 18.14 59.30 1.49
N LYS A 188 17.04 60.00 1.73
CA LYS A 188 16.58 60.31 3.08
C LYS A 188 16.64 59.07 4.00
N ASN A 189 16.11 57.95 3.50
CA ASN A 189 15.91 56.71 4.28
C ASN A 189 14.66 56.72 5.15
N THR A 190 13.55 57.10 4.57
CA THR A 190 12.30 56.81 5.20
C THR A 190 12.10 55.27 5.32
N PRO A 191 11.44 54.84 6.40
CA PRO A 191 11.43 53.38 6.63
C PRO A 191 10.80 52.57 5.47
N LYS A 192 11.44 51.46 5.09
CA LYS A 192 10.94 50.55 4.05
C LYS A 192 9.69 49.81 4.52
N PHE A 193 9.69 49.38 5.78
CA PHE A 193 8.58 48.60 6.25
C PHE A 193 8.46 48.64 7.79
N LEU A 194 7.27 48.29 8.25
CA LEU A 194 7.01 48.02 9.68
C LEU A 194 6.66 46.53 9.77
N TYR A 195 7.38 45.80 10.61
CA TYR A 195 7.11 44.37 10.83
C TYR A 195 6.47 44.21 12.20
N THR A 196 5.42 43.40 12.28
CA THR A 196 4.83 43.07 13.57
C THR A 196 4.14 41.71 13.56
N VAL A 197 4.15 41.06 14.75
CA VAL A 197 3.28 39.92 15.00
C VAL A 197 1.97 40.42 15.66
N PRO A 198 0.87 40.55 14.87
CA PRO A 198 -0.30 41.22 15.42
C PRO A 198 -1.13 40.39 16.44
N ASN A 199 -1.01 39.07 16.40
CA ASN A 199 -1.76 38.16 17.26
C ASN A 199 -0.84 37.30 18.10
N GLY A 200 -1.05 37.35 19.42
CA GLY A 200 -0.23 36.57 20.37
C GLY A 200 1.27 36.67 20.11
N ASN A 201 1.80 37.89 20.21
CA ASN A 201 3.22 38.09 19.91
C ASN A 201 4.13 37.14 20.69
N ASN A 202 5.17 36.63 20.03
CA ASN A 202 6.22 35.87 20.67
C ASN A 202 7.32 36.87 20.98
N PRO A 203 7.61 37.17 22.28
CA PRO A 203 7.28 36.46 23.51
C PRO A 203 6.09 36.95 24.36
N THR A 204 5.44 38.06 24.02
CA THR A 204 4.58 38.79 25.01
C THR A 204 3.17 38.26 25.15
N GLY A 205 2.67 37.58 24.14
CA GLY A 205 1.27 37.17 24.10
C GLY A 205 0.26 38.27 23.80
N ASN A 206 0.72 39.52 23.61
CA ASN A 206 -0.17 40.66 23.35
C ASN A 206 -0.69 40.68 21.92
N SER A 207 -1.95 41.08 21.70
CA SER A 207 -2.49 41.21 20.34
C SER A 207 -2.93 42.66 20.03
N LEU A 208 -2.67 43.09 18.79
CA LEU A 208 -3.19 44.35 18.28
C LEU A 208 -4.68 44.37 18.24
N THR A 209 -5.24 45.55 18.50
CA THR A 209 -6.65 45.75 18.36
C THR A 209 -6.86 46.23 16.91
N SER A 210 -8.10 46.11 16.45
CA SER A 210 -8.56 46.55 15.15
C SER A 210 -8.46 48.08 14.98
N GLU A 211 -8.84 48.85 16.01
CA GLU A 211 -8.75 50.31 15.93
C GLU A 211 -7.32 50.71 15.73
N ARG A 212 -6.41 50.07 16.45
CA ARG A 212 -4.98 50.37 16.34
C ARG A 212 -4.37 49.94 15.00
N LYS A 213 -4.81 48.81 14.49
CA LYS A 213 -4.48 48.37 13.15
C LYS A 213 -4.88 49.42 12.09
N LYS A 214 -6.10 49.95 12.16
CA LYS A 214 -6.54 51.06 11.30
C LYS A 214 -5.62 52.32 11.37
N GLU A 215 -5.21 52.74 12.58
CA GLU A 215 -4.26 53.85 12.72
C GLU A 215 -2.87 53.60 12.12
N ILE A 216 -2.33 52.42 12.36
CA ILE A 216 -1.06 51.99 11.79
C ILE A 216 -1.14 51.99 10.26
N TYR A 217 -2.20 51.41 9.70
CA TYR A 217 -2.39 51.40 8.26
C TYR A 217 -2.35 52.83 7.65
N GLU A 218 -3.03 53.76 8.33
CA GLU A 218 -3.05 55.19 7.95
C GLU A 218 -1.62 55.80 7.94
N LEU A 219 -0.85 55.48 8.97
CA LEU A 219 0.55 55.88 9.03
C LEU A 219 1.34 55.27 7.88
N ALA A 220 0.98 54.05 7.48
CA ALA A 220 1.75 53.30 6.49
C ALA A 220 1.59 53.96 5.14
N ARG A 221 0.37 54.35 4.78
CA ARG A 221 0.12 55.12 3.55
C ARG A 221 0.75 56.52 3.55
N LYS A 222 0.65 57.22 4.68
CA LYS A 222 1.23 58.56 4.83
C LYS A 222 2.73 58.60 4.58
N TYR A 223 3.46 57.65 5.17
CA TYR A 223 4.91 57.61 5.00
C TYR A 223 5.32 56.58 3.96
N ASP A 224 4.33 56.05 3.24
CA ASP A 224 4.48 55.04 2.20
C ASP A 224 5.48 53.94 2.55
N PHE A 225 5.18 53.20 3.62
CA PHE A 225 5.95 51.99 3.93
C PHE A 225 5.14 50.71 3.82
N LEU A 226 5.84 49.59 3.71
CA LEU A 226 5.21 48.27 3.68
C LEU A 226 4.79 47.89 5.09
N ILE A 227 3.74 47.10 5.23
CA ILE A 227 3.50 46.42 6.51
C ILE A 227 3.79 44.92 6.32
N ILE A 228 4.68 44.38 7.13
CA ILE A 228 4.79 42.93 7.10
C ILE A 228 4.13 42.31 8.28
N GLU A 229 3.01 41.68 7.99
CA GLU A 229 2.17 41.07 8.97
C GLU A 229 2.55 39.60 9.10
N ASP A 230 3.43 39.30 10.06
CA ASP A 230 3.84 37.94 10.42
C ASP A 230 2.88 37.41 11.46
N ASP A 231 1.97 36.53 11.00
CA ASP A 231 0.80 36.16 11.80
C ASP A 231 0.68 34.64 12.03
N PRO A 232 1.70 33.99 12.61
CA PRO A 232 1.65 32.54 12.78
C PRO A 232 0.68 32.09 13.90
N TYR A 233 0.24 33.02 14.76
CA TYR A 233 -0.69 32.67 15.82
C TYR A 233 -2.05 33.21 15.45
N TYR A 234 -2.27 33.43 14.15
CA TYR A 234 -3.54 33.96 13.70
C TYR A 234 -4.65 33.00 13.99
N PHE A 235 -4.41 31.69 13.90
CA PHE A 235 -5.47 30.73 14.19
C PHE A 235 -5.43 30.25 15.65
N LEU A 236 -4.83 31.02 16.54
CA LEU A 236 -4.81 30.67 17.95
C LEU A 236 -5.29 31.85 18.82
N GLN A 237 -6.28 32.61 18.35
CA GLN A 237 -6.84 33.72 19.14
C GLN A 237 -7.92 33.22 20.10
N PHE A 238 -7.83 33.63 21.36
CA PHE A 238 -8.74 33.14 22.37
C PHE A 238 -10.11 33.78 22.33
N ASN A 239 -10.15 35.02 21.84
CA ASN A 239 -11.42 35.63 21.45
C ASN A 239 -11.95 34.97 20.16
N LYS A 240 -13.12 34.35 20.27
CA LYS A 240 -13.73 33.68 19.13
C LYS A 240 -14.10 34.61 17.95
N PHE A 241 -14.21 35.91 18.23
CA PHE A 241 -14.19 36.94 17.18
C PHE A 241 -12.75 37.36 16.79
N ARG A 242 -12.28 36.88 15.65
CA ARG A 242 -10.92 37.16 15.22
C ARG A 242 -10.84 38.65 14.84
N VAL A 243 -9.80 39.34 15.25
CA VAL A 243 -9.63 40.75 14.85
C VAL A 243 -9.24 40.86 13.34
N PRO A 244 -9.89 41.80 12.60
CA PRO A 244 -9.50 42.06 11.23
C PRO A 244 -8.00 42.17 11.08
N THR A 245 -7.49 41.61 10.00
CA THR A 245 -6.08 41.61 9.67
C THR A 245 -5.65 42.84 8.88
N PHE A 246 -4.37 43.15 8.91
CA PHE A 246 -3.90 44.21 8.00
C PHE A 246 -4.24 43.87 6.56
N LEU A 247 -4.12 42.60 6.17
CA LEU A 247 -4.46 42.20 4.79
C LEU A 247 -5.92 42.49 4.42
N SER A 248 -6.84 42.31 5.38
CA SER A 248 -8.28 42.67 5.16
C SER A 248 -8.53 44.17 4.89
N MET A 249 -7.59 45.03 5.26
CA MET A 249 -7.79 46.46 5.01
C MET A 249 -6.77 47.04 4.00
N ASP A 250 -6.13 46.17 3.21
CA ASP A 250 -4.98 46.57 2.39
C ASP A 250 -5.44 47.13 1.07
N VAL A 251 -6.09 48.29 1.12
CA VAL A 251 -6.64 48.86 -0.09
C VAL A 251 -5.54 49.37 -1.06
N ASP A 252 -4.31 49.55 -0.56
CA ASP A 252 -3.17 50.09 -1.33
C ASP A 252 -2.24 49.07 -1.96
N GLY A 253 -2.36 47.81 -1.52
CA GLY A 253 -1.42 46.76 -1.92
C GLY A 253 -0.09 46.94 -1.23
N ARG A 254 -0.11 47.31 0.05
CA ARG A 254 1.13 47.51 0.78
C ARG A 254 1.39 46.52 1.90
N VAL A 255 0.55 45.48 2.02
CA VAL A 255 0.76 44.46 3.06
C VAL A 255 1.34 43.17 2.47
N ILE A 256 2.32 42.62 3.16
CA ILE A 256 2.77 41.27 2.92
C ILE A 256 2.44 40.45 4.18
N ARG A 257 1.75 39.32 4.02
CA ARG A 257 1.23 38.60 5.16
C ARG A 257 1.83 37.20 5.17
N ALA A 258 2.49 36.81 6.26
CA ALA A 258 2.93 35.43 6.40
C ALA A 258 1.94 34.64 7.29
N ASP A 259 1.49 33.49 6.80
CA ASP A 259 0.63 32.60 7.60
C ASP A 259 1.40 31.31 7.84
N SER A 260 1.07 30.61 8.93
CA SER A 260 1.75 29.37 9.29
C SER A 260 0.74 28.27 9.63
N PHE A 261 1.09 27.07 9.19
CA PHE A 261 0.41 25.87 9.65
C PHE A 261 1.19 25.18 10.78
N SER A 262 2.27 25.80 11.26
CA SER A 262 3.19 25.17 12.23
C SER A 262 2.56 24.93 13.59
N LYS A 263 1.65 25.81 13.99
CA LYS A 263 0.98 25.66 15.32
C LYS A 263 -0.26 24.81 15.25
N ILE A 264 -0.84 24.65 14.06
CA ILE A 264 -2.14 24.01 14.00
C ILE A 264 -2.17 22.67 13.29
N ILE A 265 -1.29 22.48 12.30
CA ILE A 265 -1.34 21.27 11.49
C ILE A 265 -0.06 20.48 11.57
N SER A 266 1.07 21.17 11.43
CA SER A 266 2.38 20.62 11.63
C SER A 266 3.48 21.62 11.44
N SER A 267 4.36 21.67 12.44
CA SER A 267 5.58 22.44 12.33
C SER A 267 6.69 21.71 11.55
N GLY A 268 6.80 20.40 11.75
CA GLY A 268 7.89 19.60 11.15
C GLY A 268 7.73 19.37 9.65
N LEU A 269 6.51 19.45 9.15
CA LEU A 269 6.31 19.37 7.70
C LEU A 269 6.80 20.59 6.90
N ARG A 270 7.04 21.73 7.54
CA ARG A 270 7.65 22.93 6.89
C ARG A 270 6.76 23.42 5.73
N ILE A 271 5.55 23.85 6.08
CA ILE A 271 4.64 24.40 5.10
C ILE A 271 3.97 25.61 5.69
N GLY A 272 4.30 26.78 5.15
CA GLY A 272 3.56 28.01 5.44
C GLY A 272 3.16 28.66 4.13
N PHE A 273 2.61 29.87 4.22
CA PHE A 273 2.29 30.61 2.99
C PHE A 273 2.39 32.12 3.18
N LEU A 274 2.69 32.81 2.07
CA LEU A 274 2.96 34.22 2.03
C LEU A 274 1.96 34.80 1.03
N THR A 275 1.29 35.90 1.42
CA THR A 275 0.22 36.54 0.62
C THR A 275 0.66 37.99 0.49
N GLY A 276 0.45 38.57 -0.69
CA GLY A 276 0.73 39.97 -0.88
C GLY A 276 0.73 40.34 -2.35
N PRO A 277 1.23 41.54 -2.64
CA PRO A 277 1.19 42.09 -3.98
C PRO A 277 2.00 41.26 -4.99
N LYS A 278 1.36 40.89 -6.10
CA LYS A 278 1.98 40.12 -7.20
C LYS A 278 3.44 40.44 -7.55
N PRO A 279 3.82 41.73 -7.78
CA PRO A 279 5.25 41.95 -8.10
C PRO A 279 6.23 41.60 -6.98
N LEU A 280 5.78 41.70 -5.72
CA LEU A 280 6.61 41.29 -4.58
C LEU A 280 6.63 39.77 -4.35
N ILE A 281 5.49 39.11 -4.50
CA ILE A 281 5.49 37.67 -4.37
C ILE A 281 6.40 37.06 -5.49
N GLU A 282 6.33 37.63 -6.69
CA GLU A 282 7.15 37.19 -7.82
C GLU A 282 8.65 37.18 -7.49
N ARG A 283 9.17 38.26 -6.90
CA ARG A 283 10.57 38.26 -6.44
C ARG A 283 10.92 37.10 -5.44
N VAL A 284 10.02 36.76 -4.51
CA VAL A 284 10.34 35.68 -3.54
C VAL A 284 10.32 34.30 -4.21
N ILE A 285 9.37 34.11 -5.14
CA ILE A 285 9.32 32.89 -5.96
C ILE A 285 10.61 32.69 -6.75
N LEU A 286 11.13 33.75 -7.37
CA LEU A 286 12.41 33.60 -8.11
C LEU A 286 13.58 33.24 -7.21
N HIS A 287 13.64 33.85 -6.02
CA HIS A 287 14.65 33.46 -5.05
C HIS A 287 14.44 32.01 -4.58
N ILE A 288 13.20 31.62 -4.29
CA ILE A 288 13.04 30.20 -3.96
C ILE A 288 13.37 29.26 -5.11
N GLN A 289 13.05 29.65 -6.35
CA GLN A 289 13.41 28.83 -7.55
C GLN A 289 14.89 28.53 -7.59
N VAL A 290 15.70 29.40 -7.04
CA VAL A 290 17.15 29.11 -7.00
C VAL A 290 17.65 28.55 -5.64
N SER A 291 16.74 28.38 -4.67
CA SER A 291 17.18 27.85 -3.36
C SER A 291 16.49 26.54 -3.02
N THR A 292 15.31 26.54 -2.43
CA THR A 292 14.67 25.26 -2.14
C THR A 292 14.01 24.57 -3.38
N LEU A 293 13.86 25.34 -4.47
CA LEU A 293 13.18 24.96 -5.69
C LEU A 293 11.68 24.93 -5.52
N HIS A 294 11.22 24.24 -4.48
CA HIS A 294 9.81 24.18 -4.14
C HIS A 294 9.64 23.55 -2.72
N PRO A 295 8.45 23.68 -2.09
CA PRO A 295 8.22 22.90 -0.85
C PRO A 295 7.96 21.41 -1.18
N SER A 296 8.27 20.56 -0.21
CA SER A 296 8.08 19.11 -0.34
C SER A 296 6.75 18.87 -1.02
N THR A 297 6.79 18.19 -2.16
CA THR A 297 5.48 17.88 -2.79
C THR A 297 4.62 16.85 -2.05
N PHE A 298 5.25 15.81 -1.51
CA PHE A 298 4.61 14.87 -0.56
C PHE A 298 3.89 15.62 0.57
N ASN A 299 4.59 16.54 1.25
CA ASN A 299 3.99 17.27 2.40
C ASN A 299 2.80 18.18 1.98
N GLN A 300 2.95 18.94 0.89
CA GLN A 300 1.82 19.69 0.27
C GLN A 300 0.61 18.80 -0.04
N LEU A 301 0.83 17.63 -0.63
CA LEU A 301 -0.25 16.69 -0.92
C LEU A 301 -0.93 16.21 0.32
N MET A 302 -0.17 15.87 1.36
CA MET A 302 -0.77 15.44 2.63
C MET A 302 -1.69 16.56 3.18
N ILE A 303 -1.18 17.78 3.22
CA ILE A 303 -1.95 18.93 3.70
C ILE A 303 -3.14 19.25 2.79
N SER A 304 -2.90 19.25 1.49
CA SER A 304 -3.97 19.65 0.57
C SER A 304 -5.09 18.62 0.63
N GLN A 305 -4.76 17.33 0.66
CA GLN A 305 -5.83 16.32 0.75
C GLN A 305 -6.62 16.38 2.07
N LEU A 306 -5.91 16.61 3.16
CA LEU A 306 -6.52 16.86 4.48
C LEU A 306 -7.51 18.03 4.40
N LEU A 307 -7.04 19.16 3.88
CA LEU A 307 -7.79 20.39 3.81
C LEU A 307 -9.01 20.22 2.91
N HIS A 308 -8.84 19.56 1.77
CA HIS A 308 -9.98 19.35 0.85
C HIS A 308 -11.07 18.41 1.38
N GLU A 309 -10.66 17.35 2.10
CA GLU A 309 -11.65 16.43 2.69
C GLU A 309 -12.38 17.08 3.85
N TRP A 310 -11.70 17.90 4.65
CA TRP A 310 -12.32 18.67 5.73
C TRP A 310 -13.25 19.75 5.20
N GLY A 311 -12.85 20.39 4.10
CA GLY A 311 -13.52 21.59 3.67
C GLY A 311 -13.22 22.72 4.63
N GLU A 312 -13.64 23.91 4.26
CA GLU A 312 -13.43 25.08 5.13
C GLU A 312 -14.14 24.88 6.50
N GLU A 313 -15.19 24.05 6.53
CA GLU A 313 -15.87 23.73 7.77
C GLU A 313 -15.03 22.87 8.71
N GLY A 314 -14.50 21.76 8.18
CA GLY A 314 -13.67 20.85 8.94
C GLY A 314 -12.41 21.57 9.40
N PHE A 315 -11.89 22.46 8.54
CA PHE A 315 -10.71 23.26 8.87
C PHE A 315 -10.98 24.17 10.08
N MET A 316 -12.02 24.97 9.98
CA MET A 316 -12.43 25.86 11.07
C MET A 316 -12.83 25.13 12.37
N ALA A 317 -13.43 23.95 12.20
CA ALA A 317 -13.82 23.09 13.30
C ALA A 317 -12.57 22.61 14.00
N HIS A 318 -11.52 22.34 13.23
CA HIS A 318 -10.27 21.94 13.81
C HIS A 318 -9.59 23.11 14.53
N VAL A 319 -9.50 24.31 13.93
CA VAL A 319 -8.80 25.37 14.63
C VAL A 319 -9.52 25.72 15.94
N ASP A 320 -10.85 25.58 15.91
CA ASP A 320 -11.66 25.80 17.09
C ASP A 320 -11.31 24.85 18.23
N ARG A 321 -11.21 23.56 17.94
CA ARG A 321 -10.82 22.60 18.96
C ARG A 321 -9.39 22.83 19.47
N VAL A 322 -8.46 23.25 18.60
CA VAL A 322 -7.11 23.54 19.12
C VAL A 322 -7.02 24.82 19.96
N ILE A 323 -7.79 25.83 19.59
CA ILE A 323 -7.90 27.05 20.38
C ILE A 323 -8.44 26.70 21.76
N ASP A 324 -9.49 25.87 21.76
CA ASP A 324 -10.07 25.37 22.99
C ASP A 324 -9.01 24.72 23.85
N PHE A 325 -8.12 23.93 23.25
CA PHE A 325 -7.04 23.28 24.00
C PHE A 325 -6.03 24.28 24.60
N TYR A 326 -5.53 25.17 23.75
CA TYR A 326 -4.61 26.23 24.20
C TYR A 326 -5.22 27.22 25.19
N SER A 327 -6.52 27.44 25.10
CA SER A 327 -7.18 28.35 26.03
C SER A 327 -7.23 27.71 27.42
N ASN A 328 -7.49 26.40 27.47
CA ASN A 328 -7.45 25.70 28.77
C ASN A 328 -6.05 25.67 29.35
N GLN A 329 -5.05 25.50 28.48
CA GLN A 329 -3.64 25.60 28.94
C GLN A 329 -3.33 27.00 29.50
N LYS A 330 -3.80 28.02 28.80
CA LYS A 330 -3.68 29.40 29.24
C LYS A 330 -4.27 29.63 30.66
N ASP A 331 -5.51 29.20 30.82
CA ASP A 331 -6.19 29.29 32.10
C ASP A 331 -5.36 28.62 33.19
N ALA A 332 -4.76 27.46 32.86
CA ALA A 332 -4.02 26.70 33.87
C ALA A 332 -2.71 27.39 34.27
N ILE A 333 -2.05 28.03 33.31
CA ILE A 333 -0.81 28.72 33.61
C ILE A 333 -1.07 30.05 34.35
N LEU A 334 -2.17 30.71 33.98
CA LEU A 334 -2.66 31.91 34.73
C LEU A 334 -2.96 31.53 36.19
N ALA A 335 -3.62 30.39 36.39
CA ALA A 335 -3.97 29.93 37.74
C ALA A 335 -2.72 29.62 38.58
N ALA A 336 -1.71 29.01 37.94
CA ALA A 336 -0.41 28.77 38.57
C ALA A 336 0.31 30.07 38.93
N ALA A 337 0.38 31.02 37.99
CA ALA A 337 0.94 32.33 38.23
C ALA A 337 0.23 33.09 39.39
N ASP A 338 -1.11 33.08 39.41
CA ASP A 338 -1.84 33.78 40.46
C ASP A 338 -1.54 33.17 41.80
N LYS A 339 -1.51 31.84 41.84
CA LYS A 339 -1.24 31.04 43.02
C LYS A 339 0.11 31.39 43.67
N TRP A 340 1.18 31.40 42.88
CA TRP A 340 2.55 31.46 43.42
C TRP A 340 3.24 32.80 43.31
N LEU A 341 2.84 33.56 42.30
CA LEU A 341 3.48 34.81 41.95
C LEU A 341 2.53 35.90 42.48
N THR A 342 3.07 36.95 43.01
CA THR A 342 2.51 37.23 44.38
C THR A 342 2.04 38.58 44.66
N GLY A 343 2.37 39.49 43.76
CA GLY A 343 3.06 40.70 44.16
C GLY A 343 4.56 40.36 44.05
N LEU A 344 4.89 39.23 43.41
CA LEU A 344 6.25 38.88 43.06
C LEU A 344 6.59 39.26 41.61
N ALA A 345 5.58 39.30 40.76
CA ALA A 345 5.79 39.45 39.33
C ALA A 345 4.51 40.00 38.77
N GLU A 346 4.55 40.48 37.51
CA GLU A 346 3.38 41.01 36.85
C GLU A 346 3.37 40.44 35.43
N TRP A 347 2.18 40.23 34.89
CA TRP A 347 2.00 39.65 33.57
C TRP A 347 0.64 40.10 33.04
N HIS A 348 0.53 40.24 31.71
CA HIS A 348 -0.75 40.37 31.05
C HIS A 348 -1.29 39.00 30.64
N VAL A 349 -2.60 38.90 30.57
CA VAL A 349 -3.24 37.72 30.00
C VAL A 349 -2.96 37.68 28.49
N PRO A 350 -2.40 36.55 27.98
CA PRO A 350 -2.15 36.34 26.54
C PRO A 350 -3.46 36.38 25.80
N ALA A 351 -3.48 37.11 24.67
CA ALA A 351 -4.70 37.20 23.87
C ALA A 351 -4.74 36.12 22.78
N ALA A 352 -3.57 35.52 22.49
CA ALA A 352 -3.47 34.44 21.52
C ALA A 352 -2.17 33.73 21.73
N GLY A 353 -1.97 32.60 21.05
CA GLY A 353 -0.69 31.96 21.03
C GLY A 353 -0.43 31.01 22.18
N MET A 354 0.84 30.91 22.57
CA MET A 354 1.22 29.88 23.51
C MET A 354 2.23 30.31 24.55
N PHE A 355 2.42 31.63 24.73
CA PHE A 355 3.38 32.10 25.73
C PHE A 355 2.79 33.11 26.73
N LEU A 356 3.27 32.97 27.97
CA LEU A 356 3.07 33.93 29.05
C LEU A 356 4.33 34.75 29.26
N TRP A 357 4.20 36.08 29.31
CA TRP A 357 5.36 36.95 29.47
C TRP A 357 5.28 37.52 30.88
N ILE A 358 6.27 37.21 31.70
CA ILE A 358 6.28 37.53 33.14
C ILE A 358 7.37 38.53 33.49
N LYS A 359 6.97 39.69 34.03
CA LYS A 359 7.95 40.64 34.56
C LYS A 359 8.23 40.38 36.03
N VAL A 360 9.48 40.03 36.38
CA VAL A 360 9.85 39.75 37.75
C VAL A 360 10.11 41.08 38.48
N LYS A 361 9.45 41.30 39.63
CA LYS A 361 9.63 42.57 40.34
C LYS A 361 10.93 42.55 41.12
N GLY A 362 11.59 43.70 41.20
CA GLY A 362 12.76 43.88 42.07
C GLY A 362 14.01 43.11 41.66
N ILE A 363 14.07 42.66 40.41
CA ILE A 363 15.26 41.95 39.88
C ILE A 363 15.53 42.54 38.52
N ASN A 364 16.70 43.12 38.30
CA ASN A 364 16.83 43.87 37.08
C ASN A 364 17.26 43.02 35.87
N ASP A 365 17.94 41.90 36.14
CA ASP A 365 18.19 40.86 35.11
C ASP A 365 17.93 39.44 35.66
N VAL A 366 17.22 38.63 34.90
CA VAL A 366 16.75 37.35 35.36
C VAL A 366 17.58 36.16 34.83
N LYS A 367 18.72 36.45 34.18
CA LYS A 367 19.55 35.38 33.62
C LYS A 367 20.21 34.50 34.69
N GLU A 368 20.82 35.10 35.69
CA GLU A 368 21.31 34.31 36.80
C GLU A 368 20.21 33.50 37.50
N LEU A 369 19.06 34.14 37.78
CA LEU A 369 17.94 33.47 38.44
C LEU A 369 17.55 32.18 37.73
N ILE A 370 17.54 32.25 36.39
CA ILE A 370 17.08 31.19 35.48
C ILE A 370 18.22 30.30 35.00
N GLU A 371 19.28 30.90 34.45
CA GLU A 371 20.43 30.12 33.92
C GLU A 371 21.14 29.31 35.01
N GLU A 372 21.22 29.87 36.22
CA GLU A 372 21.93 29.24 37.34
C GLU A 372 20.99 28.62 38.38
N LYS A 373 20.13 29.43 38.98
CA LYS A 373 19.32 28.95 40.13
C LYS A 373 18.19 28.00 39.77
N ALA A 374 17.37 28.40 38.82
CA ALA A 374 16.22 27.58 38.41
C ALA A 374 16.65 26.27 37.75
N VAL A 375 17.66 26.33 36.88
CA VAL A 375 18.16 25.07 36.27
C VAL A 375 18.58 24.04 37.33
N LYS A 376 19.18 24.51 38.43
CA LYS A 376 19.65 23.62 39.50
C LYS A 376 18.48 22.93 40.20
N MET A 377 17.34 23.62 40.28
CA MET A 377 16.11 23.04 40.83
C MET A 377 15.25 22.33 39.78
N GLY A 378 15.81 22.14 38.59
CA GLY A 378 15.14 21.39 37.53
C GLY A 378 13.96 22.07 36.88
N VAL A 379 14.00 23.40 36.79
CA VAL A 379 12.86 24.13 36.20
C VAL A 379 13.42 25.16 35.20
N LEU A 380 12.88 25.13 33.99
CA LEU A 380 13.37 25.98 32.91
C LEU A 380 12.29 26.95 32.44
N MET A 381 12.60 28.25 32.48
CA MET A 381 11.82 29.24 31.74
C MET A 381 12.82 30.02 30.90
N LEU A 382 12.33 30.82 29.96
CA LEU A 382 13.24 31.51 29.07
C LEU A 382 13.44 33.00 29.42
N PRO A 383 14.68 33.41 29.72
CA PRO A 383 14.98 34.84 29.94
C PRO A 383 14.62 35.72 28.74
N GLY A 384 14.25 36.96 29.03
CA GLY A 384 13.74 37.88 28.03
C GLY A 384 14.80 38.48 27.10
N ASN A 385 16.08 38.35 27.46
CA ASN A 385 17.19 39.01 26.73
C ASN A 385 17.16 38.77 25.22
N ALA A 386 16.79 37.55 24.80
CA ALA A 386 16.74 37.09 23.40
C ALA A 386 15.77 37.85 22.48
N PHE A 387 14.83 38.53 23.08
CA PHE A 387 13.76 39.15 22.33
C PHE A 387 14.00 40.64 22.09
N TYR A 388 15.22 41.10 22.36
CA TYR A 388 15.58 42.50 22.14
C TYR A 388 16.73 42.59 21.13
N VAL A 389 16.75 43.67 20.36
CA VAL A 389 17.82 43.93 19.37
C VAL A 389 19.16 43.95 20.09
N ASP A 390 19.21 44.66 21.23
CA ASP A 390 20.35 44.57 22.14
C ASP A 390 20.09 43.52 23.25
N SER A 391 20.62 42.30 23.04
CA SER A 391 20.39 41.19 23.97
C SER A 391 21.35 41.19 25.14
N SER A 392 22.31 42.13 25.12
CA SER A 392 23.24 42.27 26.25
C SER A 392 22.62 43.04 27.40
N ALA A 393 21.58 43.82 27.11
CA ALA A 393 20.93 44.64 28.13
C ALA A 393 20.16 43.77 29.13
N PRO A 394 20.14 44.19 30.42
CA PRO A 394 19.41 43.48 31.48
C PRO A 394 17.94 43.33 31.14
N SER A 395 17.34 42.17 31.45
CA SER A 395 15.90 41.97 31.27
C SER A 395 15.29 41.30 32.51
N PRO A 396 14.24 41.93 33.10
CA PRO A 396 13.52 41.35 34.23
C PRO A 396 12.42 40.37 33.79
N TYR A 397 12.38 40.00 32.51
CA TYR A 397 11.25 39.25 31.99
C TYR A 397 11.61 37.80 31.71
N LEU A 398 10.60 36.96 31.83
CA LEU A 398 10.66 35.52 31.61
C LEU A 398 9.58 35.17 30.60
N ARG A 399 9.93 34.42 29.55
CA ARG A 399 8.91 33.72 28.73
C ARG A 399 8.58 32.30 29.26
N ALA A 400 7.31 32.04 29.52
CA ALA A 400 6.91 30.69 29.90
C ALA A 400 5.90 30.14 28.89
N SER A 401 6.19 28.94 28.39
CA SER A 401 5.28 28.29 27.43
C SER A 401 4.21 27.48 28.13
N PHE A 402 3.00 27.63 27.64
CA PHE A 402 1.88 26.80 28.10
C PHE A 402 1.33 25.78 27.11
N SER A 403 2.05 25.52 26.02
CA SER A 403 1.57 24.60 25.01
C SER A 403 1.40 23.15 25.52
N SER A 404 2.26 22.71 26.45
CA SER A 404 2.37 21.25 26.74
C SER A 404 2.29 20.80 28.21
N ALA A 405 2.68 21.69 29.12
CA ALA A 405 2.89 21.28 30.51
C ALA A 405 1.55 20.96 31.16
N SER A 406 1.51 19.92 31.99
CA SER A 406 0.29 19.62 32.73
C SER A 406 0.08 20.71 33.85
N PRO A 407 -1.15 20.79 34.41
CA PRO A 407 -1.32 21.70 35.55
C PRO A 407 -0.37 21.42 36.71
N GLU A 408 -0.11 20.14 36.99
CA GLU A 408 0.78 19.74 38.04
C GLU A 408 2.19 20.27 37.79
N GLN A 409 2.68 20.15 36.56
CA GLN A 409 4.03 20.59 36.34
C GLN A 409 4.16 22.14 36.28
N MET A 410 3.10 22.84 35.85
CA MET A 410 3.05 24.32 35.98
C MET A 410 3.08 24.75 37.46
N ASP A 411 2.35 24.05 38.32
CA ASP A 411 2.27 24.34 39.77
C ASP A 411 3.62 24.20 40.43
N VAL A 412 4.29 23.08 40.17
CA VAL A 412 5.66 22.90 40.64
C VAL A 412 6.64 23.93 40.13
N ALA A 413 6.63 24.22 38.83
CA ALA A 413 7.58 25.20 38.26
C ALA A 413 7.44 26.62 38.82
N PHE A 414 6.21 27.03 39.07
CA PHE A 414 5.87 28.37 39.61
C PHE A 414 6.08 28.47 41.10
N GLN A 415 5.91 27.37 41.82
CA GLN A 415 6.30 27.46 43.23
C GLN A 415 7.81 27.51 43.38
N VAL A 416 8.54 26.80 42.49
CA VAL A 416 10.00 26.81 42.55
C VAL A 416 10.48 28.20 42.15
N LEU A 417 9.96 28.71 41.04
CA LEU A 417 10.21 30.10 40.64
C LEU A 417 10.00 31.12 41.75
N ALA A 418 8.81 31.17 42.35
CA ALA A 418 8.50 32.10 43.46
C ALA A 418 9.54 32.03 44.57
N GLN A 419 9.99 30.81 44.92
CA GLN A 419 10.95 30.59 46.00
C GLN A 419 12.29 31.23 45.62
N LEU A 420 12.75 30.99 44.38
CA LEU A 420 14.03 31.51 43.97
C LEU A 420 14.02 33.02 43.80
N ILE A 421 12.89 33.53 43.34
CA ILE A 421 12.66 34.99 43.28
C ILE A 421 12.83 35.55 44.70
N LYS A 422 12.06 35.02 45.64
CA LYS A 422 12.16 35.53 47.00
C LYS A 422 13.57 35.36 47.59
N GLU A 423 14.26 34.28 47.23
CA GLU A 423 15.63 34.05 47.67
C GLU A 423 16.63 35.02 47.06
N SER A 424 16.24 35.70 45.98
CA SER A 424 17.12 36.58 45.23
C SER A 424 16.87 38.06 45.50
N LEU A 425 15.81 38.39 46.26
CA LEU A 425 15.49 39.80 46.53
C LEU A 425 16.30 40.36 47.71
N MET B 1 44.52 26.93 6.45
CA MET B 1 43.93 28.07 5.66
C MET B 1 42.89 28.95 6.32
N ASN B 2 42.61 30.04 5.61
CA ASN B 2 41.97 31.24 6.12
C ASN B 2 40.55 31.34 5.61
N TYR B 3 39.64 30.68 6.35
CA TYR B 3 38.23 30.60 5.96
C TYR B 3 37.50 31.94 5.93
N ALA B 4 37.98 32.90 6.74
CA ALA B 4 37.34 34.24 6.79
C ALA B 4 37.29 34.92 5.41
N ARG B 5 38.28 34.62 4.56
CA ARG B 5 38.34 35.13 3.17
C ARG B 5 37.08 34.80 2.39
N PHE B 6 36.56 33.59 2.63
CA PHE B 6 35.44 33.10 1.83
C PHE B 6 34.09 33.26 2.51
N ILE B 7 33.99 34.25 3.41
CA ILE B 7 32.76 34.48 4.17
C ILE B 7 32.39 35.96 4.06
N THR B 8 31.18 36.23 3.59
CA THR B 8 30.69 37.59 3.48
C THR B 8 30.64 38.29 4.88
N ALA B 9 30.43 39.62 4.89
CA ALA B 9 30.24 40.37 6.12
C ALA B 9 28.86 40.07 6.71
N ALA B 10 27.83 40.02 5.86
CA ALA B 10 26.53 39.44 6.26
C ALA B 10 26.66 38.02 6.85
N SER B 11 27.30 37.11 6.11
CA SER B 11 27.49 35.73 6.59
C SER B 11 28.24 35.69 7.94
N ALA B 12 29.39 36.38 7.99
CA ALA B 12 30.18 36.48 9.22
C ALA B 12 29.41 37.09 10.42
N ALA B 13 28.42 37.93 10.15
CA ALA B 13 27.59 38.55 11.19
C ALA B 13 26.54 37.61 11.80
N ARG B 14 26.22 36.49 11.13
CA ARG B 14 25.21 35.58 11.64
C ARG B 14 25.61 35.02 13.00
N ASN B 15 24.61 34.89 13.86
CA ASN B 15 24.77 34.38 15.22
C ASN B 15 24.07 33.05 15.43
N PRO B 16 24.68 32.17 16.26
CA PRO B 16 24.02 30.93 16.62
C PRO B 16 22.74 31.12 17.43
N SER B 17 22.82 32.00 18.43
CA SER B 17 22.02 31.96 19.68
C SER B 17 20.47 31.85 19.55
N PRO B 18 19.71 32.58 20.40
CA PRO B 18 19.97 33.06 21.76
C PRO B 18 19.13 32.28 22.80
N ILE B 19 18.52 31.19 22.33
CA ILE B 19 17.44 30.51 23.05
C ILE B 19 17.77 29.05 23.43
N ARG B 20 18.22 28.29 22.44
CA ARG B 20 18.29 26.81 22.55
C ARG B 20 19.57 26.24 23.20
N THR B 21 20.11 27.00 24.16
CA THR B 21 20.98 26.44 25.19
C THR B 21 20.07 25.83 26.27
N MET B 22 18.77 26.14 26.18
CA MET B 22 17.74 25.59 27.06
C MET B 22 17.35 24.17 26.68
N THR B 23 17.23 23.90 25.38
CA THR B 23 17.03 22.52 24.91
C THR B 23 18.27 21.68 25.17
N ASP B 24 19.43 22.33 25.12
CA ASP B 24 20.73 21.75 25.48
C ASP B 24 20.65 21.02 26.84
N ILE B 25 20.34 21.78 27.89
CA ILE B 25 20.36 21.27 29.26
C ILE B 25 19.25 20.25 29.54
N LEU B 26 18.10 20.41 28.89
CA LEU B 26 16.97 19.49 29.04
C LEU B 26 17.33 18.04 28.67
N SER B 27 17.96 17.86 27.50
CA SER B 27 18.38 16.54 27.00
C SER B 27 19.23 15.78 28.02
N ARG B 28 20.30 16.43 28.48
CA ARG B 28 21.27 15.84 29.41
C ARG B 28 20.93 16.03 30.90
N GLY B 29 19.68 16.43 31.18
CA GLY B 29 19.18 16.53 32.57
C GLY B 29 18.31 15.34 32.97
N PRO B 30 17.84 15.33 34.24
CA PRO B 30 17.03 14.19 34.73
C PRO B 30 15.66 14.21 34.11
N LYS B 31 14.96 13.08 34.14
CA LYS B 31 13.61 13.00 33.56
C LYS B 31 12.61 13.87 34.33
N SER B 32 12.94 14.19 35.58
CA SER B 32 12.08 14.98 36.45
C SER B 32 12.12 16.49 36.15
N MET B 33 13.04 16.90 35.27
CA MET B 33 13.18 18.30 34.85
C MET B 33 11.93 18.83 34.11
N ILE B 34 11.48 20.02 34.50
CA ILE B 34 10.31 20.69 33.92
C ILE B 34 10.75 21.90 33.10
N SER B 35 10.39 21.92 31.83
CA SER B 35 10.69 23.05 30.99
C SER B 35 9.46 23.79 30.50
N LEU B 36 9.47 25.11 30.69
CA LEU B 36 8.50 25.97 30.04
C LEU B 36 9.24 26.92 29.11
N ALA B 37 10.49 26.58 28.76
CA ALA B 37 11.39 27.51 28.08
C ALA B 37 11.34 27.40 26.54
N GLY B 38 10.78 26.29 26.03
CA GLY B 38 10.83 26.01 24.60
C GLY B 38 9.65 26.54 23.83
N GLY B 39 9.79 26.59 22.51
CA GLY B 39 8.73 27.18 21.70
C GLY B 39 8.02 26.19 20.79
N LEU B 40 8.12 24.91 21.15
CA LEU B 40 7.49 23.83 20.41
C LEU B 40 5.97 23.85 20.61
N PRO B 41 5.19 23.82 19.50
CA PRO B 41 3.73 23.65 19.71
C PRO B 41 3.46 22.19 20.14
N ASN B 42 2.32 21.97 20.78
CA ASN B 42 1.86 20.67 21.24
C ASN B 42 1.55 19.78 20.01
N PRO B 43 2.31 18.69 19.84
CA PRO B 43 2.15 17.84 18.64
C PRO B 43 0.83 17.04 18.68
N ASN B 44 0.23 16.91 19.86
CA ASN B 44 -1.03 16.17 20.00
C ASN B 44 -2.19 16.77 19.27
N MET B 45 -2.12 18.07 18.98
CA MET B 45 -3.12 18.80 18.22
C MET B 45 -3.10 18.49 16.72
N PHE B 46 -1.97 17.96 16.22
CA PHE B 46 -1.78 17.72 14.78
C PHE B 46 -2.57 16.55 14.30
N PRO B 47 -3.23 16.71 13.13
CA PRO B 47 -4.30 15.75 12.69
C PRO B 47 -3.86 14.40 12.13
N PHE B 48 -2.67 14.31 11.51
CA PHE B 48 -2.08 13.07 11.07
C PHE B 48 -1.58 12.24 12.24
N LYS B 49 -1.94 10.95 12.26
CA LYS B 49 -1.69 10.09 13.47
C LYS B 49 -0.66 8.93 13.29
N THR B 50 -0.68 8.27 12.14
CA THR B 50 0.25 7.16 11.81
C THR B 50 0.48 7.15 10.30
N ALA B 51 1.56 6.50 9.87
CA ALA B 51 1.87 6.39 8.43
C ALA B 51 2.35 4.99 8.13
N VAL B 52 1.93 4.45 7.00
CA VAL B 52 2.46 3.20 6.49
C VAL B 52 2.95 3.47 5.07
N ILE B 53 4.22 3.22 4.80
CA ILE B 53 4.75 3.55 3.48
C ILE B 53 5.48 2.34 2.93
N THR B 54 4.96 1.80 1.83
CA THR B 54 5.56 0.62 1.21
C THR B 54 6.80 0.98 0.43
N VAL B 55 7.72 0.04 0.41
CA VAL B 55 9.01 0.18 -0.24
C VAL B 55 9.25 -1.00 -1.19
N GLU B 56 9.70 -0.70 -2.40
CA GLU B 56 10.12 -1.78 -3.29
C GLU B 56 11.54 -2.23 -2.95
N ASN B 57 11.72 -3.55 -2.87
CA ASN B 57 13.03 -4.17 -2.50
C ASN B 57 13.35 -3.76 -1.06
N GLY B 58 12.31 -3.84 -0.22
CA GLY B 58 12.35 -3.22 1.06
C GLY B 58 11.18 -3.53 1.96
N LYS B 59 11.43 -3.26 3.23
CA LYS B 59 10.44 -3.54 4.22
C LYS B 59 9.70 -2.24 4.45
N THR B 60 8.40 -2.38 4.75
CA THR B 60 7.58 -1.22 4.81
C THR B 60 7.90 -0.32 6.01
N ILE B 61 7.83 0.98 5.76
CA ILE B 61 8.09 2.00 6.75
C ILE B 61 6.82 2.34 7.53
N GLN B 62 6.92 2.19 8.85
CA GLN B 62 5.79 2.43 9.73
C GLN B 62 6.16 3.54 10.71
N PHE B 63 5.37 4.61 10.74
CA PHE B 63 5.48 5.63 11.78
C PHE B 63 4.32 5.41 12.71
N GLY B 64 4.56 4.82 13.89
CA GLY B 64 3.47 4.71 14.86
C GLY B 64 3.17 6.05 15.50
N GLU B 65 2.28 6.04 16.50
CA GLU B 65 1.76 7.28 17.05
C GLU B 65 2.87 8.19 17.57
N GLU B 66 3.87 7.61 18.25
CA GLU B 66 4.97 8.40 18.81
C GLU B 66 5.96 8.93 17.75
N MET B 67 6.31 8.09 16.78
CA MET B 67 7.20 8.49 15.67
C MET B 67 6.55 9.55 14.77
N MET B 68 5.24 9.44 14.55
CA MET B 68 4.51 10.47 13.81
C MET B 68 4.53 11.85 14.50
N LYS B 69 4.23 11.89 15.80
CA LYS B 69 4.40 13.13 16.55
C LYS B 69 5.82 13.77 16.34
N ARG B 70 6.86 12.94 16.29
CA ARG B 70 8.18 13.43 16.06
C ARG B 70 8.30 13.97 14.60
N ALA B 71 7.74 13.21 13.65
CA ALA B 71 7.74 13.55 12.22
C ALA B 71 7.01 14.87 11.95
N LEU B 72 6.01 15.18 12.79
CA LEU B 72 5.22 16.40 12.59
C LEU B 72 5.76 17.62 13.33
N GLN B 73 6.86 17.43 14.07
CA GLN B 73 7.37 18.44 15.00
C GLN B 73 8.66 19.06 14.50
N TYR B 74 8.97 20.28 14.93
CA TYR B 74 10.28 20.87 14.65
C TYR B 74 11.42 19.90 14.99
N SER B 75 12.51 19.98 14.23
CA SER B 75 13.69 19.15 14.49
C SER B 75 14.94 20.03 14.26
N PRO B 76 16.15 19.53 14.56
CA PRO B 76 17.37 20.38 14.45
C PRO B 76 17.72 20.95 13.04
N SER B 77 18.35 22.13 13.03
CA SER B 77 18.64 22.82 11.77
C SER B 77 19.47 22.03 10.76
N ALA B 78 20.48 21.29 11.26
CA ALA B 78 21.39 20.59 10.39
C ALA B 78 20.86 19.24 9.92
N GLY B 79 19.77 18.77 10.52
CA GLY B 79 19.12 17.49 10.19
C GLY B 79 18.85 16.62 11.41
N ILE B 80 18.01 15.57 11.29
CA ILE B 80 17.80 14.64 12.43
C ILE B 80 19.14 13.89 12.70
N PRO B 81 19.47 13.59 13.98
CA PRO B 81 20.80 13.02 14.24
C PRO B 81 21.04 11.70 13.54
N GLU B 82 20.02 10.85 13.38
CA GLU B 82 20.32 9.53 12.77
C GLU B 82 20.62 9.64 11.28
N LEU B 83 20.10 10.66 10.62
CA LEU B 83 20.37 10.86 9.20
C LEU B 83 21.76 11.45 9.02
N LEU B 84 22.06 12.43 9.85
CA LEU B 84 23.42 13.01 9.83
C LEU B 84 24.50 11.96 10.02
N SER B 85 24.35 11.13 11.04
CA SER B 85 25.38 10.15 11.30
C SER B 85 25.48 9.12 10.16
N TRP B 86 24.34 8.62 9.66
CA TRP B 86 24.33 7.73 8.48
C TRP B 86 25.07 8.37 7.30
N LEU B 87 24.73 9.62 6.98
CA LEU B 87 25.34 10.34 5.89
C LEU B 87 26.83 10.60 6.08
N LYS B 88 27.27 10.98 7.28
CA LYS B 88 28.71 11.19 7.57
C LYS B 88 29.47 9.87 7.44
N GLN B 89 28.91 8.79 7.95
CA GLN B 89 29.53 7.46 7.78
C GLN B 89 29.62 7.06 6.31
N LEU B 90 28.59 7.36 5.52
CA LEU B 90 28.61 7.15 4.07
C LEU B 90 29.79 7.87 3.39
N GLN B 91 29.97 9.14 3.75
CA GLN B 91 31.01 9.96 3.15
C GLN B 91 32.39 9.40 3.50
N ILE B 92 32.55 8.97 4.74
CA ILE B 92 33.77 8.26 5.13
C ILE B 92 33.99 7.03 4.23
N LYS B 93 32.97 6.20 4.07
CA LYS B 93 33.10 5.00 3.25
C LYS B 93 33.36 5.29 1.80
N LEU B 94 32.70 6.32 1.28
CA LEU B 94 32.77 6.58 -0.16
C LEU B 94 33.96 7.40 -0.55
N HIS B 95 34.40 8.27 0.34
CA HIS B 95 35.31 9.31 -0.05
C HIS B 95 36.50 9.41 0.87
N ASN B 96 36.37 8.78 2.04
CA ASN B 96 37.35 8.87 3.11
C ASN B 96 38.11 10.22 3.13
N PRO B 97 37.41 11.34 3.40
CA PRO B 97 38.08 12.66 3.25
C PRO B 97 39.26 12.82 4.24
N PRO B 98 40.41 13.36 3.78
CA PRO B 98 41.61 13.52 4.62
C PRO B 98 41.35 14.28 5.93
N THR B 99 40.34 15.11 5.85
CA THR B 99 39.96 16.17 6.77
C THR B 99 39.07 15.67 7.97
N ILE B 100 38.68 14.41 7.98
CA ILE B 100 37.75 13.95 9.02
C ILE B 100 38.16 14.15 10.47
N HIS B 101 39.48 14.03 10.78
CA HIS B 101 39.98 14.19 12.17
C HIS B 101 40.78 15.48 12.41
N TYR B 102 40.61 16.47 11.54
CA TYR B 102 41.24 17.78 11.74
C TYR B 102 40.51 18.48 12.86
N PRO B 103 41.20 19.41 13.55
CA PRO B 103 40.50 20.35 14.43
C PRO B 103 39.43 21.14 13.65
N PRO B 104 38.28 21.42 14.29
CA PRO B 104 37.21 22.21 13.67
C PRO B 104 37.67 23.49 12.99
N SER B 105 38.55 24.27 13.63
CA SER B 105 38.98 25.56 13.10
C SER B 105 39.81 25.39 11.83
N GLN B 106 40.42 24.22 11.70
CA GLN B 106 41.06 23.81 10.47
C GLN B 106 39.93 23.10 9.68
N GLY B 107 40.19 22.30 8.68
CA GLY B 107 39.01 21.99 7.85
C GLY B 107 38.02 20.90 8.25
N GLN B 108 37.83 20.63 9.54
CA GLN B 108 37.23 19.34 9.95
C GLN B 108 36.00 19.08 9.12
N MET B 109 35.90 17.90 8.51
CA MET B 109 34.70 17.60 7.72
C MET B 109 33.44 17.77 8.52
N ASP B 110 32.49 18.50 7.96
CA ASP B 110 31.18 18.55 8.51
C ASP B 110 30.13 18.29 7.45
N LEU B 111 28.89 18.10 7.89
CA LEU B 111 27.80 17.76 6.99
C LEU B 111 26.48 18.29 7.53
N CYS B 112 25.68 18.83 6.60
CA CYS B 112 24.41 19.48 6.84
C CYS B 112 23.40 18.84 5.86
N VAL B 113 22.29 18.32 6.37
CA VAL B 113 21.14 17.97 5.53
C VAL B 113 20.44 19.27 5.03
N THR B 114 20.20 19.37 3.73
CA THR B 114 19.55 20.58 3.20
C THR B 114 18.22 20.23 2.54
N SER B 115 17.40 21.25 2.26
CA SER B 115 16.13 21.09 1.57
C SER B 115 16.38 21.02 0.07
N GLY B 116 16.90 19.88 -0.38
CA GLY B 116 17.45 19.68 -1.66
C GLY B 116 18.89 20.16 -1.69
N SER B 117 19.69 19.62 -2.60
CA SER B 117 21.06 20.04 -2.70
C SER B 117 21.21 21.46 -3.23
N GLN B 118 20.27 21.90 -4.06
CA GLN B 118 20.31 23.28 -4.55
C GLN B 118 20.18 24.29 -3.40
N GLN B 119 19.46 23.97 -2.32
CA GLN B 119 19.46 24.90 -1.17
C GLN B 119 20.84 25.14 -0.58
N GLY B 120 21.62 24.06 -0.41
CA GLY B 120 22.99 24.14 0.11
C GLY B 120 23.93 24.90 -0.80
N LEU B 121 23.84 24.64 -2.11
CA LEU B 121 24.58 25.43 -3.10
C LEU B 121 24.24 26.90 -3.06
N CYS B 122 22.97 27.22 -3.01
CA CYS B 122 22.58 28.62 -3.02
C CYS B 122 23.11 29.37 -1.81
N LYS B 123 23.17 28.70 -0.65
CA LYS B 123 23.67 29.35 0.59
C LYS B 123 25.19 29.47 0.62
N VAL B 124 25.85 28.49 0.01
CA VAL B 124 27.27 28.59 -0.23
C VAL B 124 27.64 29.81 -1.12
N PHE B 125 27.03 29.89 -2.30
CA PHE B 125 27.13 31.08 -3.16
C PHE B 125 26.89 32.38 -2.35
N GLU B 126 25.77 32.45 -1.60
CA GLU B 126 25.44 33.63 -0.78
C GLU B 126 26.48 33.93 0.31
N MET B 127 26.98 32.88 0.96
CA MET B 127 28.03 32.96 1.97
C MET B 127 29.34 33.57 1.48
N ILE B 128 29.70 33.33 0.22
CA ILE B 128 31.02 33.68 -0.31
C ILE B 128 31.04 34.98 -1.09
N ILE B 129 30.05 35.17 -1.94
CA ILE B 129 30.14 36.14 -3.04
C ILE B 129 29.80 37.59 -2.68
N ASN B 130 30.77 38.48 -2.89
CA ASN B 130 30.57 39.93 -2.97
C ASN B 130 30.54 40.36 -4.42
N PRO B 131 29.68 41.36 -4.76
CA PRO B 131 29.57 41.85 -6.14
C PRO B 131 30.96 42.24 -6.71
N GLY B 132 31.29 41.78 -7.90
CA GLY B 132 32.64 41.98 -8.43
C GLY B 132 33.63 40.84 -8.20
N ASP B 133 33.33 39.91 -7.27
CA ASP B 133 34.20 38.76 -7.02
C ASP B 133 34.41 37.93 -8.33
N ASN B 134 35.59 37.36 -8.52
CA ASN B 134 35.80 36.42 -9.63
C ASN B 134 35.51 35.00 -9.22
N VAL B 135 34.82 34.30 -10.10
CA VAL B 135 34.50 32.91 -9.87
C VAL B 135 34.67 32.15 -11.18
N LEU B 136 34.96 30.87 -11.05
CA LEU B 136 35.39 30.06 -12.17
C LEU B 136 34.38 28.93 -12.34
N LEU B 137 33.97 28.67 -13.58
CA LEU B 137 33.26 27.44 -13.90
C LEU B 137 33.37 27.09 -15.40
N ASP B 138 32.88 25.90 -15.77
CA ASP B 138 32.83 25.51 -17.16
C ASP B 138 31.46 25.72 -17.75
N GLU B 139 31.41 26.35 -18.93
CA GLU B 139 30.18 26.46 -19.71
C GLU B 139 30.28 25.39 -20.81
N PRO B 140 29.14 24.77 -21.20
CA PRO B 140 27.81 25.00 -20.64
C PRO B 140 27.64 24.44 -19.21
N ALA B 141 26.75 25.09 -18.46
CA ALA B 141 26.54 24.77 -17.07
C ALA B 141 25.05 24.76 -16.73
N TYR B 142 24.71 24.12 -15.63
CA TYR B 142 23.35 24.03 -15.17
C TYR B 142 22.72 25.42 -15.05
N SER B 143 21.55 25.54 -15.65
CA SER B 143 20.83 26.79 -15.70
C SER B 143 20.52 27.34 -14.31
N GLY B 144 20.20 26.46 -13.38
CA GLY B 144 19.86 26.93 -12.04
C GLY B 144 21.04 27.58 -11.34
N THR B 145 22.24 27.03 -11.55
CA THR B 145 23.42 27.65 -10.99
C THR B 145 23.69 29.02 -11.65
N LEU B 146 23.46 29.13 -12.98
CA LEU B 146 23.67 30.41 -13.68
C LEU B 146 22.68 31.45 -13.19
N GLN B 147 21.44 31.01 -12.98
CA GLN B 147 20.39 31.89 -12.49
C GLN B 147 20.54 32.29 -11.01
N SER B 148 21.22 31.43 -10.23
CA SER B 148 21.60 31.72 -8.85
C SER B 148 22.76 32.75 -8.78
N LEU B 149 23.79 32.58 -9.62
CA LEU B 149 24.99 33.42 -9.56
C LEU B 149 24.86 34.82 -10.13
N HIS B 150 23.95 34.97 -11.09
CA HIS B 150 23.79 36.24 -11.83
C HIS B 150 23.45 37.41 -10.89
N PRO B 151 22.43 37.23 -10.00
CA PRO B 151 22.01 38.35 -9.15
C PRO B 151 23.03 38.72 -8.09
N LEU B 152 23.99 37.84 -7.84
CA LEU B 152 25.05 38.10 -6.88
C LEU B 152 26.16 39.00 -7.46
N GLY B 153 26.04 39.26 -8.76
CA GLY B 153 26.92 40.20 -9.46
C GLY B 153 28.38 39.78 -9.48
N CYS B 154 28.65 38.48 -9.47
CA CYS B 154 30.04 38.06 -9.62
C CYS B 154 30.41 38.08 -11.11
N ASN B 155 31.73 38.06 -11.40
CA ASN B 155 32.23 37.86 -12.75
C ASN B 155 32.52 36.39 -12.95
N ILE B 156 31.75 35.74 -13.80
CA ILE B 156 32.04 34.36 -14.17
C ILE B 156 33.11 34.33 -15.27
N ILE B 157 34.24 33.71 -14.97
CA ILE B 157 35.28 33.44 -15.95
C ILE B 157 35.09 32.00 -16.41
N ASN B 158 34.74 31.81 -17.69
CA ASN B 158 34.58 30.49 -18.26
C ASN B 158 35.94 29.78 -18.37
N VAL B 159 35.95 28.51 -17.99
CA VAL B 159 37.16 27.68 -18.06
C VAL B 159 36.80 26.72 -19.19
N ALA B 160 37.77 26.42 -20.06
CA ALA B 160 37.51 25.54 -21.22
C ALA B 160 37.24 24.11 -20.79
N SER B 161 36.39 23.43 -21.56
CA SER B 161 36.03 22.04 -21.25
C SER B 161 35.83 21.24 -22.52
N ASP B 162 36.03 19.93 -22.41
CA ASP B 162 35.83 19.05 -23.56
C ASP B 162 35.13 17.78 -23.07
N GLU B 163 35.25 16.69 -23.84
CA GLU B 163 34.66 15.39 -23.49
C GLU B 163 35.00 14.95 -22.06
N SER B 164 36.19 15.33 -21.58
CA SER B 164 36.65 14.95 -20.24
C SER B 164 36.48 16.01 -19.12
N GLY B 165 35.62 17.00 -19.35
CA GLY B 165 35.27 17.99 -18.33
C GLY B 165 36.15 19.21 -18.47
N ILE B 166 36.30 20.01 -17.40
CA ILE B 166 37.20 21.15 -17.51
C ILE B 166 38.61 20.70 -17.94
N VAL B 167 39.25 21.49 -18.83
CA VAL B 167 40.61 21.24 -19.30
C VAL B 167 41.57 21.95 -18.34
N PRO B 168 42.42 21.21 -17.61
CA PRO B 168 43.32 21.93 -16.70
C PRO B 168 44.30 22.94 -17.34
N ASP B 169 44.71 22.75 -18.60
CA ASP B 169 45.54 23.77 -19.27
C ASP B 169 44.84 25.12 -19.33
N SER B 170 43.55 25.08 -19.67
CA SER B 170 42.71 26.27 -19.71
C SER B 170 42.62 26.94 -18.33
N LEU B 171 42.38 26.14 -17.30
CA LEU B 171 42.39 26.67 -15.92
C LEU B 171 43.77 27.25 -15.53
N ARG B 172 44.83 26.50 -15.78
CA ARG B 172 46.18 26.95 -15.48
C ARG B 172 46.50 28.29 -16.14
N ASP B 173 46.17 28.38 -17.42
CA ASP B 173 46.40 29.58 -18.22
C ASP B 173 45.59 30.78 -17.69
N ILE B 174 44.36 30.55 -17.27
CA ILE B 174 43.51 31.63 -16.71
C ILE B 174 44.12 32.16 -15.42
N LEU B 175 44.64 31.26 -14.58
CA LEU B 175 45.18 31.66 -13.28
C LEU B 175 46.52 32.42 -13.38
N SER B 176 47.22 32.31 -14.51
CA SER B 176 48.50 33.01 -14.67
C SER B 176 48.36 34.55 -14.75
N ARG B 177 47.13 35.04 -14.90
CA ARG B 177 46.83 36.47 -14.74
C ARG B 177 47.28 36.99 -13.36
N TRP B 178 47.30 36.10 -12.37
CA TRP B 178 47.68 36.43 -10.98
C TRP B 178 49.00 35.72 -10.66
N LYS B 179 49.69 36.14 -9.60
CA LYS B 179 50.71 35.28 -9.00
C LYS B 179 50.00 34.57 -7.85
N PRO B 180 50.48 33.38 -7.45
CA PRO B 180 49.91 32.60 -6.33
C PRO B 180 49.76 33.42 -5.04
N GLU B 181 50.73 34.30 -4.78
CA GLU B 181 50.77 35.18 -3.59
C GLU B 181 49.63 36.21 -3.52
N ASP B 182 49.06 36.58 -4.68
CA ASP B 182 47.93 37.52 -4.76
C ASP B 182 46.65 37.04 -4.04
N ALA B 183 46.57 35.73 -3.79
CA ALA B 183 45.46 35.13 -3.03
C ALA B 183 45.46 35.63 -1.59
N LYS B 184 46.66 35.84 -1.04
CA LYS B 184 46.86 36.36 0.30
C LYS B 184 46.32 37.77 0.44
N ASN B 185 45.95 38.40 -0.67
CA ASN B 185 45.57 39.80 -0.68
C ASN B 185 44.27 40.15 -1.42
N PRO B 186 43.19 40.47 -0.65
CA PRO B 186 41.81 40.64 -1.15
C PRO B 186 41.59 41.56 -2.35
N GLN B 187 42.34 42.65 -2.43
CA GLN B 187 41.95 43.75 -3.34
C GLN B 187 42.12 43.50 -4.85
N LYS B 188 43.09 42.67 -5.22
CA LYS B 188 43.21 42.27 -6.61
C LYS B 188 42.48 40.96 -6.97
N ASN B 189 41.61 40.47 -6.09
CA ASN B 189 40.46 39.68 -6.53
C ASN B 189 40.83 38.32 -7.20
N THR B 190 41.67 37.52 -6.57
CA THR B 190 41.90 36.17 -7.11
C THR B 190 40.56 35.39 -7.01
N PRO B 191 40.34 34.41 -7.91
CA PRO B 191 39.02 33.74 -7.78
C PRO B 191 38.72 33.11 -6.41
N LYS B 192 37.47 33.23 -5.96
CA LYS B 192 36.99 32.70 -4.67
C LYS B 192 36.85 31.18 -4.71
N PHE B 193 36.34 30.69 -5.84
CA PHE B 193 36.11 29.28 -5.98
C PHE B 193 36.03 28.89 -7.46
N LEU B 194 36.19 27.58 -7.67
CA LEU B 194 35.88 26.89 -8.93
C LEU B 194 34.64 26.08 -8.66
N TYR B 195 33.62 26.27 -9.46
CA TYR B 195 32.43 25.45 -9.41
C TYR B 195 32.43 24.44 -10.59
N THR B 196 32.21 23.16 -10.29
CA THR B 196 31.98 22.19 -11.38
C THR B 196 31.01 21.09 -10.99
N VAL B 197 30.32 20.55 -12.02
CA VAL B 197 29.55 19.32 -11.90
C VAL B 197 30.43 18.21 -12.52
N PRO B 198 31.12 17.42 -11.68
CA PRO B 198 32.16 16.49 -12.15
C PRO B 198 31.63 15.24 -12.84
N ASN B 199 30.40 14.84 -12.55
CA ASN B 199 29.82 13.66 -13.16
C ASN B 199 28.54 14.00 -13.83
N GLY B 200 28.45 13.63 -15.11
CA GLY B 200 27.28 13.84 -15.96
C GLY B 200 26.77 15.25 -15.94
N ASN B 201 27.64 16.20 -16.30
CA ASN B 201 27.28 17.60 -16.33
C ASN B 201 25.92 17.80 -17.03
N ASN B 202 25.11 18.67 -16.45
CA ASN B 202 23.88 19.07 -17.08
C ASN B 202 24.20 20.44 -17.68
N PRO B 203 24.19 20.56 -19.03
CA PRO B 203 23.52 19.69 -19.99
C PRO B 203 24.41 18.68 -20.74
N THR B 204 25.71 18.59 -20.46
CA THR B 204 26.58 17.90 -21.44
C THR B 204 26.72 16.37 -21.38
N GLY B 205 26.53 15.77 -20.19
CA GLY B 205 26.83 14.38 -19.96
C GLY B 205 28.29 14.00 -19.70
N ASN B 206 29.22 14.95 -19.78
CA ASN B 206 30.67 14.64 -19.65
C ASN B 206 31.09 14.59 -18.20
N SER B 207 32.07 13.74 -17.88
CA SER B 207 32.59 13.65 -16.54
C SER B 207 34.10 13.93 -16.52
N LEU B 208 34.57 14.55 -15.42
CA LEU B 208 36.00 14.70 -15.16
C LEU B 208 36.64 13.35 -14.97
N THR B 209 37.90 13.23 -15.39
CA THR B 209 38.71 12.06 -15.13
C THR B 209 39.42 12.29 -13.82
N SER B 210 40.02 11.23 -13.27
CA SER B 210 40.69 11.26 -11.95
C SER B 210 41.96 12.08 -11.98
N GLU B 211 42.66 12.01 -13.11
CA GLU B 211 43.92 12.69 -13.36
C GLU B 211 43.68 14.19 -13.54
N ARG B 212 42.64 14.57 -14.27
CA ARG B 212 42.31 16.00 -14.36
C ARG B 212 41.91 16.58 -12.99
N LYS B 213 41.09 15.84 -12.22
CA LYS B 213 40.77 16.21 -10.84
C LYS B 213 42.02 16.54 -10.02
N LYS B 214 43.01 15.66 -10.00
CA LYS B 214 44.29 15.93 -9.29
C LYS B 214 44.97 17.24 -9.72
N GLU B 215 45.07 17.50 -11.04
CA GLU B 215 45.65 18.74 -11.59
C GLU B 215 44.83 19.97 -11.20
N ILE B 216 43.51 19.83 -11.20
CA ILE B 216 42.59 20.91 -10.82
C ILE B 216 42.73 21.23 -9.32
N TYR B 217 42.81 20.17 -8.48
CA TYR B 217 43.09 20.34 -7.07
C TYR B 217 44.46 21.00 -6.79
N GLU B 218 45.47 20.57 -7.53
CA GLU B 218 46.81 21.21 -7.48
C GLU B 218 46.72 22.73 -7.73
N LEU B 219 45.92 23.11 -8.73
CA LEU B 219 45.71 24.52 -9.09
C LEU B 219 45.01 25.29 -7.95
N ALA B 220 44.00 24.66 -7.35
CA ALA B 220 43.25 25.25 -6.23
C ALA B 220 44.13 25.51 -5.02
N ARG B 221 45.02 24.57 -4.72
CA ARG B 221 46.00 24.77 -3.64
C ARG B 221 46.97 25.90 -3.99
N LYS B 222 47.38 25.92 -5.26
CA LYS B 222 48.37 26.87 -5.76
C LYS B 222 47.88 28.32 -5.69
N TYR B 223 46.64 28.53 -6.11
CA TYR B 223 46.03 29.87 -6.12
C TYR B 223 45.03 30.04 -4.97
N ASP B 224 45.04 29.07 -4.06
CA ASP B 224 44.19 29.05 -2.86
C ASP B 224 42.75 29.54 -3.08
N PHE B 225 42.02 28.82 -3.95
CA PHE B 225 40.56 28.95 -4.03
C PHE B 225 39.88 27.66 -3.58
N LEU B 226 38.59 27.76 -3.32
CA LEU B 226 37.76 26.62 -2.93
C LEU B 226 37.32 25.88 -4.21
N ILE B 227 37.02 24.59 -4.08
CA ILE B 227 36.29 23.88 -5.14
C ILE B 227 34.88 23.58 -4.64
N ILE B 228 33.89 24.07 -5.36
CA ILE B 228 32.57 23.59 -5.08
C ILE B 228 32.11 22.46 -6.02
N GLU B 229 31.99 21.29 -5.42
CA GLU B 229 31.76 20.03 -6.11
C GLU B 229 30.27 19.77 -6.03
N ASP B 230 29.55 20.21 -7.06
CA ASP B 230 28.12 19.95 -7.19
C ASP B 230 27.92 18.64 -7.97
N ASP B 231 27.61 17.59 -7.21
CA ASP B 231 27.71 16.25 -7.72
C ASP B 231 26.38 15.43 -7.58
N PRO B 232 25.26 15.95 -8.15
CA PRO B 232 23.98 15.23 -8.03
C PRO B 232 23.83 13.96 -8.86
N TYR B 233 24.76 13.74 -9.79
CA TYR B 233 24.74 12.53 -10.65
C TYR B 233 25.89 11.63 -10.26
N TYR B 234 26.45 11.88 -9.09
CA TYR B 234 27.49 11.04 -8.55
C TYR B 234 27.02 9.58 -8.46
N PHE B 235 25.76 9.35 -8.11
CA PHE B 235 25.27 7.96 -8.04
C PHE B 235 24.68 7.45 -9.37
N LEU B 236 24.95 8.16 -10.46
CA LEU B 236 24.45 7.77 -11.78
C LEU B 236 25.58 7.63 -12.81
N GLN B 237 26.75 7.15 -12.37
CA GLN B 237 27.87 6.98 -13.26
C GLN B 237 27.72 5.61 -13.95
N PHE B 238 27.81 5.60 -15.26
CA PHE B 238 27.71 4.37 -16.02
C PHE B 238 28.91 3.43 -15.87
N ASN B 239 30.12 3.99 -15.83
CA ASN B 239 31.30 3.23 -15.48
C ASN B 239 31.15 2.86 -14.01
N LYS B 240 31.14 1.57 -13.69
CA LYS B 240 30.79 1.21 -12.31
C LYS B 240 31.95 1.24 -11.29
N PHE B 241 33.16 1.58 -11.77
CA PHE B 241 34.25 2.04 -10.94
C PHE B 241 34.19 3.58 -10.89
N ARG B 242 33.75 4.11 -9.74
CA ARG B 242 33.47 5.57 -9.65
C ARG B 242 34.76 6.34 -9.56
N VAL B 243 34.88 7.42 -10.34
CA VAL B 243 36.06 8.27 -10.24
C VAL B 243 36.14 8.97 -8.84
N PRO B 244 37.35 8.97 -8.23
CA PRO B 244 37.64 9.70 -7.00
C PRO B 244 37.06 11.12 -7.00
N THR B 245 36.44 11.54 -5.91
CA THR B 245 35.87 12.88 -5.82
C THR B 245 36.92 13.88 -5.38
N PHE B 246 36.66 15.16 -5.64
CA PHE B 246 37.45 16.24 -5.03
C PHE B 246 37.48 16.12 -3.51
N LEU B 247 36.34 15.75 -2.93
CA LEU B 247 36.26 15.57 -1.48
C LEU B 247 37.24 14.51 -1.00
N SER B 248 37.41 13.46 -1.82
CA SER B 248 38.29 12.36 -1.46
C SER B 248 39.78 12.73 -1.45
N MET B 249 40.13 13.76 -2.18
CA MET B 249 41.52 14.24 -2.24
C MET B 249 41.77 15.53 -1.41
N ASP B 250 40.77 15.93 -0.63
CA ASP B 250 40.77 17.28 -0.06
C ASP B 250 41.60 17.41 1.21
N VAL B 251 42.92 17.36 1.04
CA VAL B 251 43.82 17.40 2.17
C VAL B 251 43.94 18.80 2.80
N ASP B 252 43.69 19.86 2.03
CA ASP B 252 43.66 21.27 2.54
C ASP B 252 42.37 21.71 3.27
N GLY B 253 41.25 21.01 3.04
CA GLY B 253 39.96 21.49 3.54
C GLY B 253 39.42 22.63 2.71
N ARG B 254 39.55 22.53 1.41
CA ARG B 254 39.06 23.59 0.51
C ARG B 254 37.90 23.12 -0.38
N VAL B 255 37.37 21.94 -0.11
CA VAL B 255 36.24 21.47 -0.94
C VAL B 255 34.89 21.57 -0.24
N ILE B 256 33.91 22.13 -0.93
CA ILE B 256 32.51 22.03 -0.51
C ILE B 256 31.75 21.14 -1.51
N ARG B 257 31.14 20.05 -1.01
CA ARG B 257 30.50 19.01 -1.84
C ARG B 257 28.99 19.01 -1.65
N ALA B 258 28.23 19.09 -2.74
CA ALA B 258 26.78 18.93 -2.64
C ALA B 258 26.40 17.59 -3.26
N ASP B 259 25.66 16.80 -2.47
CA ASP B 259 25.04 15.56 -2.88
C ASP B 259 23.53 15.67 -2.87
N SER B 260 22.91 14.85 -3.71
CA SER B 260 21.47 14.92 -3.87
C SER B 260 20.92 13.49 -3.86
N PHE B 261 19.78 13.30 -3.25
CA PHE B 261 19.02 12.07 -3.40
C PHE B 261 17.96 12.23 -4.46
N SER B 262 17.94 13.39 -5.11
CA SER B 262 16.84 13.76 -5.99
C SER B 262 16.64 12.82 -7.16
N LYS B 263 17.77 12.32 -7.69
CA LYS B 263 17.77 11.45 -8.88
C LYS B 263 17.57 9.99 -8.51
N ILE B 264 17.97 9.61 -7.30
CA ILE B 264 17.95 8.19 -6.96
C ILE B 264 16.85 7.78 -5.97
N ILE B 265 16.40 8.69 -5.11
CA ILE B 265 15.49 8.33 -4.04
C ILE B 265 14.19 9.13 -4.09
N SER B 266 14.32 10.45 -4.23
CA SER B 266 13.18 11.34 -4.40
C SER B 266 13.60 12.79 -4.60
N SER B 267 13.15 13.33 -5.72
CA SER B 267 13.25 14.76 -5.96
C SER B 267 12.22 15.58 -5.19
N GLY B 268 11.00 15.07 -5.04
CA GLY B 268 9.90 15.85 -4.49
C GLY B 268 9.96 15.97 -2.97
N LEU B 269 10.70 15.08 -2.31
CA LEU B 269 10.93 15.17 -0.87
C LEU B 269 11.89 16.31 -0.45
N ARG B 270 12.66 16.86 -1.37
CA ARG B 270 13.57 18.00 -1.08
C ARG B 270 14.53 17.62 0.09
N ILE B 271 15.35 16.58 -0.14
CA ILE B 271 16.41 16.21 0.80
C ILE B 271 17.74 15.99 0.06
N GLY B 272 18.72 16.81 0.37
CA GLY B 272 20.09 16.64 -0.16
C GLY B 272 21.04 16.92 1.01
N PHE B 273 22.35 16.98 0.75
CA PHE B 273 23.26 17.23 1.85
C PHE B 273 24.53 17.90 1.37
N LEU B 274 25.15 18.63 2.29
CA LEU B 274 26.28 19.46 1.98
C LEU B 274 27.40 19.04 2.94
N THR B 275 28.57 18.78 2.36
CA THR B 275 29.74 18.27 3.05
C THR B 275 30.88 19.25 2.81
N GLY B 276 31.56 19.66 3.87
CA GLY B 276 32.64 20.64 3.77
C GLY B 276 33.26 21.03 5.11
N PRO B 277 34.21 21.98 5.07
CA PRO B 277 34.97 22.42 6.25
C PRO B 277 34.01 22.97 7.31
N LYS B 278 34.15 22.52 8.56
CA LYS B 278 33.19 22.94 9.64
C LYS B 278 32.87 24.45 9.70
N PRO B 279 33.89 25.33 9.59
CA PRO B 279 33.57 26.76 9.61
C PRO B 279 32.62 27.24 8.52
N LEU B 280 32.69 26.66 7.33
CA LEU B 280 31.78 27.13 6.26
C LEU B 280 30.40 26.43 6.35
N ILE B 281 30.38 25.14 6.68
CA ILE B 281 29.11 24.45 6.91
C ILE B 281 28.34 25.22 8.00
N GLU B 282 29.07 25.64 9.03
CA GLU B 282 28.48 26.41 10.13
C GLU B 282 27.78 27.70 9.66
N ARG B 283 28.38 28.39 8.71
CA ARG B 283 27.80 29.62 8.16
C ARG B 283 26.51 29.33 7.40
N VAL B 284 26.50 28.20 6.68
CA VAL B 284 25.26 27.82 5.95
C VAL B 284 24.17 27.30 6.90
N ILE B 285 24.55 26.52 7.92
CA ILE B 285 23.57 26.18 8.98
C ILE B 285 22.84 27.38 9.59
N LEU B 286 23.58 28.43 9.93
CA LEU B 286 23.01 29.65 10.51
C LEU B 286 22.05 30.36 9.55
N HIS B 287 22.36 30.35 8.24
CA HIS B 287 21.44 30.94 7.25
C HIS B 287 20.16 30.10 7.13
N ILE B 288 20.31 28.77 7.12
CA ILE B 288 19.15 27.89 7.21
C ILE B 288 18.30 28.15 8.48
N GLN B 289 18.95 28.33 9.64
CA GLN B 289 18.18 28.58 10.89
C GLN B 289 17.24 29.77 10.78
N VAL B 290 17.61 30.76 9.97
CA VAL B 290 16.72 31.89 9.79
C VAL B 290 15.87 31.83 8.53
N SER B 291 15.94 30.73 7.79
CA SER B 291 15.16 30.64 6.53
C SER B 291 14.20 29.45 6.57
N THR B 292 14.63 28.27 6.14
CA THR B 292 13.77 27.09 6.23
C THR B 292 13.61 26.50 7.65
N LEU B 293 14.53 26.87 8.57
CA LEU B 293 14.70 26.32 9.93
C LEU B 293 15.38 24.94 9.93
N HIS B 294 14.88 24.02 9.09
CA HIS B 294 15.35 22.66 9.01
C HIS B 294 14.61 21.94 7.84
N PRO B 295 15.19 20.82 7.31
CA PRO B 295 14.46 20.05 6.26
C PRO B 295 13.27 19.33 6.89
N SER B 296 12.24 19.05 6.09
CA SER B 296 11.03 18.40 6.63
C SER B 296 11.39 17.23 7.52
N THR B 297 10.92 17.21 8.75
CA THR B 297 11.38 16.07 9.60
C THR B 297 10.69 14.75 9.23
N PHE B 298 9.48 14.84 8.72
CA PHE B 298 8.78 13.67 8.14
C PHE B 298 9.62 13.02 7.04
N ASN B 299 10.11 13.79 6.06
CA ASN B 299 10.79 13.25 4.89
C ASN B 299 12.19 12.75 5.27
N GLN B 300 12.87 13.45 6.20
CA GLN B 300 14.10 12.93 6.76
C GLN B 300 13.93 11.56 7.42
N LEU B 301 12.89 11.41 8.23
CA LEU B 301 12.59 10.10 8.86
C LEU B 301 12.30 8.97 7.83
N MET B 302 11.53 9.30 6.79
CA MET B 302 11.32 8.32 5.68
C MET B 302 12.63 7.85 5.09
N ILE B 303 13.49 8.80 4.73
CA ILE B 303 14.75 8.45 4.13
C ILE B 303 15.64 7.72 5.14
N SER B 304 15.74 8.24 6.36
CA SER B 304 16.61 7.61 7.36
C SER B 304 16.19 6.15 7.62
N GLN B 305 14.90 5.88 7.70
CA GLN B 305 14.45 4.53 8.01
C GLN B 305 14.71 3.56 6.85
N LEU B 306 14.58 4.06 5.63
CA LEU B 306 14.87 3.33 4.42
C LEU B 306 16.34 2.95 4.41
N LEU B 307 17.18 3.94 4.66
CA LEU B 307 18.65 3.78 4.61
C LEU B 307 19.16 2.82 5.67
N HIS B 308 18.64 2.96 6.88
CA HIS B 308 19.05 2.08 7.97
C HIS B 308 18.64 0.62 7.74
N GLU B 309 17.45 0.41 7.21
CA GLU B 309 17.04 -0.96 6.93
C GLU B 309 17.82 -1.55 5.78
N TRP B 310 18.09 -0.74 4.76
CA TRP B 310 18.92 -1.19 3.64
C TRP B 310 20.37 -1.41 4.07
N GLY B 311 20.86 -0.53 4.93
CA GLY B 311 22.27 -0.52 5.24
C GLY B 311 23.05 -0.05 4.02
N GLU B 312 24.37 0.09 4.19
CA GLU B 312 25.23 0.51 3.10
C GLU B 312 25.13 -0.43 1.86
N GLU B 313 25.02 -1.74 2.09
CA GLU B 313 24.84 -2.75 1.03
C GLU B 313 23.53 -2.56 0.24
N GLY B 314 22.42 -2.34 0.95
CA GLY B 314 21.10 -2.15 0.30
C GLY B 314 21.07 -0.86 -0.49
N PHE B 315 21.74 0.16 0.04
CA PHE B 315 21.77 1.47 -0.61
C PHE B 315 22.51 1.36 -1.96
N MET B 316 23.70 0.75 -1.93
CA MET B 316 24.50 0.63 -3.11
C MET B 316 23.91 -0.34 -4.16
N ALA B 317 23.21 -1.39 -3.71
CA ALA B 317 22.45 -2.28 -4.58
C ALA B 317 21.39 -1.48 -5.35
N HIS B 318 20.68 -0.62 -4.62
CA HIS B 318 19.67 0.24 -5.21
C HIS B 318 20.33 1.13 -6.23
N VAL B 319 21.46 1.73 -5.88
CA VAL B 319 22.13 2.59 -6.85
C VAL B 319 22.60 1.85 -8.12
N ASP B 320 23.02 0.60 -7.95
CA ASP B 320 23.35 -0.32 -9.06
C ASP B 320 22.11 -0.52 -9.97
N ARG B 321 20.97 -0.85 -9.38
CA ARG B 321 19.73 -1.05 -10.14
C ARG B 321 19.27 0.22 -10.91
N VAL B 322 19.29 1.36 -10.24
CA VAL B 322 18.98 2.57 -11.00
C VAL B 322 20.01 2.90 -12.10
N ILE B 323 21.30 2.71 -11.82
CA ILE B 323 22.34 2.86 -12.86
C ILE B 323 22.02 1.98 -14.09
N ASP B 324 21.73 0.71 -13.83
CA ASP B 324 21.44 -0.22 -14.92
C ASP B 324 20.26 0.29 -15.74
N PHE B 325 19.24 0.83 -15.07
CA PHE B 325 18.13 1.45 -15.80
C PHE B 325 18.54 2.63 -16.68
N TYR B 326 19.31 3.57 -16.13
CA TYR B 326 19.65 4.78 -16.88
C TYR B 326 20.66 4.46 -17.98
N SER B 327 21.47 3.43 -17.75
CA SER B 327 22.42 2.94 -18.72
C SER B 327 21.66 2.38 -19.94
N ASN B 328 20.57 1.66 -19.68
CA ASN B 328 19.78 1.14 -20.79
C ASN B 328 19.08 2.24 -21.57
N GLN B 329 18.60 3.27 -20.86
CA GLN B 329 18.06 4.46 -21.54
C GLN B 329 19.17 5.13 -22.37
N LYS B 330 20.34 5.34 -21.78
CA LYS B 330 21.45 5.91 -22.57
C LYS B 330 21.65 5.10 -23.89
N ASP B 331 21.68 3.78 -23.79
CA ASP B 331 21.94 2.92 -24.96
C ASP B 331 20.85 3.12 -26.03
N ALA B 332 19.61 3.24 -25.57
CA ALA B 332 18.48 3.42 -26.44
C ALA B 332 18.52 4.78 -27.14
N ILE B 333 18.87 5.84 -26.42
CA ILE B 333 18.93 7.14 -27.06
C ILE B 333 20.15 7.27 -27.98
N LEU B 334 21.26 6.64 -27.60
CA LEU B 334 22.44 6.63 -28.50
C LEU B 334 22.11 5.92 -29.83
N ALA B 335 21.40 4.80 -29.72
CA ALA B 335 20.97 4.02 -30.87
C ALA B 335 20.03 4.81 -31.78
N ALA B 336 19.13 5.59 -31.19
CA ALA B 336 18.24 6.46 -31.96
C ALA B 336 19.02 7.57 -32.67
N ALA B 337 19.96 8.20 -31.97
CA ALA B 337 20.82 9.25 -32.56
C ALA B 337 21.63 8.68 -33.74
N ASP B 338 22.19 7.50 -33.53
CA ASP B 338 23.01 6.85 -34.55
C ASP B 338 22.13 6.52 -35.73
N LYS B 339 20.92 6.06 -35.45
CA LYS B 339 19.99 5.71 -36.49
C LYS B 339 19.66 6.89 -37.45
N TRP B 340 19.36 8.05 -36.88
CA TRP B 340 18.70 9.10 -37.64
C TRP B 340 19.62 10.26 -37.93
N LEU B 341 20.55 10.49 -37.03
CA LEU B 341 21.29 11.73 -36.98
C LEU B 341 22.72 11.63 -37.51
N THR B 342 23.17 10.42 -37.86
CA THR B 342 24.57 10.31 -38.30
C THR B 342 24.81 11.19 -39.52
N GLY B 343 25.91 11.93 -39.52
CA GLY B 343 26.20 12.91 -40.56
C GLY B 343 25.56 14.28 -40.42
N LEU B 344 24.53 14.37 -39.58
CA LEU B 344 23.76 15.60 -39.36
C LEU B 344 24.01 16.31 -38.02
N ALA B 345 24.63 15.59 -37.06
CA ALA B 345 24.86 16.14 -35.73
C ALA B 345 25.97 15.34 -35.11
N GLU B 346 26.57 15.87 -34.04
CA GLU B 346 27.63 15.19 -33.30
C GLU B 346 27.36 15.26 -31.79
N TRP B 347 27.75 14.21 -31.08
CA TRP B 347 27.47 14.05 -29.63
C TRP B 347 28.55 13.15 -29.06
N HIS B 348 28.84 13.34 -27.78
CA HIS B 348 29.66 12.44 -27.00
C HIS B 348 28.73 11.52 -26.23
N VAL B 349 29.15 10.29 -26.00
CA VAL B 349 28.35 9.40 -25.15
C VAL B 349 28.42 9.93 -23.70
N PRO B 350 27.25 10.09 -23.04
CA PRO B 350 27.15 10.53 -21.65
C PRO B 350 27.87 9.55 -20.80
N ALA B 351 28.72 10.05 -19.88
CA ALA B 351 29.46 9.23 -18.94
C ALA B 351 28.67 8.97 -17.66
N ALA B 352 27.63 9.78 -17.43
CA ALA B 352 26.79 9.60 -16.23
C ALA B 352 25.56 10.44 -16.44
N GLY B 353 24.53 10.25 -15.63
CA GLY B 353 23.43 11.19 -15.57
C GLY B 353 22.28 10.86 -16.51
N MET B 354 21.59 11.88 -17.01
CA MET B 354 20.41 11.62 -17.82
C MET B 354 20.22 12.47 -19.05
N PHE B 355 21.28 13.12 -19.51
CA PHE B 355 21.15 14.01 -20.66
C PHE B 355 22.13 13.66 -21.76
N LEU B 356 21.65 13.77 -23.00
CA LEU B 356 22.48 13.69 -24.20
C LEU B 356 22.63 15.08 -24.85
N TRP B 357 23.85 15.49 -25.16
CA TRP B 357 24.07 16.85 -25.66
C TRP B 357 24.50 16.77 -27.13
N ILE B 358 23.68 17.34 -28.00
CA ILE B 358 23.75 17.13 -29.44
C ILE B 358 24.09 18.44 -30.11
N LYS B 359 25.20 18.48 -30.84
CA LYS B 359 25.49 19.66 -31.67
C LYS B 359 25.01 19.45 -33.10
N VAL B 360 24.07 20.28 -33.58
CA VAL B 360 23.59 20.07 -34.93
C VAL B 360 24.54 20.72 -35.92
N LYS B 361 24.73 20.06 -37.06
CA LYS B 361 25.81 20.47 -37.96
C LYS B 361 25.65 21.79 -38.70
N GLY B 362 24.66 21.94 -39.55
CA GLY B 362 24.81 23.11 -40.44
C GLY B 362 24.00 24.32 -40.03
N ILE B 363 23.73 24.44 -38.73
CA ILE B 363 22.77 25.42 -38.21
C ILE B 363 23.44 26.11 -37.04
N ASN B 364 23.60 27.42 -37.14
CA ASN B 364 24.29 28.21 -36.11
C ASN B 364 23.46 28.42 -34.84
N ASP B 365 22.14 28.50 -34.99
CA ASP B 365 21.26 28.61 -33.83
C ASP B 365 20.02 27.73 -33.98
N VAL B 366 19.87 26.85 -33.01
CA VAL B 366 18.84 25.81 -33.03
C VAL B 366 17.48 26.27 -32.47
N LYS B 367 17.41 27.54 -32.07
CA LYS B 367 16.19 28.06 -31.46
C LYS B 367 14.95 27.95 -32.36
N GLU B 368 15.01 28.38 -33.61
CA GLU B 368 13.85 28.26 -34.51
C GLU B 368 13.48 26.81 -34.85
N LEU B 369 14.50 25.97 -35.03
CA LEU B 369 14.31 24.56 -35.35
C LEU B 369 13.52 23.91 -34.25
N ILE B 370 13.94 24.18 -33.02
CA ILE B 370 13.33 23.58 -31.86
C ILE B 370 12.06 24.30 -31.38
N GLU B 371 12.13 25.62 -31.17
CA GLU B 371 10.98 26.37 -30.60
C GLU B 371 9.79 26.49 -31.56
N GLU B 372 10.05 26.46 -32.88
CA GLU B 372 9.00 26.62 -33.88
C GLU B 372 8.69 25.31 -34.60
N LYS B 373 9.64 24.78 -35.37
CA LYS B 373 9.38 23.61 -36.25
C LYS B 373 9.15 22.29 -35.49
N ALA B 374 10.05 21.96 -34.57
CA ALA B 374 9.89 20.70 -33.80
C ALA B 374 8.60 20.71 -32.98
N VAL B 375 8.39 21.80 -32.23
CA VAL B 375 7.13 22.00 -31.49
C VAL B 375 5.91 21.70 -32.38
N LYS B 376 5.88 22.24 -33.60
CA LYS B 376 4.72 22.03 -34.51
C LYS B 376 4.57 20.59 -34.96
N MET B 377 5.67 19.85 -34.99
CA MET B 377 5.68 18.41 -35.32
C MET B 377 5.46 17.56 -34.09
N GLY B 378 5.34 18.22 -32.93
CA GLY B 378 5.03 17.53 -31.67
C GLY B 378 6.16 16.83 -30.94
N VAL B 379 7.38 17.35 -31.10
CA VAL B 379 8.51 16.80 -30.39
C VAL B 379 9.25 17.93 -29.71
N LEU B 380 9.59 17.74 -28.44
CA LEU B 380 10.30 18.77 -27.72
C LEU B 380 11.71 18.33 -27.34
N MET B 381 12.69 19.18 -27.69
CA MET B 381 14.00 19.06 -27.06
C MET B 381 14.37 20.44 -26.55
N LEU B 382 15.46 20.56 -25.81
CA LEU B 382 15.78 21.84 -25.19
C LEU B 382 16.94 22.55 -25.88
N PRO B 383 16.71 23.79 -26.38
CA PRO B 383 17.81 24.55 -27.00
C PRO B 383 18.93 24.78 -26.02
N GLY B 384 20.16 24.81 -26.53
CA GLY B 384 21.33 24.94 -25.69
C GLY B 384 21.61 26.29 -25.06
N ASN B 385 20.92 27.34 -25.51
CA ASN B 385 21.22 28.74 -25.09
C ASN B 385 21.12 28.95 -23.60
N ALA B 386 20.25 28.17 -22.94
CA ALA B 386 19.91 28.39 -21.56
C ALA B 386 21.03 28.02 -20.61
N PHE B 387 22.06 27.36 -21.15
CA PHE B 387 23.17 26.83 -20.33
C PHE B 387 24.45 27.64 -20.40
N TYR B 388 24.33 28.85 -20.91
CA TYR B 388 25.46 29.79 -21.05
C TYR B 388 25.14 31.07 -20.30
N VAL B 389 26.17 31.72 -19.77
CA VAL B 389 26.04 33.00 -19.04
C VAL B 389 25.34 34.01 -19.96
N ASP B 390 25.80 34.07 -21.21
CA ASP B 390 25.13 34.87 -22.21
C ASP B 390 24.20 33.98 -23.03
N SER B 391 22.97 33.87 -22.55
CA SER B 391 21.96 33.04 -23.17
C SER B 391 21.50 33.57 -24.53
N SER B 392 21.87 34.81 -24.84
CA SER B 392 21.40 35.46 -26.07
C SER B 392 22.25 35.11 -27.29
N ALA B 393 23.45 34.58 -27.04
CA ALA B 393 24.30 34.13 -28.15
C ALA B 393 23.70 32.88 -28.82
N PRO B 394 23.82 32.77 -30.16
CA PRO B 394 23.40 31.56 -30.85
C PRO B 394 24.04 30.27 -30.33
N SER B 395 23.22 29.22 -30.26
CA SER B 395 23.68 27.89 -29.92
C SER B 395 23.15 26.87 -30.91
N PRO B 396 24.02 26.01 -31.46
CA PRO B 396 23.66 24.87 -32.32
C PRO B 396 23.45 23.56 -31.54
N TYR B 397 23.47 23.65 -30.20
CA TYR B 397 23.32 22.50 -29.33
C TYR B 397 21.90 22.33 -28.80
N LEU B 398 21.59 21.07 -28.54
CA LEU B 398 20.30 20.58 -28.09
C LEU B 398 20.56 19.69 -26.90
N ARG B 399 19.74 19.81 -25.87
CA ARG B 399 19.71 18.83 -24.79
C ARG B 399 18.51 17.88 -24.91
N ALA B 400 18.76 16.57 -24.96
CA ALA B 400 17.66 15.57 -24.96
C ALA B 400 17.75 14.71 -23.70
N SER B 401 16.66 14.61 -22.94
CA SER B 401 16.66 13.74 -21.76
C SER B 401 16.33 12.31 -22.16
N PHE B 402 17.10 11.39 -21.61
CA PHE B 402 16.82 9.98 -21.72
C PHE B 402 16.30 9.33 -20.42
N SER B 403 15.77 10.10 -19.47
CA SER B 403 15.30 9.48 -18.22
C SER B 403 14.03 8.64 -18.35
N SER B 404 13.16 8.98 -19.31
CA SER B 404 11.79 8.50 -19.31
C SER B 404 11.29 7.88 -20.61
N ALA B 405 11.70 8.45 -21.75
CA ALA B 405 11.10 8.10 -23.02
C ALA B 405 11.37 6.64 -23.33
N SER B 406 10.40 5.99 -23.92
CA SER B 406 10.55 4.63 -24.41
C SER B 406 11.43 4.60 -25.68
N PRO B 407 11.98 3.42 -26.04
CA PRO B 407 12.73 3.40 -27.31
C PRO B 407 11.94 3.85 -28.53
N GLU B 408 10.61 3.60 -28.58
CA GLU B 408 9.80 4.04 -29.70
C GLU B 408 9.62 5.57 -29.76
N GLN B 409 9.36 6.16 -28.59
CA GLN B 409 9.37 7.62 -28.49
C GLN B 409 10.69 8.24 -28.94
N MET B 410 11.82 7.67 -28.53
CA MET B 410 13.11 8.21 -28.96
C MET B 410 13.23 8.05 -30.48
N ASP B 411 12.80 6.90 -31.00
CA ASP B 411 12.89 6.67 -32.46
C ASP B 411 12.15 7.71 -33.26
N VAL B 412 10.89 7.96 -32.93
CA VAL B 412 10.06 8.89 -33.65
C VAL B 412 10.52 10.34 -33.49
N ALA B 413 10.98 10.70 -32.30
CA ALA B 413 11.50 12.05 -32.05
C ALA B 413 12.78 12.35 -32.83
N PHE B 414 13.71 11.40 -32.92
CA PHE B 414 14.95 11.67 -33.67
C PHE B 414 14.72 11.59 -35.19
N GLN B 415 13.83 10.72 -35.62
CA GLN B 415 13.35 10.70 -37.02
C GLN B 415 12.79 12.06 -37.44
N VAL B 416 11.89 12.63 -36.61
CA VAL B 416 11.32 13.99 -36.83
C VAL B 416 12.41 15.07 -36.78
N LEU B 417 13.25 15.03 -35.75
CA LEU B 417 14.34 16.00 -35.63
C LEU B 417 15.21 15.95 -36.87
N ALA B 418 15.67 14.76 -37.25
CA ALA B 418 16.51 14.59 -38.47
C ALA B 418 15.91 15.25 -39.70
N GLN B 419 14.62 15.07 -39.90
CA GLN B 419 13.93 15.59 -41.07
C GLN B 419 13.89 17.12 -41.03
N LEU B 420 13.62 17.69 -39.86
CA LEU B 420 13.59 19.13 -39.71
C LEU B 420 14.96 19.76 -39.88
N ILE B 421 15.99 19.10 -39.38
CA ILE B 421 17.39 19.52 -39.64
C ILE B 421 17.66 19.62 -41.15
N LYS B 422 17.25 18.58 -41.88
CA LYS B 422 17.51 18.57 -43.32
C LYS B 422 16.68 19.61 -44.06
N GLU B 423 15.46 19.86 -43.57
CA GLU B 423 14.62 20.95 -44.11
C GLU B 423 15.12 22.37 -43.76
N SER B 424 16.08 22.46 -42.84
CA SER B 424 16.60 23.74 -42.33
C SER B 424 18.03 24.03 -42.78
N LEU B 425 18.55 23.21 -43.68
CA LEU B 425 19.94 23.39 -44.14
C LEU B 425 19.96 24.31 -45.35
N MET C 1 13.10 -25.47 0.98
CA MET C 1 13.82 -25.28 2.26
C MET C 1 13.49 -23.91 2.87
N ASN C 2 13.48 -22.85 2.06
CA ASN C 2 12.88 -21.57 2.48
C ASN C 2 11.43 -21.42 1.95
N TYR C 3 10.49 -21.96 2.72
CA TYR C 3 9.12 -22.09 2.23
C TYR C 3 8.38 -20.79 2.13
N ALA C 4 8.84 -19.79 2.88
CA ALA C 4 8.20 -18.46 2.92
C ALA C 4 8.14 -17.83 1.55
N ARG C 5 9.10 -18.19 0.70
CA ARG C 5 9.14 -17.61 -0.62
C ARG C 5 8.12 -18.18 -1.62
N PHE C 6 7.50 -19.30 -1.27
CA PHE C 6 6.41 -19.87 -2.04
C PHE C 6 5.03 -19.67 -1.36
N ILE C 7 5.00 -18.74 -0.41
CA ILE C 7 3.79 -18.47 0.38
C ILE C 7 3.50 -16.97 0.29
N THR C 8 2.35 -16.67 -0.29
CA THR C 8 1.93 -15.29 -0.44
C THR C 8 1.63 -14.61 0.94
N ALA C 9 1.60 -13.27 0.96
CA ALA C 9 1.35 -12.53 2.20
C ALA C 9 -0.01 -12.89 2.76
N ALA C 10 -1.03 -13.02 1.91
CA ALA C 10 -2.37 -13.42 2.36
C ALA C 10 -2.35 -14.84 2.92
N SER C 11 -1.67 -15.75 2.22
CA SER C 11 -1.54 -17.14 2.65
C SER C 11 -0.82 -17.20 3.99
N ALA C 12 0.29 -16.46 4.12
CA ALA C 12 1.00 -16.39 5.39
C ALA C 12 0.16 -15.84 6.54
N ALA C 13 -0.76 -14.93 6.22
CA ALA C 13 -1.60 -14.26 7.22
C ALA C 13 -2.67 -15.18 7.82
N ARG C 14 -2.97 -16.31 7.16
CA ARG C 14 -3.95 -17.28 7.69
C ARG C 14 -3.59 -17.86 9.06
N ASN C 15 -4.56 -17.79 9.98
CA ASN C 15 -4.37 -18.29 11.35
C ASN C 15 -5.15 -19.58 11.56
N PRO C 16 -4.56 -20.52 12.32
CA PRO C 16 -5.15 -21.81 12.60
C PRO C 16 -6.51 -21.68 13.25
N SER C 17 -6.56 -20.85 14.30
CA SER C 17 -7.46 -21.02 15.44
C SER C 17 -8.92 -20.73 15.08
N PRO C 18 -9.82 -20.68 16.09
CA PRO C 18 -9.71 -21.03 17.51
C PRO C 18 -10.46 -22.33 17.91
N ILE C 19 -11.75 -22.20 18.15
CA ILE C 19 -12.61 -23.28 18.63
C ILE C 19 -11.95 -24.66 18.85
N ARG C 20 -11.68 -25.43 17.81
CA ARG C 20 -11.52 -26.88 17.95
C ARG C 20 -10.33 -27.36 18.80
N THR C 21 -9.54 -26.41 19.29
CA THR C 21 -8.55 -26.69 20.35
C THR C 21 -9.20 -26.61 21.75
N MET C 22 -10.54 -26.64 21.76
CA MET C 22 -11.35 -26.99 22.92
C MET C 22 -11.75 -28.45 22.79
N THR C 23 -12.55 -28.73 21.76
CA THR C 23 -12.85 -30.08 21.30
C THR C 23 -11.65 -30.98 21.35
N ASP C 24 -10.49 -30.40 21.07
CA ASP C 24 -9.27 -31.23 21.24
C ASP C 24 -9.15 -31.77 22.69
N ILE C 25 -9.23 -30.87 23.68
CA ILE C 25 -9.18 -31.22 25.12
C ILE C 25 -10.17 -32.35 25.45
N LEU C 26 -11.38 -32.26 24.89
CA LEU C 26 -12.44 -33.25 25.13
C LEU C 26 -12.06 -34.65 24.63
N SER C 27 -11.41 -34.68 23.46
CA SER C 27 -10.99 -35.93 22.80
C SER C 27 -10.22 -36.88 23.71
N ARG C 28 -9.38 -36.33 24.58
CA ARG C 28 -8.45 -37.13 25.38
C ARG C 28 -8.61 -36.94 26.91
N GLY C 29 -9.73 -36.34 27.31
CA GLY C 29 -10.07 -36.16 28.72
C GLY C 29 -10.78 -37.38 29.29
N PRO C 30 -11.31 -37.25 30.52
CA PRO C 30 -12.12 -38.31 31.16
C PRO C 30 -13.47 -38.48 30.45
N LYS C 31 -14.04 -39.67 30.52
CA LYS C 31 -15.31 -39.94 29.87
C LYS C 31 -16.46 -39.11 30.51
N SER C 32 -16.23 -38.63 31.73
CA SER C 32 -17.22 -37.83 32.50
C SER C 32 -17.27 -36.33 32.13
N MET C 33 -16.32 -35.88 31.31
CA MET C 33 -16.24 -34.47 30.86
C MET C 33 -17.52 -34.00 30.16
N ILE C 34 -17.89 -32.74 30.40
CA ILE C 34 -19.07 -32.16 29.79
C ILE C 34 -18.62 -30.97 28.96
N SER C 35 -18.91 -30.97 27.68
CA SER C 35 -18.58 -29.79 26.90
C SER C 35 -19.85 -29.10 26.36
N LEU C 36 -19.91 -27.80 26.56
CA LEU C 36 -20.89 -26.92 25.93
C LEU C 36 -20.13 -25.92 25.05
N ALA C 37 -18.90 -26.28 24.70
CA ALA C 37 -18.02 -25.38 23.98
C ALA C 37 -18.07 -25.55 22.45
N GLY C 38 -18.55 -26.70 21.97
CA GLY C 38 -18.49 -26.97 20.51
C GLY C 38 -19.60 -26.35 19.68
N GLY C 39 -19.41 -26.34 18.38
CA GLY C 39 -20.37 -25.74 17.48
C GLY C 39 -21.05 -26.76 16.62
N LEU C 40 -21.10 -28.01 17.10
CA LEU C 40 -21.77 -29.07 16.32
C LEU C 40 -23.28 -28.99 16.52
N PRO C 41 -24.08 -29.06 15.43
CA PRO C 41 -25.50 -29.23 15.58
C PRO C 41 -25.80 -30.67 16.05
N ASN C 42 -27.00 -30.88 16.61
CA ASN C 42 -27.38 -32.21 17.07
C ASN C 42 -27.65 -33.10 15.85
N PRO C 43 -26.86 -34.18 15.68
CA PRO C 43 -27.00 -35.01 14.47
C PRO C 43 -28.26 -35.93 14.54
N ASN C 44 -28.91 -36.00 15.69
CA ASN C 44 -30.16 -36.75 15.81
C ASN C 44 -31.33 -36.11 15.06
N MET C 45 -31.25 -34.82 14.73
CA MET C 45 -32.31 -34.16 13.96
C MET C 45 -32.18 -34.48 12.45
N PHE C 46 -31.02 -34.94 12.03
CA PHE C 46 -30.81 -35.25 10.58
C PHE C 46 -31.73 -36.41 10.15
N PRO C 47 -32.38 -36.29 8.95
CA PRO C 47 -33.37 -37.33 8.55
C PRO C 47 -32.82 -38.66 7.99
N PHE C 48 -31.60 -38.70 7.46
CA PHE C 48 -31.02 -39.96 6.95
C PHE C 48 -30.55 -40.75 8.17
N LYS C 49 -30.93 -42.02 8.25
CA LYS C 49 -30.68 -42.84 9.48
C LYS C 49 -29.72 -44.04 9.34
N THR C 50 -29.77 -44.73 8.20
CA THR C 50 -28.88 -45.85 7.95
C THR C 50 -28.51 -45.87 6.46
N ALA C 51 -27.37 -46.47 6.09
CA ALA C 51 -27.04 -46.61 4.64
C ALA C 51 -26.55 -48.02 4.39
N VAL C 52 -26.92 -48.56 3.24
CA VAL C 52 -26.32 -49.81 2.75
C VAL C 52 -25.90 -49.63 1.31
N ILE C 53 -24.60 -49.81 1.07
CA ILE C 53 -24.01 -49.52 -0.23
C ILE C 53 -23.34 -50.81 -0.71
N THR C 54 -23.79 -51.33 -1.85
CA THR C 54 -23.20 -52.58 -2.39
C THR C 54 -21.95 -52.27 -3.14
N VAL C 55 -21.00 -53.20 -3.11
CA VAL C 55 -19.68 -53.08 -3.76
C VAL C 55 -19.44 -54.30 -4.64
N GLU C 56 -19.08 -54.06 -5.91
CA GLU C 56 -18.62 -55.15 -6.77
C GLU C 56 -17.18 -55.50 -6.37
N ASN C 57 -16.90 -56.79 -6.27
CA ASN C 57 -15.63 -57.36 -5.75
C ASN C 57 -15.19 -56.87 -4.38
N GLY C 58 -16.20 -56.66 -3.51
CA GLY C 58 -16.00 -56.23 -2.12
C GLY C 58 -17.24 -56.48 -1.24
N LYS C 59 -17.04 -56.28 0.06
CA LYS C 59 -18.05 -56.46 1.09
C LYS C 59 -19.00 -55.27 1.03
N THR C 60 -20.30 -55.50 1.30
CA THR C 60 -21.23 -54.39 1.24
C THR C 60 -20.94 -53.47 2.41
N ILE C 61 -21.08 -52.17 2.14
CA ILE C 61 -20.77 -51.15 3.14
C ILE C 61 -22.07 -50.75 3.86
N GLN C 62 -22.00 -50.70 5.17
CA GLN C 62 -23.16 -50.44 5.99
C GLN C 62 -22.81 -49.35 6.99
N PHE C 63 -23.64 -48.30 7.03
CA PHE C 63 -23.56 -47.32 8.12
C PHE C 63 -24.78 -47.58 8.99
N GLY C 64 -24.56 -48.08 10.21
CA GLY C 64 -25.66 -48.26 11.17
C GLY C 64 -25.94 -46.90 11.79
N GLU C 65 -26.77 -46.86 12.84
CA GLU C 65 -27.19 -45.60 13.47
C GLU C 65 -26.07 -44.67 13.85
N GLU C 66 -25.04 -45.19 14.54
CA GLU C 66 -23.99 -44.31 15.07
C GLU C 66 -23.06 -43.83 13.96
N MET C 67 -22.65 -44.75 13.09
CA MET C 67 -21.81 -44.41 11.96
C MET C 67 -22.51 -43.37 11.07
N MET C 68 -23.81 -43.52 10.88
CA MET C 68 -24.55 -42.62 10.02
C MET C 68 -24.54 -41.21 10.60
N LYS C 69 -24.85 -41.09 11.89
CA LYS C 69 -24.70 -39.76 12.51
C LYS C 69 -23.30 -39.16 12.37
N ARG C 70 -22.27 -39.97 12.44
CA ARG C 70 -20.93 -39.46 12.15
C ARG C 70 -20.76 -38.98 10.67
N ALA C 71 -21.23 -39.80 9.72
CA ALA C 71 -21.24 -39.46 8.29
C ALA C 71 -21.94 -38.13 7.96
N LEU C 72 -23.00 -37.84 8.73
CA LEU C 72 -23.77 -36.64 8.56
C LEU C 72 -23.32 -35.43 9.35
N GLN C 73 -22.24 -35.58 10.12
CA GLN C 73 -21.75 -34.51 10.97
C GLN C 73 -20.40 -33.95 10.48
N TYR C 74 -20.09 -32.72 10.88
CA TYR C 74 -18.80 -32.11 10.61
C TYR C 74 -17.68 -33.01 11.00
N SER C 75 -16.53 -32.83 10.34
CA SER C 75 -15.37 -33.65 10.67
C SER C 75 -14.07 -32.81 10.38
N PRO C 76 -12.87 -33.36 10.71
CA PRO C 76 -11.69 -32.52 10.61
C PRO C 76 -11.41 -31.96 9.19
N SER C 77 -10.96 -30.70 9.14
CA SER C 77 -10.67 -30.02 7.89
C SER C 77 -9.73 -30.81 6.95
N ALA C 78 -8.71 -31.50 7.49
CA ALA C 78 -7.76 -32.28 6.66
C ALA C 78 -8.26 -33.67 6.25
N GLY C 79 -9.42 -34.07 6.75
CA GLY C 79 -9.98 -35.38 6.40
C GLY C 79 -10.14 -36.21 7.65
N ILE C 80 -10.94 -37.27 7.56
CA ILE C 80 -11.12 -38.16 8.72
C ILE C 80 -9.84 -38.96 8.98
N PRO C 81 -9.56 -39.27 10.26
CA PRO C 81 -8.24 -39.85 10.61
C PRO C 81 -7.97 -41.16 9.92
N GLU C 82 -8.95 -42.03 9.84
CA GLU C 82 -8.72 -43.32 9.14
C GLU C 82 -8.40 -43.23 7.64
N LEU C 83 -8.95 -42.25 6.91
CA LEU C 83 -8.57 -42.07 5.50
C LEU C 83 -7.20 -41.43 5.33
N LEU C 84 -6.94 -40.41 6.13
CA LEU C 84 -5.59 -39.80 6.21
C LEU C 84 -4.52 -40.84 6.51
N SER C 85 -4.77 -41.73 7.49
CA SER C 85 -3.68 -42.66 7.76
C SER C 85 -3.53 -43.70 6.64
N TRP C 86 -4.67 -44.14 6.07
CA TRP C 86 -4.63 -45.13 4.98
C TRP C 86 -3.84 -44.54 3.78
N LEU C 87 -4.13 -43.28 3.48
CA LEU C 87 -3.51 -42.56 2.36
C LEU C 87 -2.05 -42.26 2.60
N LYS C 88 -1.70 -41.84 3.83
CA LYS C 88 -0.30 -41.66 4.18
C LYS C 88 0.48 -42.96 4.02
N GLN C 89 -0.11 -44.08 4.45
CA GLN C 89 0.62 -45.35 4.32
C GLN C 89 0.72 -45.85 2.88
N LEU C 90 -0.28 -45.55 2.06
CA LEU C 90 -0.20 -45.79 0.62
C LEU C 90 0.95 -45.03 -0.01
N GLN C 91 1.09 -43.75 0.35
CA GLN C 91 2.14 -42.93 -0.22
C GLN C 91 3.51 -43.49 0.13
N ILE C 92 3.68 -43.87 1.38
CA ILE C 92 4.92 -44.51 1.84
C ILE C 92 5.17 -45.77 1.05
N LYS C 93 4.15 -46.61 0.85
CA LYS C 93 4.35 -47.86 0.12
C LYS C 93 4.71 -47.65 -1.34
N LEU C 94 4.03 -46.71 -1.99
CA LEU C 94 4.13 -46.52 -3.45
C LEU C 94 5.30 -45.66 -3.90
N HIS C 95 5.70 -44.74 -3.04
CA HIS C 95 6.65 -43.67 -3.38
C HIS C 95 7.73 -43.52 -2.36
N ASN C 96 7.57 -44.14 -1.19
CA ASN C 96 8.51 -43.99 -0.09
C ASN C 96 9.21 -42.63 -0.10
N PRO C 97 8.45 -41.55 0.17
CA PRO C 97 9.09 -40.21 0.05
C PRO C 97 10.26 -39.99 1.00
N PRO C 98 11.41 -39.49 0.49
CA PRO C 98 12.59 -39.32 1.35
C PRO C 98 12.30 -38.38 2.51
N THR C 99 11.18 -37.69 2.42
CA THR C 99 10.85 -36.64 3.37
C THR C 99 10.01 -37.08 4.59
N ILE C 100 9.66 -38.35 4.64
CA ILE C 100 8.73 -38.84 5.69
C ILE C 100 9.13 -38.60 7.17
N HIS C 101 10.43 -38.57 7.50
CA HIS C 101 10.87 -38.42 8.91
C HIS C 101 11.70 -37.14 9.13
N TYR C 102 11.67 -36.24 8.16
CA TYR C 102 12.27 -34.91 8.34
C TYR C 102 11.50 -34.19 9.41
N PRO C 103 12.16 -33.26 10.14
CA PRO C 103 11.39 -32.35 11.00
C PRO C 103 10.30 -31.60 10.20
N PRO C 104 9.18 -31.24 10.87
CA PRO C 104 8.13 -30.50 10.17
C PRO C 104 8.62 -29.28 9.39
N SER C 105 9.41 -28.43 10.04
CA SER C 105 9.80 -27.13 9.44
C SER C 105 10.66 -27.31 8.23
N GLN C 106 11.25 -28.49 8.08
CA GLN C 106 12.08 -28.86 6.93
C GLN C 106 11.30 -29.68 5.92
N GLY C 107 9.96 -29.64 5.96
CA GLY C 107 9.18 -30.26 4.88
C GLY C 107 8.81 -31.71 5.02
N GLN C 108 8.67 -32.17 6.28
CA GLN C 108 8.17 -33.54 6.53
C GLN C 108 6.89 -33.79 5.70
N MET C 109 6.76 -34.98 5.13
CA MET C 109 5.61 -35.30 4.28
C MET C 109 4.35 -35.15 5.12
N ASP C 110 3.39 -34.42 4.57
CA ASP C 110 2.07 -34.29 5.15
C ASP C 110 1.10 -34.51 4.01
N LEU C 111 -0.17 -34.75 4.35
CA LEU C 111 -1.19 -35.10 3.37
C LEU C 111 -2.54 -34.55 3.85
N CYS C 112 -3.32 -33.97 2.94
CA CYS C 112 -4.72 -33.68 3.30
C CYS C 112 -5.66 -34.19 2.22
N VAL C 113 -6.80 -34.67 2.65
CA VAL C 113 -7.89 -35.04 1.77
C VAL C 113 -8.46 -33.69 1.28
N THR C 114 -8.80 -33.60 -0.01
CA THR C 114 -9.40 -32.41 -0.61
C THR C 114 -10.71 -32.80 -1.34
N SER C 115 -11.51 -31.80 -1.69
CA SER C 115 -12.79 -32.05 -2.31
C SER C 115 -12.55 -32.14 -3.79
N GLY C 116 -11.96 -33.27 -4.20
CA GLY C 116 -11.39 -33.45 -5.55
C GLY C 116 -9.94 -33.04 -5.57
N SER C 117 -9.15 -33.56 -6.50
CA SER C 117 -7.76 -33.12 -6.61
C SER C 117 -7.65 -31.65 -7.03
N GLN C 118 -8.62 -31.19 -7.80
CA GLN C 118 -8.53 -29.87 -8.38
C GLN C 118 -8.59 -28.83 -7.23
N GLN C 119 -9.23 -29.17 -6.11
CA GLN C 119 -9.31 -28.23 -5.01
C GLN C 119 -7.94 -28.03 -4.40
N GLY C 120 -7.21 -29.12 -4.16
CA GLY C 120 -5.79 -29.06 -3.75
C GLY C 120 -4.97 -28.17 -4.67
N LEU C 121 -5.03 -28.45 -5.97
CA LEU C 121 -4.25 -27.69 -6.94
C LEU C 121 -4.56 -26.21 -6.92
N CYS C 122 -5.85 -25.88 -6.96
CA CYS C 122 -6.27 -24.51 -6.92
C CYS C 122 -5.78 -23.80 -5.66
N LYS C 123 -5.93 -24.39 -4.48
CA LYS C 123 -5.46 -23.73 -3.23
C LYS C 123 -3.92 -23.57 -3.26
N VAL C 124 -3.24 -24.50 -3.90
CA VAL C 124 -1.78 -24.43 -4.05
C VAL C 124 -1.34 -23.23 -4.92
N PHE C 125 -1.94 -23.10 -6.10
CA PHE C 125 -1.75 -21.95 -6.95
C PHE C 125 -2.06 -20.64 -6.23
N GLU C 126 -3.20 -20.57 -5.49
CA GLU C 126 -3.55 -19.38 -4.66
C GLU C 126 -2.51 -19.08 -3.60
N MET C 127 -1.99 -20.12 -2.97
CA MET C 127 -0.97 -20.02 -1.91
C MET C 127 0.31 -19.34 -2.42
N ILE C 128 0.70 -19.68 -3.63
CA ILE C 128 2.02 -19.34 -4.16
C ILE C 128 2.07 -18.00 -4.95
N ILE C 129 1.06 -17.79 -5.79
CA ILE C 129 1.22 -16.86 -6.90
C ILE C 129 0.86 -15.40 -6.54
N ASN C 130 1.83 -14.50 -6.71
CA ASN C 130 1.61 -13.06 -6.81
C ASN C 130 1.55 -12.66 -8.28
N PRO C 131 0.76 -11.61 -8.62
CA PRO C 131 0.81 -11.13 -10.02
C PRO C 131 2.27 -10.88 -10.53
N GLY C 132 2.51 -11.28 -11.77
CA GLY C 132 3.84 -11.10 -12.38
C GLY C 132 4.82 -12.20 -12.01
N ASP C 133 4.42 -13.16 -11.15
CA ASP C 133 5.28 -14.33 -10.88
C ASP C 133 5.45 -15.20 -12.13
N ASN C 134 6.64 -15.75 -12.34
CA ASN C 134 6.88 -16.65 -13.47
C ASN C 134 6.62 -18.06 -13.04
N VAL C 135 5.85 -18.78 -13.84
CA VAL C 135 5.61 -20.20 -13.61
C VAL C 135 5.88 -20.95 -14.92
N LEU C 136 6.23 -22.22 -14.79
CA LEU C 136 6.63 -23.04 -15.89
C LEU C 136 5.64 -24.17 -16.13
N LEU C 137 5.23 -24.37 -17.37
CA LEU C 137 4.54 -25.58 -17.71
C LEU C 137 4.63 -25.98 -19.19
N ASP C 138 4.30 -27.22 -19.50
CA ASP C 138 4.24 -27.68 -20.88
C ASP C 138 2.82 -27.56 -21.44
N GLU C 139 2.71 -26.88 -22.58
CA GLU C 139 1.48 -26.88 -23.36
C GLU C 139 1.61 -27.92 -24.48
N PRO C 140 0.50 -28.63 -24.83
CA PRO C 140 -0.87 -28.44 -24.32
C PRO C 140 -0.99 -28.90 -22.87
N ALA C 141 -1.88 -28.21 -22.15
CA ALA C 141 -1.96 -28.34 -20.69
C ALA C 141 -3.42 -28.54 -20.36
N TYR C 142 -3.69 -29.15 -19.21
CA TYR C 142 -5.06 -29.31 -18.79
C TYR C 142 -5.76 -27.94 -18.69
N SER C 143 -6.91 -27.82 -19.33
CA SER C 143 -7.56 -26.53 -19.43
C SER C 143 -8.03 -25.99 -18.09
N GLY C 144 -8.49 -26.85 -17.19
CA GLY C 144 -8.85 -26.43 -15.83
C GLY C 144 -7.68 -25.78 -15.08
N THR C 145 -6.46 -26.24 -15.33
CA THR C 145 -5.32 -25.57 -14.71
C THR C 145 -5.04 -24.19 -15.34
N LEU C 146 -5.10 -24.11 -16.67
CA LEU C 146 -4.93 -22.86 -17.37
C LEU C 146 -5.92 -21.82 -16.93
N GLN C 147 -7.19 -22.23 -16.78
CA GLN C 147 -8.24 -21.30 -16.35
C GLN C 147 -8.02 -20.89 -14.89
N SER C 148 -7.47 -21.81 -14.10
CA SER C 148 -7.13 -21.50 -12.73
C SER C 148 -6.00 -20.46 -12.63
N LEU C 149 -5.01 -20.58 -13.52
CA LEU C 149 -3.81 -19.71 -13.49
C LEU C 149 -3.98 -18.34 -14.11
N HIS C 150 -4.85 -18.26 -15.10
CA HIS C 150 -5.15 -16.99 -15.77
C HIS C 150 -5.53 -15.80 -14.84
N PRO C 151 -6.56 -15.96 -13.94
CA PRO C 151 -6.89 -14.77 -13.10
C PRO C 151 -5.83 -14.36 -12.09
N LEU C 152 -4.92 -15.26 -11.77
CA LEU C 152 -3.86 -15.00 -10.83
C LEU C 152 -2.74 -14.07 -11.35
N GLY C 153 -2.76 -13.74 -12.63
CA GLY C 153 -1.77 -12.81 -13.17
C GLY C 153 -0.32 -13.26 -13.27
N CYS C 154 -0.08 -14.57 -13.26
CA CYS C 154 1.27 -15.08 -13.40
C CYS C 154 1.60 -15.08 -14.89
N ASN C 155 2.89 -15.06 -15.20
CA ASN C 155 3.41 -15.29 -16.55
C ASN C 155 3.73 -16.76 -16.70
N ILE C 156 2.98 -17.43 -17.54
CA ILE C 156 3.20 -18.84 -17.80
C ILE C 156 4.26 -18.95 -18.90
N ILE C 157 5.36 -19.63 -18.62
CA ILE C 157 6.38 -19.87 -19.61
C ILE C 157 6.34 -21.31 -20.09
N ASN C 158 6.14 -21.49 -21.40
CA ASN C 158 5.97 -22.81 -21.98
C ASN C 158 7.27 -23.59 -22.07
N VAL C 159 7.30 -24.79 -21.52
CA VAL C 159 8.47 -25.63 -21.63
C VAL C 159 8.14 -26.54 -22.81
N ALA C 160 9.12 -26.79 -23.70
CA ALA C 160 8.91 -27.73 -24.81
C ALA C 160 8.63 -29.17 -24.32
N SER C 161 7.76 -29.86 -25.04
CA SER C 161 7.35 -31.24 -24.68
C SER C 161 7.26 -32.09 -25.96
N ASP C 162 7.51 -33.39 -25.86
CA ASP C 162 7.33 -34.27 -27.04
C ASP C 162 6.53 -35.46 -26.62
N GLU C 163 6.66 -36.61 -27.31
CA GLU C 163 5.99 -37.85 -26.91
C GLU C 163 6.39 -38.38 -25.55
N SER C 164 7.57 -37.97 -25.05
CA SER C 164 8.06 -38.35 -23.72
C SER C 164 7.85 -37.30 -22.60
N GLY C 165 6.99 -36.33 -22.84
CA GLY C 165 6.66 -35.34 -21.82
C GLY C 165 7.51 -34.11 -22.03
N ILE C 166 7.71 -33.31 -20.98
CA ILE C 166 8.53 -32.12 -21.18
C ILE C 166 10.00 -32.53 -21.46
N VAL C 167 10.65 -31.71 -22.29
CA VAL C 167 12.00 -31.97 -22.74
C VAL C 167 12.96 -31.26 -21.78
N PRO C 168 13.76 -32.04 -21.01
CA PRO C 168 14.64 -31.38 -20.03
C PRO C 168 15.58 -30.31 -20.60
N ASP C 169 16.10 -30.51 -21.82
CA ASP C 169 16.96 -29.49 -22.47
C ASP C 169 16.23 -28.18 -22.72
N SER C 170 14.92 -28.24 -22.95
CA SER C 170 14.14 -27.00 -23.10
C SER C 170 13.97 -26.25 -21.76
N LEU C 171 13.70 -27.01 -20.71
CA LEU C 171 13.69 -26.50 -19.32
C LEU C 171 15.05 -25.80 -18.98
N ARG C 172 16.12 -26.54 -19.16
CA ARG C 172 17.49 -26.04 -18.97
C ARG C 172 17.63 -24.70 -19.72
N ASP C 173 17.26 -24.71 -20.99
CA ASP C 173 17.53 -23.57 -21.87
C ASP C 173 16.85 -22.35 -21.32
N ILE C 174 15.54 -22.46 -21.03
CA ILE C 174 14.83 -21.29 -20.53
C ILE C 174 15.32 -20.86 -19.13
N LEU C 175 15.72 -21.79 -18.25
CA LEU C 175 16.22 -21.40 -16.92
C LEU C 175 17.56 -20.64 -17.00
N SER C 176 18.30 -20.85 -18.09
CA SER C 176 19.65 -20.23 -18.31
C SER C 176 19.61 -18.71 -18.39
N ARG C 177 18.42 -18.14 -18.55
CA ARG C 177 18.29 -16.68 -18.50
C ARG C 177 18.43 -16.11 -17.07
N TRP C 178 18.25 -16.94 -16.06
CA TRP C 178 18.55 -16.56 -14.68
C TRP C 178 19.85 -17.26 -14.30
N LYS C 179 20.51 -16.78 -13.26
CA LYS C 179 21.56 -17.59 -12.61
C LYS C 179 20.98 -18.26 -11.38
N PRO C 180 21.52 -19.43 -11.01
CA PRO C 180 21.01 -20.18 -9.86
C PRO C 180 20.79 -19.30 -8.63
N GLU C 181 21.70 -18.37 -8.35
CA GLU C 181 21.58 -17.58 -7.13
C GLU C 181 20.47 -16.52 -7.17
N ASP C 182 19.91 -16.25 -8.35
CA ASP C 182 18.81 -15.27 -8.47
C ASP C 182 17.55 -15.67 -7.67
N ALA C 183 17.45 -16.97 -7.39
CA ALA C 183 16.38 -17.59 -6.63
C ALA C 183 16.37 -17.08 -5.20
N LYS C 184 17.55 -16.70 -4.72
CA LYS C 184 17.68 -16.13 -3.38
C LYS C 184 17.36 -14.64 -3.36
N ASN C 185 17.39 -14.03 -4.55
CA ASN C 185 17.31 -12.58 -4.71
C ASN C 185 15.85 -12.16 -4.74
N PRO C 186 15.42 -11.39 -3.71
CA PRO C 186 14.01 -11.09 -3.46
C PRO C 186 13.16 -11.40 -4.69
N GLN C 187 13.39 -10.67 -5.79
CA GLN C 187 12.89 -11.07 -7.10
C GLN C 187 13.79 -10.53 -8.25
N LYS C 188 14.72 -11.40 -8.62
CA LYS C 188 15.12 -11.55 -9.98
C LYS C 188 13.99 -12.36 -10.66
N ASN C 189 12.87 -12.50 -9.95
CA ASN C 189 11.66 -13.19 -10.44
C ASN C 189 11.91 -14.59 -11.01
N THR C 190 12.74 -15.38 -10.33
CA THR C 190 12.97 -16.76 -10.80
C THR C 190 11.63 -17.56 -10.71
N PRO C 191 11.42 -18.57 -11.60
CA PRO C 191 10.16 -19.32 -11.47
C PRO C 191 9.88 -19.88 -10.07
N LYS C 192 8.63 -19.72 -9.65
CA LYS C 192 8.14 -20.23 -8.38
C LYS C 192 7.96 -21.77 -8.46
N PHE C 193 7.47 -22.27 -9.60
CA PHE C 193 7.16 -23.71 -9.78
C PHE C 193 7.10 -24.15 -11.22
N LEU C 194 7.37 -25.44 -11.42
CA LEU C 194 6.99 -26.13 -12.65
C LEU C 194 5.74 -26.98 -12.33
N TYR C 195 4.74 -26.89 -13.20
CA TYR C 195 3.56 -27.74 -13.14
C TYR C 195 3.60 -28.73 -14.28
N THR C 196 3.38 -30.01 -13.99
CA THR C 196 3.18 -30.98 -15.09
C THR C 196 2.27 -32.09 -14.66
N VAL C 197 1.67 -32.75 -15.65
CA VAL C 197 0.93 -33.96 -15.41
C VAL C 197 1.75 -35.08 -16.02
N PRO C 198 2.45 -35.86 -15.18
CA PRO C 198 3.51 -36.71 -15.71
C PRO C 198 3.04 -37.98 -16.41
N ASN C 199 1.79 -38.39 -16.16
CA ASN C 199 1.25 -39.64 -16.71
C ASN C 199 -0.05 -39.34 -17.39
N GLY C 200 -0.13 -39.67 -18.68
CA GLY C 200 -1.37 -39.49 -19.43
C GLY C 200 -1.84 -38.06 -19.48
N ASN C 201 -0.94 -37.14 -19.80
CA ASN C 201 -1.31 -35.71 -19.82
C ASN C 201 -2.67 -35.56 -20.51
N ASN C 202 -3.49 -34.72 -19.92
CA ASN C 202 -4.70 -34.29 -20.57
C ASN C 202 -4.33 -32.97 -21.27
N PRO C 203 -4.40 -32.92 -22.62
CA PRO C 203 -5.05 -33.80 -23.57
C PRO C 203 -4.18 -34.79 -24.35
N THR C 204 -2.86 -34.80 -24.13
CA THR C 204 -1.96 -35.46 -25.08
C THR C 204 -1.87 -36.95 -24.99
N GLY C 205 -2.14 -37.52 -23.81
CA GLY C 205 -1.93 -38.92 -23.59
C GLY C 205 -0.49 -39.35 -23.27
N ASN C 206 0.45 -38.42 -23.35
CA ASN C 206 1.89 -38.77 -23.16
C ASN C 206 2.37 -38.74 -21.70
N SER C 207 3.46 -39.45 -21.44
CA SER C 207 4.03 -39.56 -20.09
C SER C 207 5.56 -39.29 -20.08
N LEU C 208 6.01 -38.76 -18.96
CA LEU C 208 7.41 -38.59 -18.66
C LEU C 208 8.09 -39.94 -18.43
N THR C 209 9.35 -40.01 -18.81
CA THR C 209 10.15 -41.16 -18.48
C THR C 209 10.83 -40.93 -17.14
N SER C 210 11.28 -42.00 -16.51
CA SER C 210 12.10 -41.93 -15.27
C SER C 210 13.38 -41.07 -15.46
N GLU C 211 14.08 -41.23 -16.61
CA GLU C 211 15.28 -40.46 -16.90
C GLU C 211 15.03 -38.95 -16.90
N ARG C 212 13.98 -38.53 -17.61
CA ARG C 212 13.56 -37.12 -17.70
C ARG C 212 13.11 -36.50 -16.36
N LYS C 213 12.42 -37.28 -15.52
CA LYS C 213 12.12 -36.83 -14.15
C LYS C 213 13.34 -36.53 -13.31
N LYS C 214 14.34 -37.43 -13.33
CA LYS C 214 15.62 -37.21 -12.64
C LYS C 214 16.25 -35.88 -13.07
N GLU C 215 16.35 -35.63 -14.39
CA GLU C 215 16.91 -34.37 -14.93
C GLU C 215 16.12 -33.11 -14.58
N ILE C 216 14.79 -33.22 -14.63
CA ILE C 216 13.90 -32.11 -14.28
C ILE C 216 14.01 -31.79 -12.78
N TYR C 217 14.08 -32.83 -11.95
CA TYR C 217 14.25 -32.66 -10.49
C TYR C 217 15.56 -31.93 -10.14
N GLU C 218 16.65 -32.32 -10.81
CA GLU C 218 17.96 -31.65 -10.67
C GLU C 218 17.95 -30.16 -11.02
N LEU C 219 17.25 -29.81 -12.10
CA LEU C 219 16.97 -28.41 -12.47
C LEU C 219 16.15 -27.62 -11.42
N ALA C 220 15.12 -28.28 -10.87
CA ALA C 220 14.30 -27.71 -9.81
C ALA C 220 15.14 -27.41 -8.57
N ARG C 221 16.09 -28.28 -8.26
CA ARG C 221 17.02 -28.03 -7.14
C ARG C 221 17.93 -26.85 -7.46
N LYS C 222 18.59 -26.93 -8.63
CA LYS C 222 19.56 -25.91 -9.05
C LYS C 222 18.98 -24.49 -9.03
N TYR C 223 17.79 -24.33 -9.57
CA TYR C 223 17.15 -23.02 -9.62
C TYR C 223 16.11 -22.84 -8.50
N ASP C 224 16.08 -23.76 -7.53
CA ASP C 224 15.15 -23.74 -6.41
C ASP C 224 13.68 -23.36 -6.69
N PHE C 225 13.01 -24.20 -7.49
CA PHE C 225 11.57 -24.05 -7.64
C PHE C 225 10.84 -25.32 -7.22
N LEU C 226 9.56 -25.17 -6.94
CA LEU C 226 8.70 -26.29 -6.57
C LEU C 226 8.33 -27.08 -7.85
N ILE C 227 8.05 -28.36 -7.66
CA ILE C 227 7.43 -29.16 -8.69
C ILE C 227 6.02 -29.48 -8.21
N ILE C 228 5.04 -29.08 -8.99
CA ILE C 228 3.69 -29.54 -8.74
C ILE C 228 3.35 -30.69 -9.68
N GLU C 229 3.31 -31.84 -9.08
CA GLU C 229 3.13 -33.10 -9.76
C GLU C 229 1.62 -33.39 -9.70
N ASP C 230 0.89 -33.03 -10.77
CA ASP C 230 -0.57 -33.24 -10.80
C ASP C 230 -0.79 -34.57 -11.53
N ASP C 231 -1.20 -35.60 -10.78
CA ASP C 231 -1.04 -36.95 -11.30
C ASP C 231 -2.36 -37.77 -11.22
N PRO C 232 -3.46 -37.28 -11.83
CA PRO C 232 -4.73 -37.97 -11.69
C PRO C 232 -4.87 -39.26 -12.50
N TYR C 233 -3.94 -39.47 -13.44
CA TYR C 233 -3.92 -40.73 -14.19
C TYR C 233 -2.76 -41.59 -13.77
N TYR C 234 -2.20 -41.33 -12.59
CA TYR C 234 -1.12 -42.16 -12.04
C TYR C 234 -1.53 -43.66 -12.00
N PHE C 235 -2.82 -43.91 -11.73
CA PHE C 235 -3.31 -45.26 -11.54
C PHE C 235 -3.92 -45.79 -12.83
N LEU C 236 -3.57 -45.16 -13.94
CA LEU C 236 -4.04 -45.59 -15.26
C LEU C 236 -2.94 -45.75 -16.31
N GLN C 237 -1.75 -46.17 -15.89
CA GLN C 237 -0.58 -46.28 -16.77
C GLN C 237 -0.66 -47.64 -17.48
N PHE C 238 -0.48 -47.66 -18.79
CA PHE C 238 -0.66 -48.91 -19.53
C PHE C 238 0.50 -49.87 -19.40
N ASN C 239 1.69 -49.32 -19.18
CA ASN C 239 2.82 -50.09 -18.68
C ASN C 239 2.57 -50.43 -17.21
N LYS C 240 2.34 -51.70 -16.91
CA LYS C 240 2.23 -52.13 -15.52
C LYS C 240 3.61 -52.35 -14.88
N PHE C 241 4.57 -51.51 -15.26
CA PHE C 241 5.65 -51.07 -14.38
C PHE C 241 5.51 -49.54 -14.28
N ARG C 242 4.97 -49.02 -13.18
CA ARG C 242 4.76 -47.55 -13.05
C ARG C 242 6.08 -46.82 -12.90
N VAL C 243 6.24 -45.71 -13.61
CA VAL C 243 7.47 -44.95 -13.50
C VAL C 243 7.51 -44.25 -12.13
N PRO C 244 8.70 -44.20 -11.49
CA PRO C 244 8.86 -43.51 -10.21
C PRO C 244 8.35 -42.08 -10.30
N THR C 245 7.69 -41.61 -9.28
CA THR C 245 7.15 -40.24 -9.26
C THR C 245 8.17 -39.19 -8.83
N PHE C 246 7.90 -37.92 -9.13
CA PHE C 246 8.70 -36.82 -8.52
C PHE C 246 8.75 -36.88 -6.98
N LEU C 247 7.65 -37.27 -6.37
CA LEU C 247 7.59 -37.33 -4.88
C LEU C 247 8.56 -38.38 -4.33
N SER C 248 8.65 -39.52 -5.01
CA SER C 248 9.58 -40.57 -4.60
C SER C 248 11.03 -40.13 -4.75
N MET C 249 11.25 -39.06 -5.52
CA MET C 249 12.57 -38.47 -5.74
C MET C 249 12.88 -37.29 -4.81
N ASP C 250 11.93 -36.95 -3.93
CA ASP C 250 11.94 -35.59 -3.37
C ASP C 250 12.76 -35.44 -2.11
N VAL C 251 14.08 -35.55 -2.26
CA VAL C 251 15.00 -35.39 -1.16
C VAL C 251 14.99 -33.99 -0.52
N ASP C 252 14.65 -32.97 -1.29
CA ASP C 252 14.64 -31.58 -0.79
C ASP C 252 13.34 -31.13 -0.14
N GLY C 253 12.23 -31.85 -0.37
CA GLY C 253 10.89 -31.38 0.03
C GLY C 253 10.45 -30.21 -0.82
N ARG C 254 10.65 -30.32 -2.15
CA ARG C 254 10.17 -29.29 -3.07
C ARG C 254 9.01 -29.81 -3.91
N VAL C 255 8.49 -31.00 -3.63
CA VAL C 255 7.42 -31.53 -4.50
C VAL C 255 6.09 -31.45 -3.76
N ILE C 256 5.09 -30.94 -4.46
CA ILE C 256 3.68 -31.06 -4.00
C ILE C 256 2.94 -31.92 -5.02
N ARG C 257 2.39 -33.03 -4.54
CA ARG C 257 1.79 -34.01 -5.42
C ARG C 257 0.27 -33.97 -5.24
N ALA C 258 -0.48 -33.92 -6.32
CA ALA C 258 -1.91 -34.12 -6.24
C ALA C 258 -2.33 -35.49 -6.80
N ASP C 259 -3.04 -36.28 -5.99
CA ASP C 259 -3.64 -37.55 -6.43
C ASP C 259 -5.15 -37.44 -6.51
N SER C 260 -5.77 -38.26 -7.36
CA SER C 260 -7.22 -38.23 -7.59
C SER C 260 -7.82 -39.61 -7.47
N PHE C 261 -8.98 -39.72 -6.87
CA PHE C 261 -9.77 -40.92 -7.00
C PHE C 261 -10.78 -40.87 -8.13
N SER C 262 -10.77 -39.81 -8.92
CA SER C 262 -11.93 -39.51 -9.78
C SER C 262 -12.02 -40.46 -10.96
N LYS C 263 -10.86 -40.91 -11.42
CA LYS C 263 -10.77 -41.82 -12.58
C LYS C 263 -10.93 -43.27 -12.17
N ILE C 264 -10.67 -43.62 -10.91
CA ILE C 264 -10.73 -45.04 -10.55
C ILE C 264 -11.79 -45.44 -9.54
N ILE C 265 -12.22 -44.51 -8.67
CA ILE C 265 -13.21 -44.85 -7.65
C ILE C 265 -14.51 -44.05 -7.74
N SER C 266 -14.39 -42.75 -7.93
CA SER C 266 -15.53 -41.93 -8.21
C SER C 266 -15.11 -40.52 -8.39
N SER C 267 -15.61 -39.94 -9.49
CA SER C 267 -15.43 -38.51 -9.75
C SER C 267 -16.42 -37.65 -9.03
N GLY C 268 -17.65 -38.16 -8.92
CA GLY C 268 -18.68 -37.36 -8.34
C GLY C 268 -18.69 -37.29 -6.82
N LEU C 269 -18.00 -38.20 -6.13
CA LEU C 269 -17.79 -38.09 -4.67
C LEU C 269 -16.89 -36.90 -4.26
N ARG C 270 -16.09 -36.38 -5.20
CA ARG C 270 -15.24 -35.21 -4.94
C ARG C 270 -14.30 -35.52 -3.75
N ILE C 271 -13.40 -36.49 -3.93
CA ILE C 271 -12.36 -36.85 -2.97
C ILE C 271 -11.07 -37.05 -3.72
N GLY C 272 -10.11 -36.18 -3.43
CA GLY C 272 -8.71 -36.29 -3.87
C GLY C 272 -7.80 -36.10 -2.67
N PHE C 273 -6.49 -36.04 -2.92
CA PHE C 273 -5.59 -35.78 -1.83
C PHE C 273 -4.32 -35.14 -2.32
N LEU C 274 -3.70 -34.32 -1.45
CA LEU C 274 -2.54 -33.53 -1.74
C LEU C 274 -1.48 -33.94 -0.71
N THR C 275 -0.29 -34.22 -1.22
CA THR C 275 0.85 -34.65 -0.41
C THR C 275 2.00 -33.65 -0.68
N GLY C 276 2.69 -33.18 0.36
CA GLY C 276 3.75 -32.17 0.17
C GLY C 276 4.35 -31.85 1.52
N PRO C 277 5.31 -30.89 1.55
CA PRO C 277 6.01 -30.44 2.75
C PRO C 277 4.97 -29.94 3.75
N LYS C 278 5.11 -30.35 5.00
CA LYS C 278 4.19 -29.92 6.04
C LYS C 278 3.85 -28.40 6.02
N PRO C 279 4.86 -27.52 5.92
CA PRO C 279 4.51 -26.07 5.95
C PRO C 279 3.56 -25.59 4.84
N LEU C 280 3.67 -26.20 3.66
CA LEU C 280 2.83 -25.87 2.49
C LEU C 280 1.43 -26.47 2.61
N ILE C 281 1.36 -27.74 2.98
CA ILE C 281 0.09 -28.42 3.27
C ILE C 281 -0.72 -27.69 4.31
N GLU C 282 -0.02 -27.23 5.34
CA GLU C 282 -0.63 -26.40 6.39
C GLU C 282 -1.32 -25.16 5.84
N ARG C 283 -0.69 -24.42 4.92
CA ARG C 283 -1.35 -23.25 4.34
C ARG C 283 -2.63 -23.63 3.56
N VAL C 284 -2.62 -24.80 2.90
CA VAL C 284 -3.81 -25.18 2.14
C VAL C 284 -4.94 -25.67 3.03
N ILE C 285 -4.59 -26.39 4.11
CA ILE C 285 -5.58 -26.73 5.12
C ILE C 285 -6.27 -25.49 5.71
N LEU C 286 -5.49 -24.47 6.05
CA LEU C 286 -6.03 -23.24 6.60
C LEU C 286 -7.00 -22.54 5.62
N HIS C 287 -6.70 -22.56 4.32
CA HIS C 287 -7.62 -21.97 3.36
C HIS C 287 -8.85 -22.88 3.22
N ILE C 288 -8.64 -24.20 3.23
CA ILE C 288 -9.80 -25.10 3.22
C ILE C 288 -10.70 -24.83 4.43
N GLN C 289 -10.09 -24.62 5.59
CA GLN C 289 -10.86 -24.35 6.81
C GLN C 289 -11.83 -23.18 6.68
N VAL C 290 -11.50 -22.17 5.89
CA VAL C 290 -12.41 -21.03 5.69
C VAL C 290 -13.27 -21.10 4.41
N SER C 291 -13.14 -22.19 3.64
CA SER C 291 -13.98 -22.39 2.44
C SER C 291 -14.90 -23.62 2.54
N THR C 292 -14.44 -24.80 2.14
CA THR C 292 -15.37 -25.96 2.20
C THR C 292 -15.51 -26.51 3.65
N LEU C 293 -14.55 -26.14 4.51
CA LEU C 293 -14.41 -26.61 5.91
C LEU C 293 -13.77 -27.98 5.93
N HIS C 294 -14.31 -28.87 5.10
CA HIS C 294 -13.78 -30.21 4.97
C HIS C 294 -14.48 -30.97 3.84
N PRO C 295 -13.89 -32.13 3.39
CA PRO C 295 -14.58 -32.95 2.39
C PRO C 295 -15.76 -33.68 3.03
N SER C 296 -16.76 -34.04 2.22
CA SER C 296 -17.95 -34.67 2.71
C SER C 296 -17.54 -35.83 3.62
N THR C 297 -18.02 -35.84 4.85
CA THR C 297 -17.60 -36.93 5.73
C THR C 297 -18.20 -38.27 5.32
N PHE C 298 -19.46 -38.25 4.91
CA PHE C 298 -20.14 -39.40 4.29
C PHE C 298 -19.27 -40.04 3.20
N ASN C 299 -18.86 -39.24 2.23
CA ASN C 299 -18.10 -39.76 1.07
C ASN C 299 -16.71 -40.31 1.43
N GLN C 300 -16.03 -39.65 2.38
CA GLN C 300 -14.77 -40.13 2.95
C GLN C 300 -14.98 -41.49 3.66
N LEU C 301 -16.03 -41.58 4.49
CA LEU C 301 -16.36 -42.88 5.12
C LEU C 301 -16.65 -43.98 4.09
N MET C 302 -17.37 -43.69 3.00
CA MET C 302 -17.59 -44.72 1.95
C MET C 302 -16.26 -45.22 1.39
N ILE C 303 -15.41 -44.28 1.00
CA ILE C 303 -14.08 -44.61 0.44
C ILE C 303 -13.14 -45.31 1.45
N SER C 304 -13.05 -44.76 2.67
CA SER C 304 -12.11 -45.35 3.63
C SER C 304 -12.55 -46.79 4.02
N GLN C 305 -13.84 -47.04 4.09
CA GLN C 305 -14.28 -48.40 4.44
C GLN C 305 -14.07 -49.41 3.31
N LEU C 306 -14.23 -48.90 2.10
CA LEU C 306 -13.94 -49.68 0.89
C LEU C 306 -12.47 -50.07 0.87
N LEU C 307 -11.62 -49.06 1.05
CA LEU C 307 -10.20 -49.22 1.03
C LEU C 307 -9.68 -50.11 2.15
N HIS C 308 -10.18 -49.98 3.36
CA HIS C 308 -9.69 -50.82 4.48
C HIS C 308 -10.13 -52.26 4.31
N GLU C 309 -11.29 -52.45 3.72
CA GLU C 309 -11.76 -53.82 3.50
C GLU C 309 -11.03 -54.55 2.38
N TRP C 310 -10.78 -53.84 1.28
CA TRP C 310 -9.94 -54.33 0.19
C TRP C 310 -8.50 -54.52 0.63
N GLY C 311 -8.01 -53.61 1.48
CA GLY C 311 -6.59 -53.57 1.79
C GLY C 311 -5.83 -53.09 0.55
N GLU C 312 -4.52 -52.93 0.70
CA GLU C 312 -3.73 -52.47 -0.45
C GLU C 312 -3.77 -53.42 -1.63
N GLU C 313 -3.84 -54.72 -1.31
CA GLU C 313 -3.98 -55.77 -2.29
C GLU C 313 -5.26 -55.65 -3.11
N GLY C 314 -6.41 -55.51 -2.42
CA GLY C 314 -7.68 -55.36 -3.09
C GLY C 314 -7.72 -54.07 -3.91
N PHE C 315 -7.07 -53.03 -3.40
CA PHE C 315 -7.01 -51.75 -4.10
C PHE C 315 -6.23 -51.89 -5.41
N MET C 316 -5.03 -52.46 -5.32
CA MET C 316 -4.18 -52.57 -6.50
C MET C 316 -4.75 -53.54 -7.53
N ALA C 317 -5.44 -54.61 -7.06
CA ALA C 317 -6.23 -55.51 -7.94
C ALA C 317 -7.31 -54.77 -8.72
N HIS C 318 -8.02 -53.87 -8.04
CA HIS C 318 -9.03 -53.05 -8.68
C HIS C 318 -8.37 -52.14 -9.73
N VAL C 319 -7.27 -51.49 -9.37
CA VAL C 319 -6.61 -50.61 -10.36
C VAL C 319 -6.12 -51.39 -11.60
N ASP C 320 -5.61 -52.62 -11.38
CA ASP C 320 -5.25 -53.48 -12.51
C ASP C 320 -6.46 -53.80 -13.38
N ARG C 321 -7.63 -54.09 -12.79
CA ARG C 321 -8.79 -54.37 -13.61
C ARG C 321 -9.20 -53.12 -14.40
N VAL C 322 -9.19 -51.97 -13.76
CA VAL C 322 -9.53 -50.81 -14.55
C VAL C 322 -8.48 -50.44 -15.64
N ILE C 323 -7.19 -50.61 -15.34
CA ILE C 323 -6.13 -50.45 -16.35
C ILE C 323 -6.40 -51.38 -17.56
N ASP C 324 -6.64 -52.66 -17.28
CA ASP C 324 -7.03 -53.59 -18.33
C ASP C 324 -8.17 -53.08 -19.19
N PHE C 325 -9.22 -52.57 -18.56
CA PHE C 325 -10.38 -52.05 -19.32
C PHE C 325 -9.99 -50.84 -20.19
N TYR C 326 -9.33 -49.85 -19.58
CA TYR C 326 -8.91 -48.68 -20.36
C TYR C 326 -7.91 -49.05 -21.45
N SER C 327 -7.14 -50.10 -21.19
CA SER C 327 -6.19 -50.57 -22.17
C SER C 327 -6.94 -51.14 -23.40
N ASN C 328 -7.96 -51.95 -23.18
CA ASN C 328 -8.78 -52.44 -24.27
C ASN C 328 -9.52 -51.35 -25.03
N GLN C 329 -9.97 -50.32 -24.31
CA GLN C 329 -10.61 -49.17 -24.96
C GLN C 329 -9.59 -48.41 -25.85
N LYS C 330 -8.37 -48.25 -25.35
CA LYS C 330 -7.27 -47.62 -26.08
C LYS C 330 -6.92 -48.40 -27.36
N ASP C 331 -6.76 -49.72 -27.24
CA ASP C 331 -6.59 -50.56 -28.45
C ASP C 331 -7.67 -50.29 -29.48
N ALA C 332 -8.94 -50.28 -29.01
CA ALA C 332 -10.06 -50.03 -29.88
C ALA C 332 -10.05 -48.70 -30.59
N ILE C 333 -9.74 -47.64 -29.89
CA ILE C 333 -9.77 -46.34 -30.56
C ILE C 333 -8.59 -46.20 -31.56
N LEU C 334 -7.45 -46.79 -31.21
CA LEU C 334 -6.30 -46.88 -32.11
C LEU C 334 -6.62 -47.65 -33.38
N ALA C 335 -7.28 -48.81 -33.23
CA ALA C 335 -7.78 -49.56 -34.37
C ALA C 335 -8.69 -48.69 -35.26
N ALA C 336 -9.63 -47.96 -34.66
CA ALA C 336 -10.48 -47.05 -35.41
C ALA C 336 -9.70 -45.92 -36.16
N ALA C 337 -8.72 -45.36 -35.50
CA ALA C 337 -7.97 -44.25 -36.09
C ALA C 337 -7.17 -44.82 -37.26
N ASP C 338 -6.54 -45.97 -37.03
CA ASP C 338 -5.76 -46.62 -38.11
C ASP C 338 -6.67 -46.91 -39.30
N LYS C 339 -7.78 -47.53 -39.01
CA LYS C 339 -8.78 -47.81 -40.04
C LYS C 339 -9.22 -46.61 -40.91
N TRP C 340 -9.59 -45.50 -40.29
CA TRP C 340 -10.15 -44.36 -41.04
C TRP C 340 -9.23 -43.18 -41.36
N LEU C 341 -8.22 -42.96 -40.54
CA LEU C 341 -7.48 -41.70 -40.59
C LEU C 341 -6.05 -41.82 -41.12
N THR C 342 -5.65 -43.01 -41.52
CA THR C 342 -4.26 -43.18 -41.99
C THR C 342 -4.02 -42.21 -43.14
N GLY C 343 -2.99 -41.39 -43.01
CA GLY C 343 -2.71 -40.47 -44.12
C GLY C 343 -3.47 -39.16 -44.00
N LEU C 344 -4.51 -39.10 -43.18
CA LEU C 344 -5.24 -37.84 -42.86
C LEU C 344 -4.80 -37.16 -41.54
N ALA C 345 -4.18 -37.89 -40.64
CA ALA C 345 -3.94 -37.37 -39.29
C ALA C 345 -2.82 -38.13 -38.71
N GLU C 346 -2.30 -37.65 -37.57
CA GLU C 346 -1.20 -38.35 -36.92
C GLU C 346 -1.43 -38.31 -35.43
N TRP C 347 -0.92 -39.32 -34.72
CA TRP C 347 -1.14 -39.46 -33.25
C TRP C 347 -0.07 -40.37 -32.64
N HIS C 348 0.28 -40.10 -31.38
CA HIS C 348 1.12 -40.96 -30.58
C HIS C 348 0.22 -41.93 -29.81
N VAL C 349 0.72 -43.13 -29.53
CA VAL C 349 0.03 -44.05 -28.62
C VAL C 349 0.09 -43.47 -27.19
N PRO C 350 -1.08 -43.28 -26.57
CA PRO C 350 -1.23 -42.83 -25.18
C PRO C 350 -0.55 -43.83 -24.25
N ALA C 351 0.25 -43.30 -23.35
CA ALA C 351 1.02 -44.10 -22.43
C ALA C 351 0.16 -44.43 -21.20
N ALA C 352 -0.84 -43.58 -20.97
CA ALA C 352 -1.63 -43.65 -19.76
C ALA C 352 -2.92 -42.91 -19.99
N GLY C 353 -3.88 -43.11 -19.10
CA GLY C 353 -5.11 -42.28 -19.06
C GLY C 353 -6.19 -42.65 -20.05
N MET C 354 -6.89 -41.64 -20.57
CA MET C 354 -8.10 -41.88 -21.34
C MET C 354 -8.32 -41.05 -22.60
N PHE C 355 -7.30 -40.33 -23.06
CA PHE C 355 -7.46 -39.46 -24.24
C PHE C 355 -6.48 -39.82 -25.37
N LEU C 356 -6.99 -39.69 -26.60
CA LEU C 356 -6.20 -39.81 -27.83
C LEU C 356 -6.09 -38.42 -28.42
N TRP C 357 -4.88 -37.99 -28.76
CA TRP C 357 -4.64 -36.61 -29.21
C TRP C 357 -4.26 -36.71 -30.67
N ILE C 358 -5.08 -36.15 -31.52
CA ILE C 358 -4.96 -36.37 -32.94
C ILE C 358 -4.65 -35.07 -33.66
N LYS C 359 -3.53 -35.06 -34.40
CA LYS C 359 -3.24 -33.93 -35.26
C LYS C 359 -3.71 -34.15 -36.68
N VAL C 360 -4.74 -33.42 -37.09
CA VAL C 360 -5.30 -33.47 -38.45
C VAL C 360 -4.35 -32.79 -39.48
N LYS C 361 -3.99 -33.50 -40.56
CA LYS C 361 -3.14 -32.90 -41.62
C LYS C 361 -3.97 -31.98 -42.51
N GLY C 362 -3.34 -30.92 -42.98
CA GLY C 362 -4.01 -30.06 -43.98
C GLY C 362 -5.21 -29.25 -43.49
N ILE C 363 -5.38 -29.12 -42.17
CA ILE C 363 -6.40 -28.27 -41.57
C ILE C 363 -5.64 -27.43 -40.51
N ASN C 364 -5.66 -26.11 -40.70
CA ASN C 364 -5.00 -25.13 -39.81
C ASN C 364 -5.68 -25.08 -38.43
N ASP C 365 -7.01 -25.13 -38.45
CA ASP C 365 -7.87 -24.86 -37.29
C ASP C 365 -9.11 -25.75 -37.37
N VAL C 366 -9.28 -26.62 -36.39
CA VAL C 366 -10.25 -27.70 -36.48
C VAL C 366 -11.60 -27.33 -35.82
N LYS C 367 -11.65 -26.12 -35.24
CA LYS C 367 -12.85 -25.66 -34.53
C LYS C 367 -14.09 -25.68 -35.45
N GLU C 368 -14.01 -25.15 -36.68
CA GLU C 368 -15.10 -25.27 -37.66
C GLU C 368 -15.44 -26.71 -38.09
N LEU C 369 -14.41 -27.50 -38.38
CA LEU C 369 -14.66 -28.89 -38.72
C LEU C 369 -15.60 -29.48 -37.67
N ILE C 370 -15.28 -29.30 -36.39
CA ILE C 370 -16.11 -29.89 -35.32
C ILE C 370 -17.42 -29.15 -35.08
N GLU C 371 -17.32 -27.85 -34.83
CA GLU C 371 -18.50 -27.13 -34.32
C GLU C 371 -19.52 -26.84 -35.42
N GLU C 372 -19.07 -26.84 -36.68
CA GLU C 372 -19.98 -26.64 -37.81
C GLU C 372 -20.39 -27.94 -38.49
N LYS C 373 -19.41 -28.79 -38.81
CA LYS C 373 -19.66 -29.91 -39.70
C LYS C 373 -19.93 -31.21 -38.99
N ALA C 374 -19.08 -31.53 -38.00
CA ALA C 374 -19.19 -32.80 -37.27
C ALA C 374 -20.45 -32.84 -36.42
N VAL C 375 -20.78 -31.76 -35.70
CA VAL C 375 -22.04 -31.73 -34.95
C VAL C 375 -23.23 -32.08 -35.83
N LYS C 376 -23.30 -31.46 -37.01
CA LYS C 376 -24.39 -31.70 -37.98
C LYS C 376 -24.51 -33.16 -38.44
N MET C 377 -23.42 -33.91 -38.30
CA MET C 377 -23.36 -35.33 -38.63
C MET C 377 -23.51 -36.20 -37.40
N GLY C 378 -23.78 -35.60 -36.25
CA GLY C 378 -23.94 -36.38 -35.02
C GLY C 378 -22.68 -36.90 -34.35
N VAL C 379 -21.52 -36.28 -34.59
CA VAL C 379 -20.33 -36.75 -33.90
C VAL C 379 -19.53 -35.59 -33.25
N LEU C 380 -19.08 -35.80 -32.00
CA LEU C 380 -18.31 -34.77 -31.30
C LEU C 380 -16.91 -35.26 -30.94
N MET C 381 -15.93 -34.41 -31.21
CA MET C 381 -14.61 -34.54 -30.59
C MET C 381 -14.17 -33.14 -30.21
N LEU C 382 -13.19 -33.02 -29.33
CA LEU C 382 -12.91 -31.71 -28.76
C LEU C 382 -11.73 -31.01 -29.46
N PRO C 383 -11.96 -29.76 -29.95
CA PRO C 383 -10.87 -28.97 -30.56
C PRO C 383 -9.74 -28.74 -29.58
N GLY C 384 -8.52 -28.63 -30.10
CA GLY C 384 -7.40 -28.56 -29.18
C GLY C 384 -7.16 -27.22 -28.54
N ASN C 385 -7.87 -26.20 -29.01
CA ASN C 385 -7.71 -24.79 -28.61
C ASN C 385 -7.66 -24.51 -27.11
N ALA C 386 -8.42 -25.29 -26.34
CA ALA C 386 -8.66 -25.03 -24.91
C ALA C 386 -7.47 -25.41 -24.08
N PHE C 387 -6.53 -26.10 -24.71
CA PHE C 387 -5.34 -26.57 -24.01
C PHE C 387 -4.08 -25.74 -24.11
N TYR C 388 -4.24 -24.48 -24.57
CA TYR C 388 -3.07 -23.58 -24.74
C TYR C 388 -3.40 -22.29 -24.04
N VAL C 389 -2.38 -21.58 -23.56
CA VAL C 389 -2.61 -20.28 -22.85
C VAL C 389 -3.38 -19.36 -23.79
N ASP C 390 -2.96 -19.34 -25.06
CA ASP C 390 -3.64 -18.58 -26.10
C ASP C 390 -4.63 -19.49 -26.81
N SER C 391 -5.86 -19.51 -26.31
CA SER C 391 -6.88 -20.40 -26.82
C SER C 391 -7.40 -19.87 -28.15
N SER C 392 -7.11 -18.59 -28.42
CA SER C 392 -7.51 -17.93 -29.66
C SER C 392 -6.70 -18.37 -30.86
N ALA C 393 -5.49 -18.91 -30.64
CA ALA C 393 -4.63 -19.39 -31.73
C ALA C 393 -5.25 -20.63 -32.41
N PRO C 394 -5.00 -20.83 -33.72
CA PRO C 394 -5.61 -21.97 -34.32
C PRO C 394 -4.94 -23.25 -33.86
N SER C 395 -5.70 -24.34 -33.92
CA SER C 395 -5.20 -25.63 -33.58
C SER C 395 -5.70 -26.70 -34.51
N PRO C 396 -4.78 -27.55 -35.01
CA PRO C 396 -5.04 -28.74 -35.84
C PRO C 396 -5.38 -30.00 -35.03
N TYR C 397 -5.38 -29.89 -33.70
CA TYR C 397 -5.57 -31.07 -32.85
C TYR C 397 -6.98 -31.28 -32.37
N LEU C 398 -7.30 -32.57 -32.15
CA LEU C 398 -8.56 -33.01 -31.54
C LEU C 398 -8.24 -33.91 -30.41
N ARG C 399 -8.95 -33.72 -29.31
CA ARG C 399 -8.90 -34.68 -28.25
C ARG C 399 -10.07 -35.67 -28.33
N ALA C 400 -9.78 -36.97 -28.40
CA ALA C 400 -10.86 -37.97 -28.40
C ALA C 400 -10.75 -38.81 -27.14
N SER C 401 -11.85 -38.91 -26.39
CA SER C 401 -11.86 -39.78 -25.21
C SER C 401 -12.14 -41.21 -25.63
N PHE C 402 -11.40 -42.13 -25.04
CA PHE C 402 -11.72 -43.55 -25.18
C PHE C 402 -12.30 -44.23 -23.93
N SER C 403 -12.84 -43.44 -22.98
CA SER C 403 -13.23 -44.03 -21.70
C SER C 403 -14.51 -44.87 -21.82
N SER C 404 -15.38 -44.49 -22.76
CA SER C 404 -16.77 -44.98 -22.75
C SER C 404 -17.31 -45.59 -24.03
N ALA C 405 -16.90 -45.09 -25.19
CA ALA C 405 -17.56 -45.48 -26.44
C ALA C 405 -17.26 -46.94 -26.80
N SER C 406 -18.23 -47.60 -27.41
CA SER C 406 -18.09 -48.99 -27.82
C SER C 406 -17.23 -49.04 -29.12
N PRO C 407 -16.67 -50.22 -29.50
CA PRO C 407 -16.01 -50.27 -30.82
C PRO C 407 -16.87 -49.79 -31.99
N GLU C 408 -18.16 -50.10 -32.00
CA GLU C 408 -19.03 -49.62 -33.08
C GLU C 408 -19.10 -48.10 -33.10
N GLN C 409 -19.24 -47.49 -31.94
CA GLN C 409 -19.32 -46.04 -31.85
C GLN C 409 -18.08 -45.37 -32.35
N MET C 410 -16.91 -45.94 -32.01
CA MET C 410 -15.61 -45.39 -32.45
C MET C 410 -15.52 -45.53 -33.94
N ASP C 411 -16.00 -46.67 -34.44
CA ASP C 411 -16.03 -46.90 -35.89
C ASP C 411 -16.82 -45.85 -36.62
N VAL C 412 -18.10 -45.67 -36.25
CA VAL C 412 -18.94 -44.59 -36.80
C VAL C 412 -18.31 -43.18 -36.70
N ALA C 413 -17.77 -42.83 -35.53
CA ALA C 413 -17.24 -41.48 -35.33
C ALA C 413 -15.99 -41.20 -36.19
N PHE C 414 -15.11 -42.19 -36.32
CA PHE C 414 -13.88 -41.96 -37.10
C PHE C 414 -14.11 -41.99 -38.62
N GLN C 415 -15.04 -42.81 -39.08
CA GLN C 415 -15.46 -42.75 -40.49
C GLN C 415 -16.10 -41.39 -40.83
N VAL C 416 -16.96 -40.89 -39.93
CA VAL C 416 -17.57 -39.56 -40.12
C VAL C 416 -16.52 -38.49 -40.13
N LEU C 417 -15.59 -38.54 -39.18
CA LEU C 417 -14.53 -37.53 -39.09
C LEU C 417 -13.66 -37.56 -40.33
N ALA C 418 -13.24 -38.76 -40.74
CA ALA C 418 -12.41 -38.93 -41.96
C ALA C 418 -13.14 -38.30 -43.14
N GLN C 419 -14.44 -38.53 -43.26
CA GLN C 419 -15.18 -38.03 -44.41
C GLN C 419 -15.14 -36.49 -44.44
N LEU C 420 -15.40 -35.87 -43.29
CA LEU C 420 -15.38 -34.42 -43.16
C LEU C 420 -13.98 -33.80 -43.33
N ILE C 421 -12.92 -34.45 -42.84
CA ILE C 421 -11.54 -33.99 -43.14
C ILE C 421 -11.36 -33.90 -44.65
N LYS C 422 -11.69 -34.97 -45.35
CA LYS C 422 -11.56 -34.97 -46.82
C LYS C 422 -12.44 -33.95 -47.52
N GLU C 423 -13.68 -33.76 -47.05
CA GLU C 423 -14.54 -32.68 -47.57
C GLU C 423 -14.00 -31.26 -47.30
N SER C 424 -13.09 -31.15 -46.34
CA SER C 424 -12.48 -29.87 -45.98
C SER C 424 -11.17 -29.55 -46.74
N LEU C 425 -10.54 -30.58 -47.30
CA LEU C 425 -9.27 -30.44 -48.01
C LEU C 425 -9.52 -29.94 -49.43
N MET D 1 -26.88 -1.62 -9.18
CA MET D 1 -26.91 -1.54 -10.64
C MET D 1 -25.49 -1.71 -11.19
N ASN D 2 -24.45 -1.26 -10.49
CA ASN D 2 -23.09 -1.38 -11.07
C ASN D 2 -22.24 -2.52 -10.46
N TYR D 3 -22.42 -3.71 -11.01
CA TYR D 3 -21.83 -4.92 -10.41
C TYR D 3 -20.32 -4.95 -10.48
N ALA D 4 -19.75 -4.43 -11.58
CA ALA D 4 -18.29 -4.31 -11.72
C ALA D 4 -17.56 -3.68 -10.51
N ARG D 5 -18.20 -2.84 -9.72
CA ARG D 5 -17.46 -2.24 -8.59
C ARG D 5 -17.22 -3.21 -7.44
N PHE D 6 -17.98 -4.29 -7.45
CA PHE D 6 -17.96 -5.33 -6.43
C PHE D 6 -17.23 -6.61 -6.86
N ILE D 7 -16.39 -6.46 -7.88
CA ILE D 7 -15.78 -7.59 -8.53
C ILE D 7 -14.34 -7.16 -8.73
N THR D 8 -13.47 -7.93 -8.13
CA THR D 8 -12.04 -7.79 -8.16
C THR D 8 -11.49 -8.02 -9.61
N ALA D 9 -10.24 -7.59 -9.93
CA ALA D 9 -9.72 -7.80 -11.28
C ALA D 9 -9.50 -9.27 -11.53
N ALA D 10 -9.00 -10.00 -10.54
CA ALA D 10 -8.82 -11.43 -10.70
C ALA D 10 -10.21 -12.07 -10.97
N SER D 11 -11.22 -11.72 -10.17
CA SER D 11 -12.59 -12.25 -10.39
C SER D 11 -13.21 -11.89 -11.77
N ALA D 12 -13.13 -10.63 -12.17
CA ALA D 12 -13.49 -10.20 -13.54
C ALA D 12 -12.77 -11.00 -14.64
N ALA D 13 -11.51 -11.39 -14.39
CA ALA D 13 -10.68 -12.16 -15.35
C ALA D 13 -11.10 -13.61 -15.60
N ARG D 14 -11.77 -14.24 -14.64
CA ARG D 14 -12.35 -15.59 -14.84
C ARG D 14 -13.18 -15.71 -16.13
N ASN D 15 -12.81 -16.72 -16.93
CA ASN D 15 -13.56 -17.11 -18.13
C ASN D 15 -14.36 -18.38 -17.94
N PRO D 16 -15.58 -18.42 -18.52
CA PRO D 16 -16.50 -19.56 -18.47
C PRO D 16 -15.90 -20.89 -18.88
N SER D 17 -15.22 -20.89 -20.03
CA SER D 17 -15.14 -22.05 -20.93
C SER D 17 -14.14 -23.12 -20.46
N PRO D 18 -13.83 -24.11 -21.33
CA PRO D 18 -14.47 -24.47 -22.61
C PRO D 18 -15.35 -25.74 -22.57
N ILE D 19 -14.70 -26.91 -22.54
CA ILE D 19 -15.29 -28.25 -22.64
C ILE D 19 -16.84 -28.34 -22.72
N ARG D 20 -17.52 -28.20 -21.57
CA ARG D 20 -18.95 -28.52 -21.39
C ARG D 20 -19.95 -27.92 -22.39
N THR D 21 -19.51 -26.89 -23.12
CA THR D 21 -20.28 -26.35 -24.26
C THR D 21 -20.02 -27.15 -25.56
N MET D 22 -19.42 -28.34 -25.40
CA MET D 22 -19.51 -29.43 -26.36
C MET D 22 -20.65 -30.32 -25.89
N THR D 23 -20.44 -30.96 -24.74
CA THR D 23 -21.42 -31.91 -24.20
C THR D 23 -22.68 -31.21 -23.62
N ASP D 24 -22.87 -29.94 -23.99
CA ASP D 24 -24.15 -29.26 -23.88
C ASP D 24 -24.98 -29.49 -25.16
N ILE D 25 -24.28 -29.56 -26.30
CA ILE D 25 -24.85 -29.82 -27.63
C ILE D 25 -25.48 -31.21 -27.67
N LEU D 26 -24.82 -32.15 -26.98
CA LEU D 26 -25.29 -33.55 -26.90
C LEU D 26 -26.65 -33.65 -26.20
N SER D 27 -26.80 -32.92 -25.09
CA SER D 27 -27.95 -33.01 -24.20
C SER D 27 -29.28 -32.64 -24.86
N ARG D 28 -29.23 -31.97 -26.01
CA ARG D 28 -30.45 -31.58 -26.71
C ARG D 28 -30.47 -32.00 -28.20
N GLY D 29 -29.59 -32.94 -28.55
CA GLY D 29 -29.50 -33.47 -29.91
C GLY D 29 -30.18 -34.83 -30.03
N PRO D 30 -29.99 -35.51 -31.18
CA PRO D 30 -30.61 -36.82 -31.41
C PRO D 30 -29.98 -37.87 -30.50
N LYS D 31 -30.73 -38.92 -30.14
CA LYS D 31 -30.16 -39.99 -29.30
C LYS D 31 -29.07 -40.78 -30.05
N SER D 32 -29.00 -40.62 -31.38
CA SER D 32 -27.99 -41.28 -32.20
C SER D 32 -26.63 -40.60 -32.15
N MET D 33 -26.57 -39.37 -31.58
CA MET D 33 -25.32 -38.57 -31.50
C MET D 33 -24.20 -39.29 -30.72
N ILE D 34 -22.99 -39.24 -31.26
CA ILE D 34 -21.87 -39.89 -30.60
C ILE D 34 -20.88 -38.82 -30.19
N SER D 35 -20.53 -38.77 -28.91
CA SER D 35 -19.52 -37.84 -28.46
C SER D 35 -18.29 -38.52 -27.91
N LEU D 36 -17.13 -38.15 -28.42
CA LEU D 36 -15.82 -38.49 -27.82
C LEU D 36 -15.17 -37.22 -27.26
N ALA D 37 -15.98 -36.21 -27.04
CA ALA D 37 -15.49 -34.89 -26.69
C ALA D 37 -15.40 -34.62 -25.18
N GLY D 38 -16.04 -35.44 -24.36
CA GLY D 38 -16.07 -35.16 -22.91
C GLY D 38 -14.92 -35.78 -22.16
N GLY D 39 -14.70 -35.34 -20.93
CA GLY D 39 -13.64 -35.88 -20.09
C GLY D 39 -14.14 -36.73 -18.93
N LEU D 40 -15.28 -37.39 -19.12
CA LEU D 40 -15.90 -38.22 -18.08
C LEU D 40 -15.24 -39.55 -18.09
N PRO D 41 -14.78 -40.04 -16.92
CA PRO D 41 -14.31 -41.43 -16.79
C PRO D 41 -15.50 -42.39 -16.90
N ASN D 42 -15.21 -43.63 -17.30
CA ASN D 42 -16.23 -44.67 -17.35
C ASN D 42 -16.68 -44.97 -15.94
N PRO D 43 -17.97 -44.70 -15.62
CA PRO D 43 -18.48 -44.87 -14.25
C PRO D 43 -18.72 -46.38 -13.92
N ASN D 44 -18.76 -47.23 -14.94
CA ASN D 44 -18.90 -48.66 -14.73
C ASN D 44 -17.75 -49.30 -14.00
N MET D 45 -16.62 -48.58 -13.95
CA MET D 45 -15.42 -49.04 -13.28
C MET D 45 -15.49 -48.76 -11.78
N PHE D 46 -16.39 -47.86 -11.40
CA PHE D 46 -16.54 -47.46 -10.00
C PHE D 46 -17.12 -48.60 -9.16
N PRO D 47 -16.55 -48.87 -7.96
CA PRO D 47 -16.94 -50.09 -7.22
C PRO D 47 -18.29 -50.12 -6.47
N PHE D 48 -18.84 -48.98 -6.10
CA PHE D 48 -20.17 -48.88 -5.45
C PHE D 48 -21.26 -49.01 -6.51
N LYS D 49 -22.24 -49.88 -6.29
CA LYS D 49 -23.19 -50.23 -7.36
C LYS D 49 -24.63 -49.83 -7.06
N THR D 50 -25.02 -49.79 -5.79
CA THR D 50 -26.40 -49.42 -5.40
C THR D 50 -26.33 -48.85 -4.00
N ALA D 51 -27.32 -48.06 -3.64
CA ALA D 51 -27.40 -47.50 -2.26
C ALA D 51 -28.87 -47.55 -1.80
N VAL D 52 -29.06 -47.89 -0.51
CA VAL D 52 -30.35 -47.78 0.19
C VAL D 52 -30.13 -46.99 1.46
N ILE D 53 -30.83 -45.86 1.54
CA ILE D 53 -30.67 -44.95 2.68
C ILE D 53 -32.06 -44.77 3.33
N THR D 54 -32.19 -45.12 4.61
CA THR D 54 -33.47 -44.95 5.29
C THR D 54 -33.64 -43.55 5.79
N VAL D 55 -34.89 -43.10 5.86
CA VAL D 55 -35.23 -41.74 6.28
C VAL D 55 -36.32 -41.77 7.38
N GLU D 56 -36.07 -41.04 8.46
CA GLU D 56 -37.10 -40.84 9.46
C GLU D 56 -38.19 -39.91 8.92
N ASN D 57 -39.46 -40.33 9.06
CA ASN D 57 -40.63 -39.60 8.53
C ASN D 57 -40.55 -39.36 7.02
N GLY D 58 -40.04 -40.33 6.26
CA GLY D 58 -39.91 -40.17 4.80
C GLY D 58 -39.66 -41.49 4.14
N LYS D 59 -39.77 -41.51 2.81
CA LYS D 59 -39.63 -42.74 2.03
C LYS D 59 -38.16 -43.09 1.97
N THR D 60 -37.82 -44.39 1.98
CA THR D 60 -36.43 -44.74 1.88
C THR D 60 -35.84 -44.35 0.54
N ILE D 61 -34.60 -43.94 0.58
CA ILE D 61 -33.99 -43.49 -0.67
C ILE D 61 -33.22 -44.63 -1.25
N GLN D 62 -33.44 -44.86 -2.53
CA GLN D 62 -32.76 -45.94 -3.21
C GLN D 62 -32.11 -45.44 -4.45
N PHE D 63 -30.81 -45.73 -4.59
CA PHE D 63 -30.15 -45.51 -5.86
C PHE D 63 -30.01 -46.89 -6.52
N GLY D 64 -30.82 -47.18 -7.55
CA GLY D 64 -30.59 -48.38 -8.40
C GLY D 64 -29.32 -48.22 -9.25
N GLU D 65 -29.02 -49.16 -10.13
CA GLU D 65 -27.69 -49.12 -10.74
C GLU D 65 -27.39 -47.93 -11.61
N GLU D 66 -28.39 -47.43 -12.35
CA GLU D 66 -28.19 -46.27 -13.23
C GLU D 66 -28.04 -44.94 -12.46
N MET D 67 -28.93 -44.74 -11.48
CA MET D 67 -28.85 -43.59 -10.58
C MET D 67 -27.54 -43.55 -9.78
N MET D 68 -27.08 -44.71 -9.31
CA MET D 68 -25.76 -44.81 -8.65
C MET D 68 -24.63 -44.35 -9.57
N LYS D 69 -24.65 -44.79 -10.83
CA LYS D 69 -23.61 -44.34 -11.73
C LYS D 69 -23.60 -42.80 -11.85
N ARG D 70 -24.78 -42.19 -11.92
CA ARG D 70 -24.89 -40.75 -11.96
C ARG D 70 -24.37 -40.12 -10.67
N ALA D 71 -24.72 -40.74 -9.52
CA ALA D 71 -24.28 -40.27 -8.16
C ALA D 71 -22.77 -40.24 -8.02
N LEU D 72 -22.13 -41.19 -8.71
CA LEU D 72 -20.67 -41.29 -8.64
C LEU D 72 -19.91 -40.55 -9.76
N GLN D 73 -20.61 -39.80 -10.61
CA GLN D 73 -20.00 -39.15 -11.80
C GLN D 73 -20.00 -37.63 -11.65
N TYR D 74 -19.12 -36.93 -12.35
CA TYR D 74 -19.15 -35.48 -12.37
C TYR D 74 -20.53 -34.95 -12.72
N SER D 75 -20.81 -33.72 -12.27
CA SER D 75 -22.06 -33.09 -12.57
C SER D 75 -21.84 -31.57 -12.66
N PRO D 76 -22.90 -30.80 -12.96
CA PRO D 76 -22.69 -29.36 -13.22
C PRO D 76 -22.21 -28.53 -12.06
N SER D 77 -21.35 -27.56 -12.40
CA SER D 77 -20.74 -26.71 -11.40
C SER D 77 -21.67 -26.04 -10.39
N ALA D 78 -22.86 -25.62 -10.85
CA ALA D 78 -23.79 -24.87 -10.00
C ALA D 78 -24.74 -25.80 -9.23
N GLY D 79 -24.67 -27.10 -9.51
CA GLY D 79 -25.55 -28.06 -8.82
C GLY D 79 -26.30 -28.91 -9.82
N ILE D 80 -26.80 -30.06 -9.37
CA ILE D 80 -27.70 -30.83 -10.26
C ILE D 80 -29.09 -30.09 -10.49
N PRO D 81 -29.68 -30.24 -11.70
CA PRO D 81 -30.85 -29.43 -12.07
C PRO D 81 -32.03 -29.56 -11.14
N GLU D 82 -32.31 -30.76 -10.66
CA GLU D 82 -33.48 -30.94 -9.80
C GLU D 82 -33.34 -30.25 -8.44
N LEU D 83 -32.15 -30.16 -7.90
CA LEU D 83 -31.95 -29.44 -6.62
C LEU D 83 -31.93 -27.96 -6.85
N LEU D 84 -31.34 -27.53 -7.95
CA LEU D 84 -31.37 -26.09 -8.24
C LEU D 84 -32.79 -25.59 -8.40
N SER D 85 -33.63 -26.37 -9.10
CA SER D 85 -34.97 -25.89 -9.37
C SER D 85 -35.78 -25.96 -8.07
N TRP D 86 -35.63 -27.04 -7.28
CA TRP D 86 -36.29 -27.14 -5.96
C TRP D 86 -35.97 -25.93 -5.03
N LEU D 87 -34.69 -25.61 -4.95
CA LEU D 87 -34.19 -24.47 -4.13
C LEU D 87 -34.58 -23.07 -4.68
N LYS D 88 -34.52 -22.89 -6.01
CA LYS D 88 -35.01 -21.61 -6.55
C LYS D 88 -36.52 -21.48 -6.24
N GLN D 89 -37.26 -22.58 -6.32
CA GLN D 89 -38.71 -22.50 -6.02
C GLN D 89 -39.00 -22.30 -4.51
N LEU D 90 -38.23 -22.96 -3.68
CA LEU D 90 -38.17 -22.63 -2.26
C LEU D 90 -37.92 -21.14 -1.97
N GLN D 91 -36.91 -20.53 -2.61
CA GLN D 91 -36.69 -19.11 -2.41
C GLN D 91 -37.88 -18.22 -2.87
N ILE D 92 -38.44 -18.56 -4.01
CA ILE D 92 -39.61 -17.86 -4.49
C ILE D 92 -40.70 -17.98 -3.44
N LYS D 93 -40.96 -19.18 -2.94
CA LYS D 93 -42.01 -19.33 -1.93
C LYS D 93 -41.81 -18.54 -0.65
N LEU D 94 -40.61 -18.62 -0.08
CA LEU D 94 -40.34 -18.12 1.25
C LEU D 94 -40.03 -16.65 1.30
N HIS D 95 -39.46 -16.14 0.21
CA HIS D 95 -38.91 -14.77 0.18
C HIS D 95 -39.45 -13.92 -0.96
N ASN D 96 -40.14 -14.55 -1.91
CA ASN D 96 -40.59 -13.88 -3.14
C ASN D 96 -39.67 -12.75 -3.56
N PRO D 97 -38.39 -13.06 -3.93
CA PRO D 97 -37.48 -11.91 -4.20
C PRO D 97 -37.94 -10.98 -5.32
N PRO D 98 -37.94 -9.64 -5.08
CA PRO D 98 -38.37 -8.65 -6.08
C PRO D 98 -37.63 -8.78 -7.43
N THR D 99 -36.51 -9.49 -7.40
CA THR D 99 -35.53 -9.56 -8.48
C THR D 99 -35.73 -10.76 -9.50
N ILE D 100 -36.67 -11.64 -9.22
CA ILE D 100 -36.74 -12.91 -9.94
C ILE D 100 -36.89 -12.77 -11.47
N HIS D 101 -37.60 -11.72 -11.93
CA HIS D 101 -37.89 -11.55 -13.37
C HIS D 101 -37.13 -10.36 -13.97
N TYR D 102 -36.18 -9.79 -13.23
CA TYR D 102 -35.35 -8.73 -13.83
C TYR D 102 -34.52 -9.40 -14.91
N PRO D 103 -34.02 -8.60 -15.87
CA PRO D 103 -32.95 -9.03 -16.76
C PRO D 103 -31.74 -9.54 -15.98
N PRO D 104 -31.05 -10.56 -16.53
CA PRO D 104 -29.80 -11.05 -15.91
C PRO D 104 -28.87 -9.89 -15.54
N SER D 105 -28.59 -9.01 -16.51
CA SER D 105 -27.63 -7.92 -16.38
C SER D 105 -28.02 -6.89 -15.29
N GLN D 106 -29.29 -6.92 -14.93
CA GLN D 106 -29.82 -6.15 -13.81
C GLN D 106 -30.02 -6.93 -12.51
N GLY D 107 -29.38 -8.08 -12.35
CA GLY D 107 -29.40 -8.71 -11.04
C GLY D 107 -30.51 -9.68 -10.77
N GLN D 108 -31.07 -10.23 -11.84
CA GLN D 108 -31.99 -11.36 -11.75
C GLN D 108 -31.52 -12.39 -10.72
N MET D 109 -32.43 -12.83 -9.87
CA MET D 109 -32.11 -13.84 -8.84
C MET D 109 -31.54 -15.05 -9.54
N ASP D 110 -30.35 -15.47 -9.11
CA ASP D 110 -29.74 -16.72 -9.52
C ASP D 110 -29.32 -17.44 -8.24
N LEU D 111 -29.04 -18.74 -8.35
CA LEU D 111 -28.73 -19.55 -7.16
C LEU D 111 -27.73 -20.62 -7.57
N CYS D 112 -26.80 -20.91 -6.68
CA CYS D 112 -25.90 -22.06 -6.88
C CYS D 112 -25.75 -22.86 -5.61
N VAL D 113 -25.72 -24.17 -5.77
CA VAL D 113 -25.42 -25.08 -4.67
C VAL D 113 -23.90 -24.98 -4.44
N THR D 114 -23.53 -24.92 -3.17
CA THR D 114 -22.16 -24.78 -2.75
C THR D 114 -21.82 -25.96 -1.81
N SER D 115 -20.53 -26.21 -1.61
CA SER D 115 -20.05 -27.30 -0.81
C SER D 115 -20.03 -26.80 0.62
N GLY D 116 -21.23 -26.66 1.19
CA GLY D 116 -21.46 -25.94 2.45
C GLY D 116 -21.72 -24.45 2.19
N SER D 117 -22.44 -23.78 3.11
CA SER D 117 -22.66 -22.36 2.91
C SER D 117 -21.37 -21.54 3.01
N GLN D 118 -20.46 -21.95 3.91
CA GLN D 118 -19.22 -21.22 4.07
C GLN D 118 -18.44 -21.10 2.72
N GLN D 119 -18.55 -22.09 1.84
CA GLN D 119 -17.83 -22.00 0.56
C GLN D 119 -18.33 -20.83 -0.26
N GLY D 120 -19.65 -20.71 -0.38
CA GLY D 120 -20.32 -19.57 -1.04
C GLY D 120 -19.86 -18.26 -0.41
N LEU D 121 -19.87 -18.16 0.93
CA LEU D 121 -19.42 -16.93 1.59
C LEU D 121 -17.96 -16.63 1.28
N CYS D 122 -17.15 -17.65 1.42
CA CYS D 122 -15.73 -17.48 1.12
C CYS D 122 -15.51 -16.99 -0.34
N LYS D 123 -16.18 -17.58 -1.33
CA LYS D 123 -15.94 -17.09 -2.73
C LYS D 123 -16.48 -15.66 -2.92
N VAL D 124 -17.56 -15.32 -2.21
CA VAL D 124 -18.06 -13.96 -2.28
C VAL D 124 -17.03 -12.97 -1.73
N PHE D 125 -16.49 -13.25 -0.55
CA PHE D 125 -15.44 -12.38 0.02
C PHE D 125 -14.30 -12.21 -0.97
N GLU D 126 -13.86 -13.31 -1.60
CA GLU D 126 -12.67 -13.27 -2.49
C GLU D 126 -12.97 -12.50 -3.75
N MET D 127 -14.23 -12.58 -4.18
CA MET D 127 -14.72 -11.89 -5.37
C MET D 127 -14.71 -10.35 -5.21
N ILE D 128 -14.96 -9.90 -3.99
CA ILE D 128 -15.28 -8.48 -3.72
C ILE D 128 -14.04 -7.72 -3.26
N ILE D 129 -13.29 -8.34 -2.34
CA ILE D 129 -12.29 -7.61 -1.51
C ILE D 129 -10.86 -7.41 -2.10
N ASN D 130 -10.47 -6.13 -2.28
CA ASN D 130 -9.09 -5.70 -2.51
C ASN D 130 -8.50 -5.28 -1.18
N PRO D 131 -7.18 -5.47 -0.96
CA PRO D 131 -6.60 -5.01 0.30
C PRO D 131 -6.91 -3.51 0.59
N GLY D 132 -7.32 -3.20 1.82
CA GLY D 132 -7.59 -1.79 2.20
C GLY D 132 -9.04 -1.38 2.01
N ASP D 133 -9.83 -2.23 1.34
CA ASP D 133 -11.28 -2.00 1.20
C ASP D 133 -11.95 -2.00 2.58
N ASN D 134 -12.96 -1.14 2.76
CA ASN D 134 -13.78 -1.02 3.97
C ASN D 134 -15.01 -1.93 3.90
N VAL D 135 -15.25 -2.68 4.97
CA VAL D 135 -16.42 -3.56 5.08
C VAL D 135 -16.99 -3.39 6.49
N LEU D 136 -18.30 -3.61 6.57
CA LEU D 136 -19.07 -3.42 7.75
C LEU D 136 -19.58 -4.77 8.28
N LEU D 137 -19.45 -4.96 9.59
CA LEU D 137 -20.22 -5.95 10.29
C LEU D 137 -20.35 -5.67 11.79
N ASP D 138 -21.26 -6.40 12.45
CA ASP D 138 -21.44 -6.27 13.90
C ASP D 138 -20.63 -7.35 14.62
N GLU D 139 -19.73 -6.94 15.53
CA GLU D 139 -19.05 -7.89 16.44
C GLU D 139 -19.88 -7.97 17.76
N PRO D 140 -19.87 -9.14 18.45
CA PRO D 140 -19.14 -10.39 18.12
C PRO D 140 -19.72 -11.05 16.85
N ALA D 141 -18.81 -11.60 16.03
CA ALA D 141 -19.18 -12.17 14.72
C ALA D 141 -18.70 -13.61 14.66
N TYR D 142 -19.25 -14.41 13.74
CA TYR D 142 -18.81 -15.78 13.55
C TYR D 142 -17.28 -15.87 13.33
N SER D 143 -16.57 -16.69 14.11
CA SER D 143 -15.13 -16.72 14.02
C SER D 143 -14.61 -17.12 12.62
N GLY D 144 -15.31 -18.03 11.97
CA GLY D 144 -15.00 -18.41 10.57
C GLY D 144 -15.00 -17.27 9.57
N THR D 145 -15.98 -16.36 9.64
CA THR D 145 -15.91 -15.18 8.77
C THR D 145 -14.71 -14.26 9.10
N LEU D 146 -14.46 -14.00 10.41
CA LEU D 146 -13.31 -13.23 10.83
C LEU D 146 -12.01 -13.84 10.33
N GLN D 147 -11.88 -15.17 10.45
CA GLN D 147 -10.67 -15.82 9.90
C GLN D 147 -10.59 -15.79 8.36
N SER D 148 -11.75 -15.73 7.71
CA SER D 148 -11.79 -15.59 6.24
C SER D 148 -11.44 -14.16 5.76
N LEU D 149 -11.88 -13.16 6.52
CA LEU D 149 -11.67 -11.75 6.13
C LEU D 149 -10.30 -11.24 6.41
N HIS D 150 -9.63 -11.80 7.40
CA HIS D 150 -8.37 -11.29 7.88
C HIS D 150 -7.25 -11.33 6.80
N PRO D 151 -7.04 -12.48 6.14
CA PRO D 151 -5.99 -12.54 5.08
C PRO D 151 -6.27 -11.66 3.88
N LEU D 152 -7.52 -11.29 3.68
CA LEU D 152 -7.92 -10.45 2.56
C LEU D 152 -7.53 -8.95 2.72
N GLY D 153 -7.18 -8.56 3.94
CA GLY D 153 -6.64 -7.22 4.18
C GLY D 153 -7.65 -6.08 4.12
N CYS D 154 -8.93 -6.39 4.26
CA CYS D 154 -9.94 -5.35 4.38
C CYS D 154 -9.90 -4.70 5.76
N ASN D 155 -10.41 -3.47 5.87
CA ASN D 155 -10.67 -2.84 7.11
C ASN D 155 -12.07 -3.16 7.55
N ILE D 156 -12.20 -3.83 8.68
CA ILE D 156 -13.54 -4.14 9.20
C ILE D 156 -13.97 -3.01 10.09
N ILE D 157 -15.12 -2.40 9.80
CA ILE D 157 -15.63 -1.32 10.64
C ILE D 157 -16.80 -1.90 11.44
N ASN D 158 -16.68 -1.92 12.78
CA ASN D 158 -17.64 -2.52 13.66
C ASN D 158 -18.89 -1.68 13.70
N VAL D 159 -20.06 -2.31 13.54
CA VAL D 159 -21.31 -1.59 13.62
C VAL D 159 -21.89 -2.06 14.95
N ALA D 160 -22.40 -1.11 15.76
CA ALA D 160 -23.00 -1.41 17.07
C ALA D 160 -24.20 -2.33 16.90
N SER D 161 -24.34 -3.23 17.86
CA SER D 161 -25.44 -4.19 17.91
C SER D 161 -25.93 -4.35 19.36
N ASP D 162 -27.19 -4.72 19.52
CA ASP D 162 -27.73 -4.96 20.83
C ASP D 162 -28.54 -6.26 20.78
N GLU D 163 -29.43 -6.49 21.73
CA GLU D 163 -30.29 -7.68 21.74
C GLU D 163 -31.14 -7.85 20.49
N SER D 164 -31.35 -6.78 19.72
CA SER D 164 -32.07 -6.88 18.45
C SER D 164 -31.15 -6.78 17.23
N GLY D 165 -29.88 -7.13 17.40
CA GLY D 165 -28.94 -7.13 16.27
C GLY D 165 -28.33 -5.76 16.03
N ILE D 166 -27.90 -5.55 14.78
CA ILE D 166 -27.35 -4.25 14.35
C ILE D 166 -28.30 -3.09 14.68
N VAL D 167 -27.75 -2.02 15.28
CA VAL D 167 -28.53 -0.79 15.61
C VAL D 167 -28.43 0.13 14.41
N PRO D 168 -29.55 0.37 13.70
CA PRO D 168 -29.42 1.19 12.48
C PRO D 168 -28.85 2.60 12.73
N ASP D 169 -29.15 3.23 13.87
CA ASP D 169 -28.55 4.55 14.18
C ASP D 169 -27.00 4.52 14.14
N SER D 170 -26.40 3.42 14.60
CA SER D 170 -24.94 3.25 14.55
C SER D 170 -24.46 3.08 13.09
N LEU D 171 -25.22 2.31 12.32
CA LEU D 171 -24.91 2.13 10.90
C LEU D 171 -25.05 3.52 10.20
N ARG D 172 -26.19 4.18 10.39
CA ARG D 172 -26.33 5.59 9.93
C ARG D 172 -25.11 6.45 10.30
N ASP D 173 -24.67 6.40 11.56
CA ASP D 173 -23.63 7.34 12.00
C ASP D 173 -22.29 7.06 11.35
N ILE D 174 -21.90 5.78 11.30
CA ILE D 174 -20.61 5.49 10.67
C ILE D 174 -20.65 5.91 9.19
N LEU D 175 -21.80 5.73 8.54
CA LEU D 175 -21.86 6.03 7.12
C LEU D 175 -21.83 7.55 6.85
N SER D 176 -22.17 8.35 7.87
CA SER D 176 -22.20 9.85 7.74
C SER D 176 -20.82 10.41 7.45
N ARG D 177 -19.82 9.56 7.62
CA ARG D 177 -18.44 9.87 7.30
C ARG D 177 -18.20 10.04 5.77
N TRP D 178 -19.05 9.44 4.93
CA TRP D 178 -19.00 9.61 3.49
C TRP D 178 -20.25 10.38 3.05
N LYS D 179 -20.25 10.88 1.81
CA LYS D 179 -21.47 11.38 1.20
C LYS D 179 -21.95 10.29 0.26
N PRO D 180 -23.27 10.16 0.03
CA PRO D 180 -23.71 9.11 -0.88
C PRO D 180 -23.04 9.08 -2.26
N GLU D 181 -22.66 10.25 -2.78
CA GLU D 181 -22.04 10.38 -4.09
C GLU D 181 -20.64 9.76 -4.09
N ASP D 182 -20.01 9.62 -2.92
CA ASP D 182 -18.67 9.02 -2.81
C ASP D 182 -18.65 7.54 -3.33
N ALA D 183 -19.81 6.88 -3.31
CA ALA D 183 -19.93 5.48 -3.75
C ALA D 183 -19.59 5.32 -5.24
N LYS D 184 -19.81 6.38 -6.02
CA LYS D 184 -19.46 6.38 -7.44
C LYS D 184 -17.98 6.68 -7.69
N ASN D 185 -17.21 6.91 -6.63
CA ASN D 185 -15.80 7.24 -6.80
C ASN D 185 -14.95 6.15 -6.16
N PRO D 186 -14.32 5.28 -6.96
CA PRO D 186 -13.58 4.18 -6.30
C PRO D 186 -12.63 4.67 -5.19
N GLN D 187 -12.12 5.88 -5.33
CA GLN D 187 -11.09 6.42 -4.42
C GLN D 187 -11.50 6.70 -2.98
N LYS D 188 -12.76 7.04 -2.76
CA LYS D 188 -13.27 7.41 -1.43
C LYS D 188 -13.43 6.22 -0.48
N ASN D 189 -13.30 5.02 -1.03
CA ASN D 189 -13.31 3.82 -0.22
C ASN D 189 -14.61 3.69 0.61
N THR D 190 -15.74 3.88 -0.05
CA THR D 190 -17.00 3.65 0.61
C THR D 190 -17.14 2.11 0.85
N PRO D 191 -17.86 1.72 1.91
CA PRO D 191 -17.98 0.27 2.18
C PRO D 191 -18.52 -0.52 0.99
N LYS D 192 -17.87 -1.65 0.67
CA LYS D 192 -18.32 -2.58 -0.37
C LYS D 192 -19.56 -3.36 0.04
N PHE D 193 -19.60 -3.75 1.33
CA PHE D 193 -20.72 -4.49 1.86
C PHE D 193 -20.83 -4.38 3.37
N LEU D 194 -22.04 -4.69 3.84
CA LEU D 194 -22.38 -5.01 5.22
C LEU D 194 -22.58 -6.52 5.27
N TYR D 195 -22.02 -7.17 6.27
CA TYR D 195 -22.23 -8.60 6.46
C TYR D 195 -22.95 -8.76 7.77
N THR D 196 -23.99 -9.60 7.82
CA THR D 196 -24.55 -9.92 9.11
C THR D 196 -25.19 -11.29 9.14
N VAL D 197 -25.40 -11.81 10.36
CA VAL D 197 -26.15 -13.05 10.53
C VAL D 197 -27.44 -12.63 11.26
N PRO D 198 -28.55 -12.48 10.50
CA PRO D 198 -29.71 -11.85 11.07
C PRO D 198 -30.53 -12.71 12.04
N ASN D 199 -30.35 -14.03 11.97
CA ASN D 199 -31.09 -14.89 12.90
C ASN D 199 -30.14 -15.71 13.70
N GLY D 200 -30.21 -15.58 15.03
CA GLY D 200 -29.39 -16.40 15.92
C GLY D 200 -27.89 -16.24 15.70
N ASN D 201 -27.45 -14.99 15.65
CA ASN D 201 -26.04 -14.71 15.41
C ASN D 201 -25.20 -15.69 16.25
N ASN D 202 -24.17 -16.24 15.60
CA ASN D 202 -23.16 -16.99 16.32
C ASN D 202 -22.04 -15.98 16.64
N PRO D 203 -21.78 -15.67 17.95
CA PRO D 203 -22.14 -16.42 19.17
C PRO D 203 -23.33 -15.92 20.01
N THR D 204 -23.90 -14.76 19.67
CA THR D 204 -24.80 -14.04 20.58
C THR D 204 -26.17 -14.62 20.79
N GLY D 205 -26.73 -15.28 19.76
CA GLY D 205 -28.12 -15.73 19.75
C GLY D 205 -29.19 -14.72 19.40
N ASN D 206 -28.80 -13.47 19.16
CA ASN D 206 -29.74 -12.36 18.90
C ASN D 206 -30.12 -12.30 17.43
N SER D 207 -31.34 -11.87 17.16
CA SER D 207 -31.85 -11.69 15.77
C SER D 207 -32.34 -10.26 15.52
N LEU D 208 -32.17 -9.82 14.27
CA LEU D 208 -32.70 -8.55 13.79
C LEU D 208 -34.19 -8.64 13.68
N THR D 209 -34.82 -7.49 13.90
CA THR D 209 -36.21 -7.29 13.67
C THR D 209 -36.45 -6.85 12.22
N SER D 210 -37.68 -7.04 11.77
CA SER D 210 -38.27 -6.55 10.49
C SER D 210 -38.00 -5.05 10.35
N GLU D 211 -38.33 -4.26 11.39
CA GLU D 211 -38.15 -2.81 11.32
C GLU D 211 -36.72 -2.41 11.05
N ARG D 212 -35.78 -2.99 11.80
CA ARG D 212 -34.35 -2.67 11.61
C ARG D 212 -33.81 -3.10 10.25
N LYS D 213 -34.25 -4.26 9.76
CA LYS D 213 -33.92 -4.68 8.40
C LYS D 213 -34.30 -3.64 7.33
N LYS D 214 -35.53 -3.09 7.38
CA LYS D 214 -35.94 -2.05 6.42
C LYS D 214 -35.02 -0.84 6.48
N GLU D 215 -34.61 -0.42 7.69
CA GLU D 215 -33.72 0.73 7.89
C GLU D 215 -32.31 0.45 7.40
N ILE D 216 -31.80 -0.77 7.64
CA ILE D 216 -30.47 -1.16 7.16
C ILE D 216 -30.49 -1.18 5.62
N TYR D 217 -31.54 -1.75 5.03
CA TYR D 217 -31.70 -1.82 3.57
C TYR D 217 -31.67 -0.41 2.92
N GLU D 218 -32.47 0.50 3.48
CA GLU D 218 -32.49 1.91 3.04
C GLU D 218 -31.09 2.50 2.99
N LEU D 219 -30.34 2.31 4.09
CA LEU D 219 -28.93 2.74 4.18
C LEU D 219 -27.98 2.14 3.13
N ALA D 220 -28.12 0.84 2.90
CA ALA D 220 -27.35 0.13 1.89
C ALA D 220 -27.69 0.73 0.51
N ARG D 221 -28.95 1.11 0.30
CA ARG D 221 -29.36 1.71 -0.98
C ARG D 221 -28.79 3.12 -1.13
N LYS D 222 -28.98 3.94 -0.11
CA LYS D 222 -28.45 5.32 -0.08
C LYS D 222 -26.89 5.37 -0.28
N TYR D 223 -26.16 4.49 0.40
CA TYR D 223 -24.68 4.46 0.24
C TYR D 223 -24.15 3.39 -0.75
N ASP D 224 -25.08 2.82 -1.50
CA ASP D 224 -24.84 1.83 -2.52
C ASP D 224 -23.81 0.75 -2.16
N PHE D 225 -24.10 0.00 -1.09
CA PHE D 225 -23.29 -1.20 -0.76
C PHE D 225 -24.13 -2.46 -0.74
N LEU D 226 -23.47 -3.62 -0.84
CA LEU D 226 -24.12 -4.93 -0.89
C LEU D 226 -24.48 -5.30 0.55
N ILE D 227 -25.51 -6.13 0.69
CA ILE D 227 -25.77 -6.77 1.97
C ILE D 227 -25.44 -8.25 1.78
N ILE D 228 -24.53 -8.77 2.60
CA ILE D 228 -24.41 -10.20 2.57
C ILE D 228 -25.11 -10.84 3.76
N GLU D 229 -26.15 -11.58 3.44
CA GLU D 229 -27.09 -12.05 4.42
C GLU D 229 -26.66 -13.53 4.66
N ASP D 230 -25.84 -13.76 5.69
CA ASP D 230 -25.42 -15.12 6.08
C ASP D 230 -26.41 -15.69 7.08
N ASP D 231 -27.27 -16.59 6.62
CA ASP D 231 -28.44 -16.94 7.41
C ASP D 231 -28.54 -18.46 7.72
N PRO D 232 -27.51 -19.06 8.38
CA PRO D 232 -27.54 -20.52 8.60
C PRO D 232 -28.56 -21.00 9.64
N TYR D 233 -29.13 -20.07 10.43
CA TYR D 233 -30.11 -20.40 11.48
C TYR D 233 -31.48 -19.87 11.11
N TYR D 234 -31.69 -19.55 9.83
CA TYR D 234 -33.00 -19.13 9.31
C TYR D 234 -34.07 -20.15 9.64
N PHE D 235 -33.72 -21.44 9.61
CA PHE D 235 -34.73 -22.48 9.83
C PHE D 235 -34.71 -22.94 11.31
N LEU D 236 -34.13 -22.11 12.20
CA LEU D 236 -34.08 -22.39 13.64
C LEU D 236 -34.56 -21.23 14.48
N GLN D 237 -35.52 -20.46 13.97
CA GLN D 237 -36.07 -19.30 14.67
C GLN D 237 -37.15 -19.75 15.66
N PHE D 238 -37.09 -19.28 16.90
CA PHE D 238 -37.98 -19.78 17.95
C PHE D 238 -39.39 -19.21 17.92
N ASN D 239 -39.53 -17.99 17.42
CA ASN D 239 -40.82 -17.40 17.04
C ASN D 239 -41.23 -18.07 15.75
N LYS D 240 -42.35 -18.79 15.76
CA LYS D 240 -42.73 -19.41 14.52
C LYS D 240 -43.55 -18.45 13.61
N PHE D 241 -43.31 -17.15 13.73
CA PHE D 241 -43.41 -16.25 12.59
C PHE D 241 -41.99 -15.76 12.18
N ARG D 242 -41.46 -16.31 11.07
CA ARG D 242 -40.09 -15.94 10.61
C ARG D 242 -40.06 -14.47 10.19
N VAL D 243 -39.02 -13.74 10.61
CA VAL D 243 -38.85 -12.34 10.13
C VAL D 243 -38.56 -12.24 8.61
N PRO D 244 -39.23 -11.29 7.91
CA PRO D 244 -38.88 -11.08 6.50
C PRO D 244 -37.34 -10.97 6.30
N THR D 245 -36.82 -11.57 5.24
CA THR D 245 -35.38 -11.51 5.02
C THR D 245 -34.99 -10.24 4.22
N PHE D 246 -33.70 -9.92 4.22
CA PHE D 246 -33.14 -8.93 3.31
C PHE D 246 -33.42 -9.32 1.89
N LEU D 247 -33.27 -10.60 1.54
CA LEU D 247 -33.54 -11.01 0.16
C LEU D 247 -34.98 -10.66 -0.27
N SER D 248 -35.91 -10.85 0.65
CA SER D 248 -37.30 -10.57 0.40
C SER D 248 -37.59 -9.07 0.15
N MET D 249 -36.75 -8.19 0.65
CA MET D 249 -36.98 -6.75 0.36
C MET D 249 -36.00 -6.17 -0.66
N ASP D 250 -35.30 -7.06 -1.40
CA ASP D 250 -34.19 -6.68 -2.30
C ASP D 250 -34.61 -6.20 -3.70
N VAL D 251 -35.21 -5.02 -3.75
CA VAL D 251 -35.68 -4.47 -4.99
C VAL D 251 -34.48 -4.01 -5.85
N ASP D 252 -33.36 -3.66 -5.25
CA ASP D 252 -32.22 -3.20 -6.06
C ASP D 252 -31.36 -4.31 -6.63
N GLY D 253 -31.50 -5.53 -6.10
CA GLY D 253 -30.55 -6.59 -6.42
C GLY D 253 -29.21 -6.37 -5.78
N ARG D 254 -29.21 -6.00 -4.51
CA ARG D 254 -27.96 -5.79 -3.77
C ARG D 254 -27.74 -6.78 -2.62
N VAL D 255 -28.57 -7.83 -2.52
CA VAL D 255 -28.42 -8.82 -1.46
C VAL D 255 -27.79 -10.12 -2.01
N ILE D 256 -26.77 -10.62 -1.31
CA ILE D 256 -26.28 -11.94 -1.53
C ILE D 256 -26.60 -12.71 -0.26
N ARG D 257 -27.40 -13.77 -0.41
CA ARG D 257 -27.88 -14.57 0.70
C ARG D 257 -27.25 -15.98 0.71
N ALA D 258 -26.76 -16.43 1.87
CA ALA D 258 -26.24 -17.78 2.01
C ALA D 258 -27.16 -18.54 2.95
N ASP D 259 -27.61 -19.70 2.49
CA ASP D 259 -28.40 -20.59 3.29
C ASP D 259 -27.63 -21.88 3.47
N SER D 260 -27.96 -22.57 4.57
CA SER D 260 -27.30 -23.79 4.96
C SER D 260 -28.33 -24.87 5.29
N PHE D 261 -28.07 -26.10 4.89
CA PHE D 261 -28.81 -27.24 5.45
C PHE D 261 -27.99 -27.94 6.58
N SER D 262 -26.91 -27.30 7.03
CA SER D 262 -25.98 -27.89 7.99
C SER D 262 -26.59 -28.07 9.35
N LYS D 263 -27.51 -27.19 9.73
CA LYS D 263 -28.18 -27.36 11.02
C LYS D 263 -29.40 -28.23 10.97
N ILE D 264 -30.05 -28.34 9.81
CA ILE D 264 -31.36 -29.05 9.78
C ILE D 264 -31.36 -30.40 9.04
N ILE D 265 -30.40 -30.60 8.13
CA ILE D 265 -30.40 -31.80 7.29
C ILE D 265 -29.10 -32.58 7.42
N SER D 266 -28.00 -31.87 7.33
CA SER D 266 -26.69 -32.52 7.50
C SER D 266 -25.56 -31.55 7.31
N SER D 267 -24.78 -31.39 8.36
CA SER D 267 -23.57 -30.62 8.24
C SER D 267 -22.48 -31.35 7.47
N GLY D 268 -22.41 -32.66 7.65
CA GLY D 268 -21.35 -33.46 7.12
C GLY D 268 -21.49 -33.68 5.63
N LEU D 269 -22.67 -33.55 5.06
CA LEU D 269 -22.78 -33.67 3.59
C LEU D 269 -22.14 -32.51 2.81
N ARG D 270 -22.00 -31.35 3.44
CA ARG D 270 -21.42 -30.16 2.84
C ARG D 270 -22.29 -29.70 1.66
N ILE D 271 -23.50 -29.27 1.96
CA ILE D 271 -24.40 -28.77 0.93
C ILE D 271 -25.09 -27.52 1.46
N GLY D 272 -24.81 -26.40 0.83
CA GLY D 272 -25.44 -25.13 1.20
C GLY D 272 -25.84 -24.50 -0.13
N PHE D 273 -26.37 -23.29 -0.10
CA PHE D 273 -26.69 -22.63 -1.34
C PHE D 273 -26.52 -21.13 -1.23
N LEU D 274 -26.34 -20.47 -2.35
CA LEU D 274 -26.06 -19.04 -2.36
C LEU D 274 -27.06 -18.42 -3.36
N THR D 275 -27.77 -17.37 -2.94
CA THR D 275 -28.75 -16.73 -3.81
C THR D 275 -28.39 -15.25 -3.95
N GLY D 276 -28.43 -14.73 -5.17
CA GLY D 276 -28.16 -13.30 -5.35
C GLY D 276 -28.19 -12.92 -6.83
N PRO D 277 -27.73 -11.71 -7.15
CA PRO D 277 -27.69 -11.18 -8.55
C PRO D 277 -26.94 -12.10 -9.49
N LYS D 278 -27.54 -12.41 -10.63
CA LYS D 278 -26.87 -13.23 -11.63
C LYS D 278 -25.37 -12.96 -11.90
N PRO D 279 -24.94 -11.68 -12.11
CA PRO D 279 -23.53 -11.41 -12.44
C PRO D 279 -22.61 -11.73 -11.31
N LEU D 280 -23.11 -11.61 -10.07
CA LEU D 280 -22.31 -11.94 -8.89
C LEU D 280 -22.20 -13.47 -8.68
N ILE D 281 -23.34 -14.16 -8.68
CA ILE D 281 -23.40 -15.62 -8.68
C ILE D 281 -22.55 -16.25 -9.79
N GLU D 282 -22.60 -15.62 -10.97
CA GLU D 282 -21.79 -16.07 -12.08
C GLU D 282 -20.31 -16.02 -11.73
N ARG D 283 -19.84 -14.95 -11.09
CA ARG D 283 -18.41 -14.92 -10.67
C ARG D 283 -18.01 -16.08 -9.69
N VAL D 284 -18.90 -16.34 -8.74
CA VAL D 284 -18.70 -17.46 -7.77
C VAL D 284 -18.74 -18.84 -8.41
N ILE D 285 -19.63 -19.07 -9.34
CA ILE D 285 -19.59 -20.32 -10.14
C ILE D 285 -18.26 -20.57 -10.85
N LEU D 286 -17.71 -19.51 -11.41
CA LEU D 286 -16.49 -19.60 -12.23
C LEU D 286 -15.31 -19.94 -11.34
N HIS D 287 -15.26 -19.34 -10.15
CA HIS D 287 -14.31 -19.75 -9.15
C HIS D 287 -14.52 -21.19 -8.65
N ILE D 288 -15.76 -21.56 -8.38
CA ILE D 288 -16.02 -22.96 -8.03
C ILE D 288 -15.54 -23.91 -9.09
N GLN D 289 -15.72 -23.55 -10.36
CA GLN D 289 -15.32 -24.41 -11.49
C GLN D 289 -13.82 -24.73 -11.51
N VAL D 290 -12.99 -23.85 -10.99
CA VAL D 290 -11.57 -24.16 -10.98
C VAL D 290 -11.11 -24.66 -9.59
N SER D 291 -12.03 -24.84 -8.65
CA SER D 291 -11.69 -25.31 -7.28
C SER D 291 -12.32 -26.67 -6.96
N THR D 292 -13.54 -26.71 -6.44
CA THR D 292 -14.15 -28.01 -6.09
C THR D 292 -14.83 -28.66 -7.32
N LEU D 293 -14.96 -27.86 -8.39
CA LEU D 293 -15.56 -28.24 -9.66
C LEU D 293 -17.06 -28.24 -9.48
N HIS D 294 -17.55 -28.97 -8.45
CA HIS D 294 -19.00 -29.02 -8.12
C HIS D 294 -19.19 -29.69 -6.70
N PRO D 295 -20.38 -29.55 -6.09
CA PRO D 295 -20.68 -30.26 -4.81
C PRO D 295 -20.94 -31.75 -5.06
N SER D 296 -20.70 -32.62 -4.08
CA SER D 296 -20.80 -34.06 -4.30
C SER D 296 -22.11 -34.36 -4.99
N THR D 297 -22.04 -35.03 -6.13
CA THR D 297 -23.32 -35.38 -6.78
C THR D 297 -24.15 -36.39 -6.00
N PHE D 298 -23.49 -37.39 -5.44
CA PHE D 298 -24.13 -38.31 -4.49
C PHE D 298 -24.95 -37.55 -3.40
N ASN D 299 -24.33 -36.58 -2.73
CA ASN D 299 -25.00 -35.96 -1.56
C ASN D 299 -26.09 -35.04 -2.03
N GLN D 300 -25.89 -34.38 -3.19
CA GLN D 300 -26.97 -33.51 -3.74
C GLN D 300 -28.21 -34.39 -4.09
N LEU D 301 -27.96 -35.55 -4.68
CA LEU D 301 -29.08 -36.50 -4.98
C LEU D 301 -29.84 -37.02 -3.76
N MET D 302 -29.09 -37.36 -2.72
CA MET D 302 -29.69 -37.74 -1.43
C MET D 302 -30.63 -36.65 -0.96
N ILE D 303 -30.11 -35.43 -0.91
CA ILE D 303 -30.90 -34.28 -0.46
C ILE D 303 -32.09 -33.94 -1.39
N SER D 304 -31.85 -33.91 -2.70
CA SER D 304 -32.90 -33.58 -3.68
C SER D 304 -34.04 -34.60 -3.60
N GLN D 305 -33.73 -35.89 -3.46
CA GLN D 305 -34.77 -36.89 -3.41
C GLN D 305 -35.59 -36.86 -2.12
N LEU D 306 -34.91 -36.58 -1.00
CA LEU D 306 -35.56 -36.40 0.28
C LEU D 306 -36.53 -35.24 0.18
N LEU D 307 -36.08 -34.13 -0.40
CA LEU D 307 -36.91 -32.92 -0.44
C LEU D 307 -38.08 -33.01 -1.38
N HIS D 308 -37.83 -33.62 -2.55
CA HIS D 308 -38.92 -33.85 -3.52
C HIS D 308 -39.99 -34.79 -2.96
N GLU D 309 -39.57 -35.79 -2.21
CA GLU D 309 -40.55 -36.73 -1.64
C GLU D 309 -41.33 -36.10 -0.50
N TRP D 310 -40.64 -35.36 0.38
CA TRP D 310 -41.30 -34.52 1.41
C TRP D 310 -42.19 -33.40 0.82
N GLY D 311 -41.70 -32.79 -0.26
CA GLY D 311 -42.33 -31.60 -0.80
C GLY D 311 -42.15 -30.44 0.16
N GLU D 312 -42.76 -29.31 -0.15
CA GLU D 312 -42.61 -28.14 0.71
C GLU D 312 -43.23 -28.37 2.10
N GLU D 313 -44.36 -29.05 2.12
CA GLU D 313 -45.05 -29.36 3.36
C GLU D 313 -44.26 -30.27 4.30
N GLY D 314 -43.62 -31.30 3.76
CA GLY D 314 -42.84 -32.25 4.54
C GLY D 314 -41.57 -31.58 5.04
N PHE D 315 -40.97 -30.75 4.20
CA PHE D 315 -39.79 -29.98 4.55
C PHE D 315 -40.05 -29.04 5.78
N MET D 316 -41.14 -28.29 5.70
CA MET D 316 -41.49 -27.33 6.72
C MET D 316 -41.96 -28.03 7.98
N ALA D 317 -42.61 -29.20 7.85
CA ALA D 317 -42.92 -30.09 9.00
C ALA D 317 -41.66 -30.56 9.71
N HIS D 318 -40.64 -30.90 8.94
CA HIS D 318 -39.36 -31.28 9.53
C HIS D 318 -38.72 -30.10 10.25
N VAL D 319 -38.62 -28.96 9.58
CA VAL D 319 -38.04 -27.83 10.25
C VAL D 319 -38.79 -27.46 11.57
N ASP D 320 -40.14 -27.59 11.58
CA ASP D 320 -40.90 -27.33 12.80
C ASP D 320 -40.53 -28.26 13.93
N ARG D 321 -40.35 -29.55 13.63
CA ARG D 321 -39.97 -30.55 14.61
C ARG D 321 -38.57 -30.29 15.16
N VAL D 322 -37.69 -29.85 14.26
CA VAL D 322 -36.34 -29.46 14.65
C VAL D 322 -36.37 -28.18 15.52
N ILE D 323 -37.16 -27.17 15.11
CA ILE D 323 -37.31 -25.98 15.96
C ILE D 323 -37.75 -26.35 17.36
N ASP D 324 -38.79 -27.14 17.49
CA ASP D 324 -39.12 -27.36 18.87
C ASP D 324 -38.22 -28.27 19.67
N PHE D 325 -37.45 -29.13 19.03
CA PHE D 325 -36.34 -29.76 19.75
C PHE D 325 -35.38 -28.72 20.30
N TYR D 326 -34.93 -27.79 19.45
CA TYR D 326 -33.96 -26.77 19.88
C TYR D 326 -34.60 -25.77 20.86
N SER D 327 -35.90 -25.54 20.71
CA SER D 327 -36.62 -24.73 21.70
C SER D 327 -36.62 -25.35 23.12
N ASN D 328 -36.84 -26.65 23.24
CA ASN D 328 -36.78 -27.31 24.55
C ASN D 328 -35.34 -27.31 25.09
N GLN D 329 -34.37 -27.50 24.21
CA GLN D 329 -32.97 -27.39 24.61
C GLN D 329 -32.65 -25.98 25.20
N LYS D 330 -33.08 -24.95 24.51
CA LYS D 330 -32.93 -23.59 24.94
C LYS D 330 -33.59 -23.32 26.33
N ASP D 331 -34.85 -23.74 26.48
CA ASP D 331 -35.54 -23.69 27.79
C ASP D 331 -34.71 -24.37 28.87
N ALA D 332 -34.15 -25.54 28.55
CA ALA D 332 -33.37 -26.25 29.51
C ALA D 332 -32.13 -25.49 29.95
N ILE D 333 -31.45 -24.83 29.03
CA ILE D 333 -30.19 -24.20 29.41
C ILE D 333 -30.50 -22.87 30.13
N LEU D 334 -31.57 -22.23 29.74
CA LEU D 334 -32.01 -21.01 30.45
C LEU D 334 -32.39 -21.33 31.89
N ALA D 335 -33.01 -22.47 32.09
CA ALA D 335 -33.43 -22.89 33.46
C ALA D 335 -32.18 -23.16 34.30
N ALA D 336 -31.16 -23.76 33.66
CA ALA D 336 -29.90 -24.06 34.31
C ALA D 336 -29.12 -22.80 34.65
N ALA D 337 -29.09 -21.84 33.73
CA ALA D 337 -28.52 -20.53 33.95
C ALA D 337 -29.23 -19.76 35.09
N ASP D 338 -30.55 -19.68 35.07
CA ASP D 338 -31.30 -19.05 36.17
C ASP D 338 -30.99 -19.73 37.51
N LYS D 339 -30.97 -21.05 37.50
CA LYS D 339 -30.64 -21.82 38.70
C LYS D 339 -29.28 -21.47 39.35
N TRP D 340 -28.22 -21.41 38.56
CA TRP D 340 -26.86 -21.31 39.15
C TRP D 340 -26.18 -19.96 39.04
N LEU D 341 -26.60 -19.19 38.04
CA LEU D 341 -25.87 -18.05 37.60
C LEU D 341 -26.47 -16.68 37.95
N THR D 342 -27.65 -16.68 38.54
CA THR D 342 -28.31 -15.40 38.88
C THR D 342 -27.48 -14.54 39.81
N GLY D 343 -27.34 -13.27 39.44
CA GLY D 343 -26.47 -12.34 40.15
C GLY D 343 -25.00 -12.52 39.85
N LEU D 344 -24.61 -13.60 39.18
CA LEU D 344 -23.19 -13.84 38.77
C LEU D 344 -22.91 -13.59 37.27
N ALA D 345 -23.97 -13.58 36.45
CA ALA D 345 -23.80 -13.37 35.00
C ALA D 345 -25.08 -12.75 34.45
N GLU D 346 -25.04 -12.28 33.20
CA GLU D 346 -26.23 -11.76 32.52
C GLU D 346 -26.28 -12.39 31.11
N TRP D 347 -27.48 -12.54 30.55
CA TRP D 347 -27.62 -13.11 29.22
C TRP D 347 -28.96 -12.71 28.67
N HIS D 348 -29.05 -12.58 27.34
CA HIS D 348 -30.36 -12.41 26.62
C HIS D 348 -30.89 -13.78 26.20
N VAL D 349 -32.21 -13.97 26.14
CA VAL D 349 -32.70 -15.24 25.67
C VAL D 349 -32.47 -15.28 24.17
N PRO D 350 -31.87 -16.40 23.66
CA PRO D 350 -31.61 -16.54 22.20
C PRO D 350 -32.92 -16.54 21.46
N ALA D 351 -32.99 -15.77 20.37
CA ALA D 351 -34.16 -15.73 19.52
C ALA D 351 -34.18 -16.87 18.45
N ALA D 352 -33.00 -17.38 18.13
CA ALA D 352 -32.87 -18.46 17.13
C ALA D 352 -31.57 -19.20 17.40
N GLY D 353 -31.40 -20.38 16.79
CA GLY D 353 -30.09 -21.01 16.71
C GLY D 353 -29.78 -21.92 17.87
N MET D 354 -28.51 -22.01 18.22
CA MET D 354 -28.10 -23.04 19.16
C MET D 354 -27.10 -22.58 20.20
N PHE D 355 -26.92 -21.28 20.35
CA PHE D 355 -25.98 -20.76 21.34
C PHE D 355 -26.58 -19.76 22.33
N LEU D 356 -26.15 -19.93 23.60
CA LEU D 356 -26.31 -18.95 24.69
C LEU D 356 -25.00 -18.20 24.95
N TRP D 357 -25.13 -16.87 25.03
CA TRP D 357 -24.00 -15.94 25.17
C TRP D 357 -24.10 -15.34 26.58
N ILE D 358 -23.16 -15.67 27.44
CA ILE D 358 -23.28 -15.31 28.86
C ILE D 358 -22.18 -14.29 29.21
N LYS D 359 -22.57 -13.11 29.73
CA LYS D 359 -21.58 -12.13 30.21
C LYS D 359 -21.35 -12.35 31.71
N VAL D 360 -20.15 -12.76 32.09
CA VAL D 360 -19.87 -13.01 33.51
C VAL D 360 -19.55 -11.68 34.24
N LYS D 361 -20.17 -11.45 35.40
CA LYS D 361 -19.89 -10.21 36.14
C LYS D 361 -18.60 -10.27 36.98
N GLY D 362 -17.90 -9.14 37.05
CA GLY D 362 -16.77 -8.98 37.96
C GLY D 362 -15.50 -9.70 37.52
N ILE D 363 -15.48 -10.14 36.25
CA ILE D 363 -14.36 -10.87 35.69
C ILE D 363 -14.11 -10.25 34.31
N ASN D 364 -12.98 -9.56 34.15
CA ASN D 364 -12.73 -8.85 32.90
C ASN D 364 -12.33 -9.76 31.73
N ASP D 365 -11.66 -10.87 32.02
CA ASP D 365 -11.40 -11.92 30.99
C ASP D 365 -11.59 -13.35 31.49
N VAL D 366 -12.31 -14.11 30.68
CA VAL D 366 -12.83 -15.40 31.10
C VAL D 366 -11.92 -16.55 30.63
N LYS D 367 -10.80 -16.23 29.96
CA LYS D 367 -9.88 -17.28 29.47
C LYS D 367 -9.30 -18.20 30.55
N GLU D 368 -8.70 -17.64 31.61
CA GLU D 368 -8.26 -18.46 32.76
C GLU D 368 -9.39 -19.30 33.40
N LEU D 369 -10.54 -18.68 33.63
CA LEU D 369 -11.73 -19.39 34.16
C LEU D 369 -12.01 -20.65 33.37
N ILE D 370 -12.08 -20.53 32.04
CA ILE D 370 -12.44 -21.69 31.21
C ILE D 370 -11.25 -22.60 30.92
N GLU D 371 -10.16 -22.04 30.40
CA GLU D 371 -9.06 -22.89 29.94
C GLU D 371 -8.11 -23.41 31.02
N GLU D 372 -8.18 -22.88 32.24
CA GLU D 372 -7.41 -23.46 33.34
C GLU D 372 -8.35 -24.16 34.32
N LYS D 373 -9.21 -23.38 34.96
CA LYS D 373 -10.00 -23.85 36.10
C LYS D 373 -11.14 -24.79 35.68
N ALA D 374 -11.99 -24.36 34.75
CA ALA D 374 -13.13 -25.20 34.37
C ALA D 374 -12.69 -26.53 33.74
N VAL D 375 -11.68 -26.52 32.85
CA VAL D 375 -11.24 -27.76 32.24
C VAL D 375 -10.81 -28.77 33.31
N LYS D 376 -10.14 -28.27 34.34
CA LYS D 376 -9.62 -29.16 35.39
C LYS D 376 -10.75 -29.73 36.23
N MET D 377 -11.93 -29.09 36.10
CA MET D 377 -13.19 -29.60 36.65
C MET D 377 -14.04 -30.39 35.67
N GLY D 378 -13.49 -30.67 34.47
CA GLY D 378 -14.20 -31.43 33.42
C GLY D 378 -15.44 -30.77 32.81
N VAL D 379 -15.44 -29.44 32.74
CA VAL D 379 -16.53 -28.71 32.08
C VAL D 379 -15.93 -27.72 31.08
N LEU D 380 -16.44 -27.72 29.84
CA LEU D 380 -15.98 -26.78 28.81
C LEU D 380 -17.11 -25.87 28.35
N MET D 381 -16.84 -24.55 28.34
CA MET D 381 -17.66 -23.62 27.54
C MET D 381 -16.64 -22.82 26.74
N LEU D 382 -17.08 -22.03 25.77
CA LEU D 382 -16.12 -21.30 24.93
C LEU D 382 -15.98 -19.80 25.25
N PRO D 383 -14.74 -19.34 25.50
CA PRO D 383 -14.45 -17.91 25.76
C PRO D 383 -14.74 -17.05 24.55
N GLY D 384 -15.16 -15.82 24.84
CA GLY D 384 -15.73 -14.94 23.84
C GLY D 384 -14.78 -14.30 22.85
N ASN D 385 -13.48 -14.42 23.09
CA ASN D 385 -12.60 -13.50 22.39
C ASN D 385 -12.38 -13.92 20.94
N ALA D 386 -12.72 -15.18 20.64
CA ALA D 386 -12.63 -15.72 19.26
C ALA D 386 -13.58 -15.03 18.27
N PHE D 387 -14.60 -14.36 18.80
CA PHE D 387 -15.62 -13.69 17.98
C PHE D 387 -15.43 -12.19 17.76
N TYR D 388 -14.21 -11.70 18.03
CA TYR D 388 -13.86 -10.28 17.82
C TYR D 388 -12.65 -10.18 16.89
N VAL D 389 -12.57 -9.10 16.12
CA VAL D 389 -11.47 -8.92 15.19
C VAL D 389 -10.16 -8.92 16.00
N ASP D 390 -10.18 -8.24 17.14
CA ASP D 390 -9.06 -8.26 18.09
C ASP D 390 -9.33 -9.32 19.16
N SER D 391 -8.86 -10.54 18.91
CA SER D 391 -9.03 -11.66 19.81
C SER D 391 -8.15 -11.54 21.06
N SER D 392 -7.17 -10.65 20.98
CA SER D 392 -6.31 -10.33 22.11
C SER D 392 -6.98 -9.55 23.23
N ALA D 393 -7.99 -8.79 22.86
CA ALA D 393 -8.70 -7.98 23.83
C ALA D 393 -9.37 -8.89 24.85
N PRO D 394 -9.48 -8.43 26.12
CA PRO D 394 -10.08 -9.31 27.10
C PRO D 394 -11.59 -9.44 26.83
N SER D 395 -12.18 -10.58 27.18
CA SER D 395 -13.62 -10.78 27.01
C SER D 395 -14.21 -11.43 28.25
N PRO D 396 -15.28 -10.83 28.81
CA PRO D 396 -16.04 -11.40 29.94
C PRO D 396 -17.12 -12.45 29.52
N TYR D 397 -17.18 -12.77 28.23
CA TYR D 397 -18.26 -13.56 27.67
C TYR D 397 -17.89 -15.02 27.42
N LEU D 398 -18.89 -15.87 27.55
CA LEU D 398 -18.80 -17.31 27.29
C LEU D 398 -19.87 -17.66 26.27
N ARG D 399 -19.52 -18.51 25.31
CA ARG D 399 -20.53 -19.13 24.48
C ARG D 399 -20.81 -20.54 25.01
N ALA D 400 -22.09 -20.83 25.26
CA ALA D 400 -22.49 -22.17 25.63
C ALA D 400 -23.47 -22.77 24.61
N SER D 401 -23.17 -23.93 24.04
CA SER D 401 -24.11 -24.57 23.08
C SER D 401 -25.16 -25.35 23.79
N PHE D 402 -26.39 -25.16 23.34
CA PHE D 402 -27.48 -25.96 23.83
C PHE D 402 -27.96 -27.04 22.86
N SER D 403 -27.19 -27.32 21.81
CA SER D 403 -27.68 -28.26 20.78
C SER D 403 -27.81 -29.71 21.30
N SER D 404 -26.95 -30.13 22.21
CA SER D 404 -26.81 -31.56 22.51
C SER D 404 -26.88 -32.02 23.97
N ALA D 405 -26.50 -31.16 24.92
CA ALA D 405 -26.37 -31.62 26.31
C ALA D 405 -27.72 -31.94 26.94
N SER D 406 -27.75 -32.96 27.79
CA SER D 406 -28.96 -33.27 28.55
C SER D 406 -29.22 -32.18 29.62
N PRO D 407 -30.45 -32.10 30.15
CA PRO D 407 -30.70 -31.24 31.32
C PRO D 407 -29.76 -31.55 32.48
N GLU D 408 -29.47 -32.82 32.71
CA GLU D 408 -28.51 -33.16 33.75
C GLU D 408 -27.10 -32.67 33.50
N GLN D 409 -26.60 -32.81 32.26
CA GLN D 409 -25.29 -32.25 31.91
C GLN D 409 -25.26 -30.74 32.05
N MET D 410 -26.37 -30.08 31.68
CA MET D 410 -26.46 -28.62 31.80
C MET D 410 -26.46 -28.25 33.27
N ASP D 411 -27.18 -28.99 34.10
CA ASP D 411 -27.22 -28.68 35.51
C ASP D 411 -25.83 -28.73 36.13
N VAL D 412 -25.10 -29.81 35.90
CA VAL D 412 -23.75 -29.93 36.42
C VAL D 412 -22.78 -28.90 35.87
N ALA D 413 -22.89 -28.62 34.57
CA ALA D 413 -21.96 -27.71 33.96
C ALA D 413 -22.14 -26.31 34.56
N PHE D 414 -23.37 -25.91 34.79
CA PHE D 414 -23.62 -24.54 35.34
C PHE D 414 -23.33 -24.50 36.86
N GLN D 415 -23.55 -25.61 37.55
CA GLN D 415 -23.17 -25.68 38.99
C GLN D 415 -21.63 -25.43 39.12
N VAL D 416 -20.87 -26.15 38.32
CA VAL D 416 -19.39 -26.07 38.37
C VAL D 416 -18.87 -24.72 37.95
N LEU D 417 -19.44 -24.18 36.88
CA LEU D 417 -19.13 -22.80 36.45
C LEU D 417 -19.46 -21.76 37.50
N ALA D 418 -20.68 -21.80 38.03
CA ALA D 418 -21.08 -20.89 39.14
C ALA D 418 -20.05 -20.88 40.28
N GLN D 419 -19.57 -22.05 40.65
CA GLN D 419 -18.62 -22.13 41.77
C GLN D 419 -17.26 -21.55 41.41
N LEU D 420 -16.80 -21.83 40.18
CA LEU D 420 -15.55 -21.28 39.72
C LEU D 420 -15.55 -19.77 39.56
N ILE D 421 -16.66 -19.22 39.04
CA ILE D 421 -16.87 -17.76 39.02
C ILE D 421 -16.72 -17.19 40.43
N LYS D 422 -17.42 -17.80 41.38
CA LYS D 422 -17.30 -17.31 42.76
C LYS D 422 -15.90 -17.45 43.31
N GLU D 423 -15.20 -18.52 42.95
CA GLU D 423 -13.79 -18.69 43.36
C GLU D 423 -12.79 -17.76 42.66
N SER D 424 -13.26 -16.98 41.69
CA SER D 424 -12.39 -16.15 40.83
C SER D 424 -12.63 -14.64 40.99
N LEU D 425 -13.64 -14.28 41.78
CA LEU D 425 -14.08 -12.87 41.92
C LEU D 425 -13.21 -11.99 42.80
N1 PMP E . 7.05 34.14 13.41
C2 PMP E . 6.83 34.01 14.79
C2A PMP E . 6.42 35.17 15.65
C3 PMP E . 6.99 32.77 15.42
O3 PMP E . 6.74 32.67 16.76
C4 PMP E . 7.39 31.65 14.66
C4A PMP E . 7.67 30.32 15.33
N4A PMP E . 7.81 30.52 16.76
C5 PMP E . 7.60 31.78 13.28
C6 PMP E . 7.40 33.02 12.66
C5A PMP E . 8.13 30.56 12.52
O4P PMP E . 7.03 29.84 11.99
P PMP E . 7.12 28.69 10.84
O1P PMP E . 7.31 27.39 11.60
O2P PMP E . 8.29 28.78 9.92
O3P PMP E . 5.75 28.71 10.19
C KYN F . 16.68 21.44 -16.14
N KYN F . 17.70 19.92 -14.74
OXT KYN F . 15.57 21.62 -17.08
C1 KYN F . 15.63 20.82 -12.57
N1 KYN F . 14.69 22.70 -10.91
O2 KYN F . 16.29 20.19 -11.77
CA KYN F . 16.46 20.60 -14.94
CB KYN F . 16.23 21.53 -13.76
CG KYN F . 13.76 21.94 -11.53
CZ KYN F . 11.92 20.36 -12.82
CD1 KYN F . 12.41 22.14 -11.30
CD2 KYN F . 14.17 20.96 -12.37
CE1 KYN F . 11.49 21.35 -11.96
CE2 KYN F . 13.27 20.16 -13.04
O KYN F . 17.83 21.88 -16.30
C KYN G . 11.17 30.18 19.99
N KYN G . 9.19 29.28 19.08
OXT KYN G . 11.92 29.76 20.70
C1 KYN G . 11.00 28.34 16.68
N1 KYN G . 13.40 29.56 15.67
O2 KYN G . 9.96 27.93 16.20
CA KYN G . 10.63 29.21 19.00
CB KYN G . 11.05 29.56 17.57
CG KYN G . 13.40 28.24 15.94
CZ KYN G . 13.43 25.52 16.48
CD1 KYN G . 14.55 27.51 15.73
CD2 KYN G . 12.26 27.59 16.41
CE1 KYN G . 14.57 26.15 16.00
CE2 KYN G . 12.26 26.24 16.69
O KYN G . 10.81 31.35 19.92
C1 GOL H . 5.49 4.26 -6.91
O1 GOL H . 4.14 4.59 -6.69
C2 GOL H . 6.42 5.47 -7.10
O2 GOL H . 6.35 6.23 -5.97
C3 GOL H . 7.89 5.17 -7.10
O3 GOL H . 8.22 4.63 -8.35
N1 PMP I . 22.76 20.67 -9.78
C2 PMP I . 22.56 20.06 -11.02
C2A PMP I . 23.68 19.97 -12.01
C3 PMP I . 21.30 19.59 -11.40
O3 PMP I . 21.08 19.09 -12.70
C4 PMP I . 20.25 19.72 -10.46
C4A PMP I . 18.86 19.29 -10.87
N4A PMP I . 18.87 18.38 -11.99
C5 PMP I . 20.45 20.31 -9.19
C6 PMP I . 21.73 20.78 -8.87
C5A PMP I . 19.31 20.50 -8.20
O4P PMP I . 19.20 19.28 -7.44
P PMP I . 18.35 19.05 -6.09
O1P PMP I . 17.03 18.45 -6.51
O2P PMP I . 18.05 20.35 -5.36
O3P PMP I . 19.11 18.09 -5.23
N1 PMP J . -5.83 -32.56 -13.52
C2 PMP J . -6.01 -33.18 -14.75
C2A PMP J . -4.89 -33.26 -15.76
C3 PMP J . -7.26 -33.67 -15.11
O3 PMP J . -7.49 -34.12 -16.40
C4 PMP J . -8.30 -33.61 -14.18
C4A PMP J . -9.59 -34.33 -14.57
N4A PMP J . -10.62 -33.34 -14.78
C5 PMP J . -8.15 -32.97 -12.93
C6 PMP J . -6.88 -32.46 -12.62
C5A PMP J . -9.34 -32.75 -11.97
O4P PMP J . -9.56 -33.95 -11.22
P PMP J . -10.40 -34.11 -9.87
O1P PMP J . -10.72 -32.73 -9.24
O2P PMP J . -9.70 -35.13 -9.03
O3P PMP J . -11.77 -34.70 -10.20
C KYN K . -18.41 -22.90 15.78
N KYN K . -19.96 -24.03 14.34
OXT KYN K . -17.64 -22.99 16.65
C1 KYN K . -17.88 -25.30 12.94
N1 KYN K . -15.04 -25.49 12.60
O2 KYN K . -18.72 -25.16 12.08
CA KYN K . -18.66 -24.11 14.97
CB KYN K . -17.58 -24.18 13.90
CG KYN K . -15.73 -26.61 12.91
CZ KYN K . -17.06 -28.94 13.54
CD1 KYN K . -15.04 -27.79 13.04
CD2 KYN K . -17.10 -26.57 13.08
CE1 KYN K . -15.69 -28.98 13.36
CE2 KYN K . -17.76 -27.74 13.40
O KYN K . -19.05 -21.89 15.52
C KYN L . -12.33 -32.30 -19.46
N KYN L . -12.03 -33.70 -17.51
OXT KYN L . -12.95 -32.13 -20.43
C1 KYN L . -14.19 -32.24 -16.16
N1 KYN L . -15.79 -30.51 -14.60
O2 KYN L . -13.56 -32.61 -15.20
CA KYN L . -12.97 -32.86 -18.23
CB KYN L . -13.45 -31.71 -17.36
CG KYN L . -16.42 -31.39 -15.41
CZ KYN L . -17.76 -33.17 -17.03
CD1 KYN L . -17.81 -31.40 -15.43
CD2 KYN L . -15.69 -32.26 -16.18
CE1 KYN L . -18.49 -32.29 -16.24
CE2 KYN L . -16.37 -33.15 -17.00
O KYN L . -11.12 -32.11 -19.45
C1 GOL M . -14.17 -53.21 -12.15
O1 GOL M . -14.10 -54.58 -12.53
C2 GOL M . -13.59 -53.01 -10.76
O2 GOL M . -12.23 -53.30 -10.80
C3 GOL M . -14.23 -53.94 -9.69
O3 GOL M . -13.82 -53.79 -8.34
N1 PMP N . -21.88 -18.98 9.13
C2 PMP N . -22.21 -19.04 10.48
C2A PMP N . -22.65 -17.81 11.22
C3 PMP N . -22.11 -20.26 11.18
O3 PMP N . -22.41 -20.35 12.53
C4 PMP N . -21.68 -21.42 10.48
C4A PMP N . -21.57 -22.69 11.29
N4A PMP N . -21.30 -22.34 12.68
C5 PMP N . -21.35 -21.35 9.11
C6 PMP N . -21.47 -20.12 8.44
C5A PMP N . -20.84 -22.57 8.35
O4P PMP N . -21.94 -23.19 7.72
P PMP N . -21.88 -24.40 6.68
O1P PMP N . -21.77 -25.67 7.49
O2P PMP N . -20.71 -24.35 5.72
O3P PMP N . -23.24 -24.40 6.03
C1 GOL O . -24.83 -25.12 -13.64
O1 GOL O . -23.41 -25.35 -13.73
C2 GOL O . -25.77 -26.19 -14.22
O2 GOL O . -26.23 -25.89 -15.52
C3 GOL O . -26.94 -26.56 -13.31
O3 GOL O . -27.56 -27.84 -13.57
C1 GOL P . -25.44 -11.54 26.53
O1 GOL P . -26.49 -12.33 25.96
C2 GOL P . -25.83 -10.19 27.14
O2 GOL P . -25.96 -10.28 28.52
C3 GOL P . -24.81 -9.11 26.91
O3 GOL P . -24.84 -8.20 28.02
C1 GOL Q . -36.60 -34.83 12.55
O1 GOL Q . -37.78 -34.07 12.26
C2 GOL Q . -36.38 -35.99 11.54
O2 GOL Q . -35.01 -36.30 11.43
C3 GOL Q . -36.88 -35.76 10.11
O3 GOL Q . -38.06 -36.46 9.86
C1 GOL R . -37.73 -10.57 15.66
O1 GOL R . -38.86 -9.70 15.69
C2 GOL R . -36.58 -10.09 16.56
O2 GOL R . -35.36 -10.29 15.90
C3 GOL R . -36.48 -10.80 17.90
O3 GOL R . -35.14 -10.67 18.36
#